data_4OGL
#
_entry.id   4OGL
#
_cell.length_a   92.748
_cell.length_b   96.499
_cell.length_c   92.776
_cell.angle_alpha   90.00
_cell.angle_beta   119.99
_cell.angle_gamma   90.00
#
_symmetry.space_group_name_H-M   'P 1 21 1'
#
loop_
_entity.id
_entity.type
_entity.pdbx_description
1 polymer 'Uridine phosphorylase'
2 non-polymer THYMINE
3 non-polymer 1,2-ETHANEDIOL
4 non-polymer GLYCEROL
5 non-polymer 'SODIUM ION'
6 non-polymer 2-AMINO-2-HYDROXYMETHYL-PROPANE-1,3-DIOL
7 water water
#
_entity_poly.entity_id   1
_entity_poly.type   'polypeptide(L)'
_entity_poly.pdbx_seq_one_letter_code
;MTKTVFHLGVTEADLNGATLAIIPGDPARVQKIAELMDNPVFLASHREYTVYRAELDGQSVVVCSTGIGGPSTSIAVEEL
AQLGVRTFLRVGTTGAIQPHVNVGDMIVTTGSVRLDGASLHFAPMEFPAVPDFDVATAMKAAAQESGATVHMGVTASSDT
FYPGQERYDTFTGRVVRRFQGSMKEWQDMGVLNFEMESATLLTMCASSGLKAGCVAGVIINRTQKEIPDHATLKETEARS
IKVVVEAARKMLK
;
_entity_poly.pdbx_strand_id   A,B,C,D,E,F
#
# COMPACT_ATOMS: atom_id res chain seq x y z
N LYS A 3 -3.07 -27.03 -31.97
CA LYS A 3 -2.19 -26.52 -30.91
C LYS A 3 -2.50 -27.24 -29.60
N THR A 4 -1.45 -27.57 -28.86
CA THR A 4 -1.58 -28.21 -27.55
C THR A 4 -1.05 -27.29 -26.44
N VAL A 5 -1.93 -26.91 -25.53
CA VAL A 5 -1.59 -25.98 -24.44
C VAL A 5 -0.43 -26.50 -23.58
N PHE A 6 0.21 -25.61 -22.84
CA PHE A 6 1.46 -25.90 -22.14
CA PHE A 6 1.47 -25.92 -22.17
C PHE A 6 1.34 -26.96 -21.04
N HIS A 7 0.28 -26.86 -20.25
CA HIS A 7 0.14 -27.73 -19.07
C HIS A 7 -0.92 -28.82 -19.17
N LEU A 8 -2.07 -28.52 -19.76
CA LEU A 8 -3.19 -29.45 -19.72
C LEU A 8 -3.07 -30.67 -20.61
N GLY A 9 -2.25 -30.59 -21.64
CA GLY A 9 -2.01 -31.74 -22.51
C GLY A 9 -3.17 -32.14 -23.41
N VAL A 10 -4.06 -31.19 -23.68
CA VAL A 10 -5.19 -31.42 -24.58
C VAL A 10 -5.21 -30.41 -25.71
N THR A 11 -5.89 -30.75 -26.78
CA THR A 11 -6.06 -29.85 -27.92
C THR A 11 -7.49 -29.37 -28.00
N GLU A 12 -7.73 -28.37 -28.85
CA GLU A 12 -9.10 -27.91 -29.06
C GLU A 12 -9.98 -29.07 -29.56
N ALA A 13 -9.49 -29.82 -30.54
CA ALA A 13 -10.21 -30.98 -31.06
C ALA A 13 -10.63 -31.97 -29.98
N ASP A 14 -9.79 -32.18 -28.98
CA ASP A 14 -10.09 -33.10 -27.89
C ASP A 14 -11.37 -32.72 -27.15
N LEU A 15 -11.70 -31.43 -27.14
CA LEU A 15 -12.85 -30.96 -26.36
C LEU A 15 -14.17 -31.09 -27.10
N ASN A 16 -14.13 -31.47 -28.38
N ASN A 16 -14.11 -31.42 -28.38
CA ASN A 16 -15.33 -31.68 -29.18
CA ASN A 16 -15.31 -31.69 -29.18
C ASN A 16 -16.33 -30.54 -29.09
C ASN A 16 -16.32 -30.54 -29.12
N GLY A 17 -15.82 -29.32 -29.15
CA GLY A 17 -16.68 -28.15 -29.19
C GLY A 17 -17.16 -27.65 -27.84
N ALA A 18 -16.69 -28.23 -26.74
CA ALA A 18 -17.14 -27.81 -25.41
C ALA A 18 -16.84 -26.33 -25.16
N THR A 19 -17.81 -25.61 -24.61
CA THR A 19 -17.56 -24.23 -24.22
C THR A 19 -17.81 -24.00 -22.74
N LEU A 20 -18.10 -25.08 -22.02
CA LEU A 20 -18.33 -25.02 -20.59
C LEU A 20 -17.47 -26.07 -19.93
N ALA A 21 -16.88 -25.70 -18.80
CA ALA A 21 -16.08 -26.61 -17.99
C ALA A 21 -16.56 -26.60 -16.55
N ILE A 22 -16.59 -27.79 -15.96
CA ILE A 22 -16.73 -27.93 -14.53
C ILE A 22 -15.33 -28.15 -13.98
N ILE A 23 -14.96 -27.38 -12.96
CA ILE A 23 -13.57 -27.35 -12.48
C ILE A 23 -13.48 -27.62 -10.99
N PRO A 24 -13.47 -28.92 -10.60
CA PRO A 24 -13.22 -29.27 -9.20
C PRO A 24 -11.72 -29.10 -8.88
N GLY A 25 -11.37 -29.18 -7.60
CA GLY A 25 -9.97 -29.05 -7.24
C GLY A 25 -9.17 -30.35 -7.32
N ASP A 26 -9.79 -31.43 -6.86
CA ASP A 26 -9.10 -32.70 -6.69
C ASP A 26 -9.18 -33.50 -7.97
N PRO A 27 -8.03 -33.85 -8.56
CA PRO A 27 -8.03 -34.66 -9.78
C PRO A 27 -8.86 -35.96 -9.66
N ALA A 28 -8.95 -36.53 -8.46
CA ALA A 28 -9.72 -37.75 -8.26
C ALA A 28 -11.24 -37.56 -8.41
N ARG A 29 -11.72 -36.32 -8.34
CA ARG A 29 -13.13 -35.98 -8.42
CA ARG A 29 -13.14 -36.11 -8.43
C ARG A 29 -13.59 -35.84 -9.87
N VAL A 30 -12.63 -35.71 -10.79
CA VAL A 30 -12.94 -35.44 -12.19
C VAL A 30 -13.74 -36.58 -12.83
N GLN A 31 -13.27 -37.81 -12.65
CA GLN A 31 -13.99 -38.94 -13.22
C GLN A 31 -15.39 -39.06 -12.60
N LYS A 32 -15.51 -38.77 -11.30
CA LYS A 32 -16.80 -38.88 -10.61
C LYS A 32 -17.82 -37.91 -11.19
N ILE A 33 -17.38 -36.70 -11.49
CA ILE A 33 -18.26 -35.73 -12.11
C ILE A 33 -18.60 -36.14 -13.52
N ALA A 34 -17.59 -36.55 -14.27
CA ALA A 34 -17.78 -36.91 -15.68
C ALA A 34 -18.78 -38.05 -15.81
N GLU A 35 -18.73 -39.00 -14.88
CA GLU A 35 -19.61 -40.16 -14.91
C GLU A 35 -21.06 -39.85 -14.54
N LEU A 36 -21.31 -38.66 -13.98
CA LEU A 36 -22.68 -38.21 -13.79
C LEU A 36 -23.32 -37.80 -15.11
N MET A 37 -22.48 -37.65 -16.14
CA MET A 37 -22.96 -37.24 -17.45
C MET A 37 -22.85 -38.40 -18.43
N ASP A 38 -23.11 -38.14 -19.70
CA ASP A 38 -23.15 -39.21 -20.69
C ASP A 38 -21.82 -39.35 -21.43
N ASN A 39 -21.49 -40.59 -21.78
CA ASN A 39 -20.29 -40.87 -22.57
C ASN A 39 -19.02 -40.19 -22.07
N PRO A 40 -18.67 -40.39 -20.79
CA PRO A 40 -17.44 -39.75 -20.30
C PRO A 40 -16.21 -40.34 -20.98
N VAL A 41 -15.25 -39.48 -21.31
CA VAL A 41 -14.02 -39.88 -21.99
C VAL A 41 -12.83 -39.24 -21.27
N PHE A 42 -11.87 -40.06 -20.88
CA PHE A 42 -10.63 -39.58 -20.30
C PHE A 42 -9.78 -38.93 -21.38
N LEU A 43 -9.31 -37.70 -21.14
CA LEU A 43 -8.47 -37.01 -22.12
C LEU A 43 -7.00 -36.96 -21.77
N ALA A 44 -6.65 -36.56 -20.54
CA ALA A 44 -5.26 -36.41 -20.17
C ALA A 44 -5.11 -36.28 -18.68
N SER A 45 -3.93 -36.65 -18.19
CA SER A 45 -3.58 -36.33 -16.83
C SER A 45 -2.10 -35.94 -16.76
N HIS A 46 -1.84 -34.77 -16.19
CA HIS A 46 -0.49 -34.25 -16.01
CA HIS A 46 -0.48 -34.29 -15.98
C HIS A 46 -0.49 -33.38 -14.76
N ARG A 47 0.45 -33.60 -13.84
CA ARG A 47 0.51 -32.84 -12.60
C ARG A 47 -0.85 -32.92 -11.93
N GLU A 48 -1.39 -31.79 -11.46
CA GLU A 48 -2.71 -31.79 -10.80
CA GLU A 48 -2.69 -31.78 -10.79
C GLU A 48 -3.87 -31.66 -11.76
N TYR A 49 -3.59 -31.79 -13.06
CA TYR A 49 -4.60 -31.56 -14.08
C TYR A 49 -5.06 -32.84 -14.74
N THR A 50 -6.23 -33.29 -14.33
CA THR A 50 -6.87 -34.42 -14.97
C THR A 50 -8.06 -33.87 -15.74
N VAL A 51 -8.17 -34.27 -17.01
CA VAL A 51 -9.15 -33.71 -17.92
C VAL A 51 -9.99 -34.81 -18.55
N TYR A 52 -11.30 -34.68 -18.43
CA TYR A 52 -12.26 -35.55 -19.09
C TYR A 52 -13.19 -34.72 -19.93
N ARG A 53 -13.85 -35.35 -20.89
CA ARG A 53 -14.96 -34.76 -21.61
CA ARG A 53 -14.99 -34.71 -21.51
C ARG A 53 -16.18 -35.65 -21.34
N ALA A 54 -17.37 -35.08 -21.44
CA ALA A 54 -18.59 -35.86 -21.37
C ALA A 54 -19.67 -35.11 -22.13
N GLU A 55 -20.86 -35.67 -22.16
CA GLU A 55 -21.96 -35.04 -22.87
C GLU A 55 -23.11 -34.82 -21.91
N LEU A 56 -23.68 -33.63 -21.98
CA LEU A 56 -24.78 -33.23 -21.11
C LEU A 56 -25.88 -32.70 -22.02
N ASP A 57 -27.03 -33.37 -22.03
CA ASP A 57 -28.11 -33.01 -22.94
C ASP A 57 -27.57 -32.88 -24.37
N GLY A 58 -26.67 -33.78 -24.74
CA GLY A 58 -26.16 -33.83 -26.10
C GLY A 58 -25.05 -32.83 -26.39
N GLN A 59 -24.67 -32.01 -25.41
CA GLN A 59 -23.62 -31.02 -25.60
C GLN A 59 -22.34 -31.42 -24.89
N SER A 60 -21.19 -31.20 -25.53
CA SER A 60 -19.91 -31.53 -24.93
CA SER A 60 -19.91 -31.53 -24.94
C SER A 60 -19.59 -30.59 -23.77
N VAL A 61 -19.14 -31.18 -22.67
CA VAL A 61 -18.72 -30.46 -21.47
CA VAL A 61 -18.67 -30.40 -21.54
C VAL A 61 -17.34 -30.99 -21.08
N VAL A 62 -16.47 -30.12 -20.57
CA VAL A 62 -15.19 -30.55 -20.06
C VAL A 62 -15.25 -30.59 -18.54
N VAL A 63 -14.55 -31.55 -17.94
CA VAL A 63 -14.30 -31.56 -16.50
C VAL A 63 -12.80 -31.54 -16.32
N CYS A 64 -12.28 -30.57 -15.57
CA CYS A 64 -10.83 -30.42 -15.45
C CYS A 64 -10.49 -30.02 -14.04
N SER A 65 -9.60 -30.76 -13.38
CA SER A 65 -9.19 -30.35 -12.04
C SER A 65 -8.27 -29.14 -12.06
N THR A 66 -8.25 -28.40 -10.96
CA THR A 66 -7.51 -27.15 -10.85
C THR A 66 -6.28 -27.27 -9.96
N GLY A 67 -6.23 -28.29 -9.11
CA GLY A 67 -5.29 -28.29 -8.00
C GLY A 67 -5.75 -27.32 -6.93
N ILE A 68 -4.94 -27.18 -5.89
CA ILE A 68 -5.24 -26.24 -4.83
C ILE A 68 -4.65 -24.88 -5.10
N GLY A 69 -5.48 -23.85 -4.96
CA GLY A 69 -5.00 -22.48 -4.98
C GLY A 69 -5.15 -21.76 -6.30
N GLY A 70 -5.13 -20.43 -6.20
CA GLY A 70 -5.25 -19.58 -7.37
C GLY A 70 -4.23 -19.78 -8.47
N PRO A 71 -2.95 -19.98 -8.11
CA PRO A 71 -1.96 -20.10 -9.19
C PRO A 71 -2.24 -21.31 -10.10
N SER A 72 -2.49 -22.48 -9.50
CA SER A 72 -2.71 -23.63 -10.37
CA SER A 72 -2.78 -23.69 -10.24
C SER A 72 -4.06 -23.52 -11.08
N THR A 73 -5.06 -22.91 -10.44
CA THR A 73 -6.34 -22.67 -11.07
C THR A 73 -6.22 -21.75 -12.28
N SER A 74 -5.41 -20.71 -12.13
CA SER A 74 -5.26 -19.70 -13.19
C SER A 74 -4.70 -20.31 -14.46
N ILE A 75 -3.80 -21.28 -14.33
CA ILE A 75 -3.26 -21.97 -15.50
C ILE A 75 -4.36 -22.75 -16.21
N ALA A 76 -5.14 -23.51 -15.46
CA ALA A 76 -6.18 -24.34 -16.07
C ALA A 76 -7.22 -23.49 -16.78
N VAL A 77 -7.65 -22.41 -16.15
CA VAL A 77 -8.65 -21.54 -16.74
C VAL A 77 -8.12 -20.89 -18.03
N GLU A 78 -6.89 -20.38 -17.98
CA GLU A 78 -6.30 -19.74 -19.15
C GLU A 78 -6.22 -20.73 -20.30
N GLU A 79 -5.70 -21.93 -20.03
CA GLU A 79 -5.49 -22.89 -21.10
C GLU A 79 -6.82 -23.43 -21.66
N LEU A 80 -7.81 -23.65 -20.78
CA LEU A 80 -9.13 -24.01 -21.30
C LEU A 80 -9.73 -22.89 -22.14
N ALA A 81 -9.53 -21.62 -21.75
CA ALA A 81 -10.06 -20.52 -22.53
C ALA A 81 -9.38 -20.46 -23.90
N GLN A 82 -8.08 -20.75 -23.94
CA GLN A 82 -7.37 -20.82 -25.23
C GLN A 82 -8.00 -21.85 -26.16
N LEU A 83 -8.61 -22.89 -25.57
CA LEU A 83 -9.21 -23.98 -26.36
C LEU A 83 -10.73 -23.81 -26.53
N GLY A 84 -11.24 -22.63 -26.17
CA GLY A 84 -12.61 -22.28 -26.50
C GLY A 84 -13.59 -22.28 -25.36
N VAL A 85 -13.14 -22.65 -24.16
CA VAL A 85 -14.08 -22.68 -23.04
C VAL A 85 -14.36 -21.26 -22.56
N ARG A 86 -15.64 -20.96 -22.30
CA ARG A 86 -16.05 -19.61 -21.94
C ARG A 86 -16.79 -19.54 -20.59
N THR A 87 -17.26 -20.69 -20.10
CA THR A 87 -18.00 -20.75 -18.85
C THR A 87 -17.35 -21.76 -17.93
N PHE A 88 -17.15 -21.37 -16.68
CA PHE A 88 -16.41 -22.16 -15.69
C PHE A 88 -17.22 -22.30 -14.42
N LEU A 89 -17.56 -23.53 -14.06
CA LEU A 89 -18.31 -23.81 -12.84
CA LEU A 89 -18.31 -23.79 -12.84
C LEU A 89 -17.44 -24.51 -11.82
N ARG A 90 -17.10 -23.81 -10.73
CA ARG A 90 -16.28 -24.34 -9.67
C ARG A 90 -17.15 -25.03 -8.63
N VAL A 91 -16.74 -26.23 -8.24
CA VAL A 91 -17.33 -26.94 -7.10
C VAL A 91 -16.22 -27.36 -6.16
N GLY A 92 -16.49 -27.33 -4.86
CA GLY A 92 -15.49 -27.71 -3.88
C GLY A 92 -16.09 -27.82 -2.50
N THR A 93 -15.22 -28.06 -1.51
CA THR A 93 -15.61 -28.09 -0.11
C THR A 93 -15.22 -26.80 0.55
N THR A 94 -15.81 -26.54 1.70
CA THR A 94 -15.58 -25.29 2.36
C THR A 94 -15.76 -25.40 3.87
N GLY A 95 -15.16 -24.48 4.61
CA GLY A 95 -15.39 -24.34 6.03
C GLY A 95 -16.26 -23.13 6.26
N ALA A 96 -17.38 -23.32 6.94
CA ALA A 96 -18.26 -22.20 7.26
C ALA A 96 -17.75 -21.46 8.46
N ILE A 97 -17.97 -20.15 8.49
CA ILE A 97 -17.61 -19.42 9.70
C ILE A 97 -18.78 -18.79 10.44
N GLN A 98 -19.99 -18.88 9.88
CA GLN A 98 -21.20 -18.40 10.57
C GLN A 98 -21.84 -19.54 11.34
N PRO A 99 -22.26 -19.28 12.59
CA PRO A 99 -22.81 -20.34 13.43
C PRO A 99 -24.07 -20.98 12.83
N HIS A 100 -24.82 -20.24 12.02
CA HIS A 100 -26.09 -20.75 11.51
C HIS A 100 -25.95 -21.62 10.26
N VAL A 101 -24.75 -21.66 9.70
CA VAL A 101 -24.50 -22.48 8.53
C VAL A 101 -24.02 -23.86 8.96
N ASN A 102 -24.72 -24.91 8.53
CA ASN A 102 -24.43 -26.25 9.02
C ASN A 102 -23.66 -27.09 8.02
N VAL A 103 -22.95 -28.09 8.54
CA VAL A 103 -22.34 -29.10 7.69
C VAL A 103 -23.40 -29.71 6.79
N GLY A 104 -23.09 -29.83 5.50
CA GLY A 104 -24.05 -30.33 4.53
C GLY A 104 -24.80 -29.23 3.79
N ASP A 105 -24.78 -28.01 4.30
CA ASP A 105 -25.37 -26.90 3.58
C ASP A 105 -24.51 -26.57 2.35
N MET A 106 -25.09 -25.83 1.41
CA MET A 106 -24.39 -25.41 0.19
CA MET A 106 -24.35 -25.40 0.24
C MET A 106 -24.26 -23.89 0.21
N ILE A 107 -23.15 -23.39 -0.30
CA ILE A 107 -22.94 -21.95 -0.40
C ILE A 107 -22.67 -21.60 -1.85
N VAL A 108 -23.38 -20.60 -2.36
CA VAL A 108 -23.09 -20.04 -3.66
C VAL A 108 -22.50 -18.66 -3.42
N THR A 109 -21.27 -18.46 -3.89
CA THR A 109 -20.54 -17.23 -3.61
C THR A 109 -21.07 -16.08 -4.46
N THR A 110 -21.45 -14.98 -3.81
CA THR A 110 -21.86 -13.76 -4.53
C THR A 110 -20.70 -12.78 -4.70
N GLY A 111 -19.61 -12.98 -3.96
CA GLY A 111 -18.42 -12.17 -4.09
C GLY A 111 -17.39 -12.75 -3.15
N SER A 112 -16.11 -12.56 -3.46
CA SER A 112 -15.04 -13.10 -2.63
C SER A 112 -14.15 -12.03 -2.05
N VAL A 113 -13.79 -12.21 -0.77
CA VAL A 113 -12.74 -11.43 -0.16
C VAL A 113 -11.42 -11.93 -0.74
N ARG A 114 -10.66 -11.03 -1.34
CA ARG A 114 -9.47 -11.38 -2.11
C ARG A 114 -8.25 -11.49 -1.20
N LEU A 115 -8.14 -12.63 -0.52
CA LEU A 115 -7.02 -12.88 0.37
C LEU A 115 -5.97 -13.76 -0.33
N ASP A 116 -5.88 -13.56 -1.65
CA ASP A 116 -5.02 -14.33 -2.54
C ASP A 116 -4.02 -13.37 -3.19
N GLY A 117 -3.18 -13.91 -4.05
CA GLY A 117 -2.27 -13.11 -4.83
C GLY A 117 -2.57 -13.10 -6.31
N ALA A 118 -3.06 -14.22 -6.85
CA ALA A 118 -3.21 -14.34 -8.30
C ALA A 118 -4.25 -13.40 -8.84
N SER A 119 -5.27 -13.06 -8.05
CA SER A 119 -6.28 -12.14 -8.55
C SER A 119 -5.66 -10.81 -8.98
N LEU A 120 -4.62 -10.38 -8.26
CA LEU A 120 -3.93 -9.12 -8.56
C LEU A 120 -3.16 -9.17 -9.87
N HIS A 121 -2.96 -10.36 -10.41
CA HIS A 121 -2.34 -10.51 -11.72
C HIS A 121 -3.32 -10.27 -12.86
N PHE A 122 -4.59 -10.07 -12.53
CA PHE A 122 -5.65 -9.80 -13.51
C PHE A 122 -6.33 -8.46 -13.33
N ALA A 123 -6.44 -7.99 -12.09
CA ALA A 123 -7.12 -6.73 -11.82
C ALA A 123 -6.62 -6.19 -10.49
N PRO A 124 -6.54 -4.86 -10.34
CA PRO A 124 -6.11 -4.29 -9.06
C PRO A 124 -7.12 -4.61 -7.96
N MET A 125 -6.72 -4.45 -6.71
CA MET A 125 -7.50 -4.93 -5.56
C MET A 125 -8.89 -4.32 -5.51
N GLU A 126 -9.06 -3.11 -6.04
CA GLU A 126 -10.36 -2.46 -5.96
CA GLU A 126 -10.35 -2.41 -6.03
C GLU A 126 -11.43 -3.16 -6.80
N PHE A 127 -11.02 -3.98 -7.76
CA PHE A 127 -11.96 -4.69 -8.64
C PHE A 127 -12.66 -5.82 -7.85
N PRO A 128 -13.98 -5.98 -8.04
CA PRO A 128 -14.70 -6.98 -7.25
C PRO A 128 -14.53 -8.41 -7.77
N ALA A 129 -14.24 -9.33 -6.87
CA ALA A 129 -14.20 -10.75 -7.21
C ALA A 129 -15.63 -11.27 -7.20
N VAL A 130 -16.32 -11.09 -8.32
CA VAL A 130 -17.75 -11.30 -8.44
CA VAL A 130 -17.74 -11.43 -8.37
C VAL A 130 -18.04 -12.38 -9.50
N PRO A 131 -19.01 -13.29 -9.26
CA PRO A 131 -19.37 -14.26 -10.29
C PRO A 131 -20.18 -13.61 -11.40
N ASP A 132 -20.23 -14.30 -12.54
CA ASP A 132 -21.21 -14.01 -13.56
C ASP A 132 -22.61 -14.20 -12.98
N PHE A 133 -23.50 -13.25 -13.25
CA PHE A 133 -24.84 -13.30 -12.67
C PHE A 133 -25.65 -14.50 -13.14
N ASP A 134 -25.52 -14.86 -14.41
CA ASP A 134 -26.21 -16.04 -14.92
C ASP A 134 -25.71 -17.30 -14.24
N VAL A 135 -24.39 -17.41 -14.05
CA VAL A 135 -23.87 -18.61 -13.40
C VAL A 135 -24.32 -18.70 -11.94
N ALA A 136 -24.24 -17.58 -11.23
CA ALA A 136 -24.69 -17.56 -9.85
C ALA A 136 -26.16 -17.92 -9.75
N THR A 137 -26.95 -17.41 -10.69
CA THR A 137 -28.40 -17.71 -10.74
C THR A 137 -28.66 -19.21 -10.97
N ALA A 138 -27.90 -19.80 -11.88
CA ALA A 138 -28.02 -21.23 -12.20
C ALA A 138 -27.60 -22.09 -11.00
N MET A 139 -26.54 -21.68 -10.33
CA MET A 139 -26.06 -22.45 -9.18
CA MET A 139 -26.02 -22.40 -9.16
C MET A 139 -27.06 -22.38 -8.04
N LYS A 140 -27.60 -21.19 -7.78
CA LYS A 140 -28.63 -21.07 -6.74
CA LYS A 140 -28.64 -21.05 -6.76
C LYS A 140 -29.82 -21.96 -7.07
N ALA A 141 -30.28 -21.93 -8.32
CA ALA A 141 -31.45 -22.71 -8.72
C ALA A 141 -31.16 -24.19 -8.59
N ALA A 142 -29.99 -24.63 -9.07
CA ALA A 142 -29.66 -26.05 -8.98
C ALA A 142 -29.55 -26.48 -7.53
N ALA A 143 -28.90 -25.67 -6.70
CA ALA A 143 -28.71 -26.03 -5.30
C ALA A 143 -30.07 -26.09 -4.58
N GLN A 144 -30.93 -25.09 -4.80
CA GLN A 144 -32.23 -25.10 -4.13
C GLN A 144 -33.11 -26.22 -4.63
N GLU A 145 -33.11 -26.47 -5.95
CA GLU A 145 -33.95 -27.53 -6.52
C GLU A 145 -33.53 -28.90 -6.00
N SER A 146 -32.27 -29.05 -5.59
CA SER A 146 -31.82 -30.34 -5.06
C SER A 146 -32.42 -30.66 -3.69
N GLY A 147 -32.99 -29.64 -3.02
CA GLY A 147 -33.50 -29.81 -1.67
C GLY A 147 -32.50 -29.39 -0.59
N ALA A 148 -31.31 -28.97 -1.01
CA ALA A 148 -30.31 -28.50 -0.07
C ALA A 148 -30.71 -27.21 0.63
N THR A 149 -30.09 -26.98 1.79
CA THR A 149 -30.14 -25.68 2.43
C THR A 149 -29.02 -24.84 1.84
N VAL A 150 -29.39 -23.72 1.23
CA VAL A 150 -28.48 -22.94 0.40
C VAL A 150 -28.30 -21.53 0.93
N HIS A 151 -27.05 -21.08 1.01
CA HIS A 151 -26.75 -19.71 1.39
C HIS A 151 -26.06 -18.98 0.27
N MET A 152 -26.52 -17.77 0.00
CA MET A 152 -25.88 -16.86 -0.95
C MET A 152 -25.09 -15.85 -0.14
N GLY A 153 -23.84 -15.63 -0.47
CA GLY A 153 -23.13 -14.57 0.24
C GLY A 153 -21.64 -14.56 -0.05
N VAL A 154 -20.93 -13.80 0.77
CA VAL A 154 -19.52 -13.52 0.57
C VAL A 154 -18.66 -14.65 1.12
N THR A 155 -17.61 -14.99 0.37
CA THR A 155 -16.67 -16.04 0.72
C THR A 155 -15.29 -15.41 0.90
N ALA A 156 -14.57 -15.78 1.96
CA ALA A 156 -13.19 -15.34 2.12
C ALA A 156 -12.26 -16.34 1.44
N SER A 157 -11.50 -15.87 0.45
CA SER A 157 -10.74 -16.76 -0.39
C SER A 157 -9.25 -16.54 -0.15
N SER A 158 -8.62 -17.54 0.46
CA SER A 158 -7.28 -17.43 1.03
C SER A 158 -6.21 -18.20 0.28
N ASP A 159 -5.03 -17.59 0.13
CA ASP A 159 -3.88 -18.28 -0.44
C ASP A 159 -3.25 -19.33 0.49
N THR A 160 -3.73 -19.43 1.73
CA THR A 160 -3.27 -20.53 2.59
C THR A 160 -4.47 -21.22 3.23
N PHE A 161 -4.27 -22.46 3.64
CA PHE A 161 -5.25 -23.20 4.41
C PHE A 161 -5.12 -22.88 5.89
N TYR A 162 -3.91 -22.59 6.33
CA TYR A 162 -3.62 -22.46 7.74
C TYR A 162 -3.64 -21.00 8.27
N PRO A 163 -2.57 -20.20 8.10
CA PRO A 163 -2.69 -18.90 8.79
C PRO A 163 -3.74 -17.97 8.17
N GLY A 164 -3.95 -18.02 6.86
CA GLY A 164 -4.92 -17.14 6.24
C GLY A 164 -6.36 -17.50 6.56
N GLN A 165 -6.57 -18.68 7.15
CA GLN A 165 -7.89 -19.05 7.65
C GLN A 165 -7.84 -19.06 9.18
N GLU A 166 -6.83 -18.38 9.72
CA GLU A 166 -6.62 -18.23 11.16
C GLU A 166 -6.70 -19.53 11.94
N ARG A 167 -6.03 -20.57 11.40
CA ARG A 167 -5.82 -21.81 12.15
C ARG A 167 -4.57 -21.70 13.02
N TYR A 168 -4.69 -22.17 14.26
CA TYR A 168 -3.59 -22.15 15.23
C TYR A 168 -3.03 -23.52 15.57
N ASP A 169 -3.70 -24.60 15.18
CA ASP A 169 -3.19 -25.92 15.53
C ASP A 169 -2.18 -26.33 14.47
N THR A 170 -1.03 -25.66 14.52
CA THR A 170 -0.05 -25.72 13.45
C THR A 170 1.34 -25.85 14.04
N PHE A 171 2.33 -26.01 13.17
CA PHE A 171 3.71 -26.10 13.62
C PHE A 171 4.16 -24.89 14.42
N THR A 172 3.94 -23.69 13.91
CA THR A 172 4.36 -22.52 14.71
C THR A 172 3.33 -22.12 15.75
N GLY A 173 2.06 -22.44 15.54
CA GLY A 173 1.01 -21.94 16.41
C GLY A 173 0.85 -20.45 16.41
N ARG A 174 1.33 -19.79 15.35
CA ARG A 174 1.06 -18.37 15.29
CA ARG A 174 1.32 -18.33 15.21
C ARG A 174 0.59 -17.94 13.93
N VAL A 175 0.00 -16.76 13.90
CA VAL A 175 -0.58 -16.19 12.70
C VAL A 175 -0.08 -14.76 12.58
N VAL A 176 0.39 -14.39 11.39
CA VAL A 176 0.94 -13.06 11.15
C VAL A 176 -0.10 -11.98 11.48
N ARG A 177 0.38 -10.79 11.83
CA ARG A 177 -0.48 -9.70 12.27
CA ARG A 177 -0.47 -9.69 12.26
C ARG A 177 -1.71 -9.49 11.40
N ARG A 178 -1.51 -9.46 10.09
CA ARG A 178 -2.61 -9.25 9.14
C ARG A 178 -3.82 -10.15 9.41
N PHE A 179 -3.54 -11.39 9.81
CA PHE A 179 -4.59 -12.40 9.93
C PHE A 179 -5.01 -12.68 11.37
N GLN A 180 -4.33 -12.08 12.33
CA GLN A 180 -4.75 -12.22 13.73
C GLN A 180 -6.10 -11.56 13.91
N GLY A 181 -7.06 -12.29 14.47
CA GLY A 181 -8.38 -11.74 14.69
C GLY A 181 -9.24 -11.71 13.43
N SER A 182 -8.70 -12.20 12.30
CA SER A 182 -9.40 -12.05 11.03
C SER A 182 -10.66 -12.89 10.95
N MET A 183 -10.67 -14.09 11.53
CA MET A 183 -11.86 -14.91 11.43
C MET A 183 -13.07 -14.19 12.08
N LYS A 184 -12.86 -13.61 13.25
CA LYS A 184 -13.90 -12.86 13.93
CA LYS A 184 -13.91 -12.87 13.93
C LYS A 184 -14.33 -11.65 13.12
N GLU A 185 -13.35 -11.00 12.49
N GLU A 185 -13.36 -10.97 12.49
CA GLU A 185 -13.65 -9.84 11.67
CA GLU A 185 -13.70 -9.79 11.67
C GLU A 185 -14.57 -10.24 10.51
C GLU A 185 -14.57 -10.22 10.47
N TRP A 186 -14.21 -11.31 9.80
CA TRP A 186 -15.02 -11.74 8.67
C TRP A 186 -16.40 -12.20 9.17
N GLN A 187 -16.44 -12.87 10.31
CA GLN A 187 -17.72 -13.30 10.87
CA GLN A 187 -17.71 -13.31 10.86
C GLN A 187 -18.63 -12.10 11.13
N ASP A 188 -18.06 -11.07 11.75
CA ASP A 188 -18.81 -9.86 12.06
C ASP A 188 -19.30 -9.17 10.79
N MET A 189 -18.54 -9.30 9.70
CA MET A 189 -18.92 -8.70 8.42
C MET A 189 -19.85 -9.57 7.58
N GLY A 190 -20.27 -10.71 8.13
CA GLY A 190 -21.26 -11.54 7.49
C GLY A 190 -20.72 -12.54 6.48
N VAL A 191 -19.40 -12.67 6.40
CA VAL A 191 -18.77 -13.61 5.47
C VAL A 191 -19.19 -15.03 5.86
N LEU A 192 -19.51 -15.86 4.87
CA LEU A 192 -20.05 -17.18 5.16
C LEU A 192 -19.03 -18.26 5.38
N ASN A 193 -17.91 -18.22 4.67
CA ASN A 193 -17.06 -19.39 4.54
C ASN A 193 -15.68 -19.05 4.06
N PHE A 194 -14.75 -19.99 4.20
CA PHE A 194 -13.40 -19.92 3.67
C PHE A 194 -13.21 -20.96 2.57
N GLU A 195 -12.52 -20.59 1.52
CA GLU A 195 -11.91 -21.56 0.58
C GLU A 195 -10.70 -20.90 -0.05
N MET A 196 -10.13 -21.47 -1.11
CA MET A 196 -8.82 -21.04 -1.58
C MET A 196 -8.71 -20.68 -3.05
N GLU A 197 -9.80 -20.72 -3.81
CA GLU A 197 -9.67 -20.50 -5.26
C GLU A 197 -10.60 -19.46 -5.86
N SER A 198 -11.69 -19.13 -5.16
CA SER A 198 -12.71 -18.30 -5.77
C SER A 198 -12.25 -16.88 -6.08
N ALA A 199 -11.44 -16.26 -5.21
CA ALA A 199 -10.99 -14.89 -5.54
C ALA A 199 -10.24 -14.86 -6.87
N THR A 200 -9.34 -15.82 -7.07
CA THR A 200 -8.60 -15.85 -8.33
C THR A 200 -9.54 -16.13 -9.49
N LEU A 201 -10.34 -17.18 -9.35
CA LEU A 201 -11.21 -17.60 -10.46
C LEU A 201 -12.15 -16.46 -10.85
N LEU A 202 -12.84 -15.89 -9.86
CA LEU A 202 -13.87 -14.91 -10.18
C LEU A 202 -13.24 -13.62 -10.72
N THR A 203 -12.13 -13.17 -10.14
CA THR A 203 -11.49 -11.96 -10.64
C THR A 203 -10.97 -12.15 -12.05
N MET A 204 -10.27 -13.25 -12.28
CA MET A 204 -9.71 -13.48 -13.61
CA MET A 204 -9.72 -13.55 -13.60
C MET A 204 -10.83 -13.56 -14.64
N CYS A 205 -11.92 -14.26 -14.32
CA CYS A 205 -12.96 -14.42 -15.33
C CYS A 205 -13.74 -13.13 -15.55
N ALA A 206 -14.09 -12.44 -14.46
CA ALA A 206 -14.88 -11.21 -14.56
C ALA A 206 -14.13 -10.11 -15.30
N SER A 207 -12.80 -10.18 -15.33
CA SER A 207 -12.00 -9.16 -16.00
C SER A 207 -11.50 -9.63 -17.36
N SER A 208 -11.89 -10.83 -17.78
CA SER A 208 -11.39 -11.44 -19.01
C SER A 208 -12.47 -11.93 -19.96
N GLY A 209 -13.73 -11.56 -19.72
CA GLY A 209 -14.80 -11.93 -20.63
C GLY A 209 -15.20 -13.40 -20.54
N LEU A 210 -14.98 -13.99 -19.37
CA LEU A 210 -15.34 -15.40 -19.11
C LEU A 210 -16.41 -15.42 -18.04
N LYS A 211 -17.32 -16.39 -18.10
CA LYS A 211 -18.37 -16.51 -17.09
CA LYS A 211 -18.38 -16.51 -17.10
C LYS A 211 -17.97 -17.54 -16.05
N ALA A 212 -18.03 -17.19 -14.77
CA ALA A 212 -17.64 -18.10 -13.72
C ALA A 212 -18.55 -18.00 -12.52
N GLY A 213 -18.62 -19.08 -11.77
CA GLY A 213 -19.30 -19.08 -10.49
C GLY A 213 -18.72 -20.18 -9.62
N CYS A 214 -19.07 -20.13 -8.34
CA CYS A 214 -18.60 -21.11 -7.35
CA CYS A 214 -18.58 -21.10 -7.36
C CYS A 214 -19.72 -21.58 -6.45
N VAL A 215 -19.80 -22.90 -6.29
CA VAL A 215 -20.68 -23.51 -5.30
C VAL A 215 -19.83 -24.45 -4.43
N ALA A 216 -20.16 -24.53 -3.15
CA ALA A 216 -19.35 -25.35 -2.24
C ALA A 216 -20.22 -26.03 -1.20
N GLY A 217 -19.85 -27.26 -0.83
CA GLY A 217 -20.48 -27.97 0.26
C GLY A 217 -19.72 -27.76 1.55
N VAL A 218 -20.46 -27.47 2.63
CA VAL A 218 -19.85 -27.18 3.92
C VAL A 218 -19.51 -28.49 4.61
N ILE A 219 -18.23 -28.67 4.92
CA ILE A 219 -17.82 -29.90 5.60
C ILE A 219 -17.33 -29.68 7.03
N ILE A 220 -17.23 -28.42 7.44
CA ILE A 220 -16.86 -28.09 8.81
C ILE A 220 -17.43 -26.72 9.11
N ASN A 221 -17.79 -26.50 10.37
CA ASN A 221 -18.10 -25.17 10.85
C ASN A 221 -16.98 -24.73 11.79
N ARG A 222 -16.28 -23.66 11.41
CA ARG A 222 -15.12 -23.18 12.17
C ARG A 222 -15.46 -22.59 13.54
N THR A 223 -16.75 -22.37 13.82
CA THR A 223 -17.09 -22.03 15.20
C THR A 223 -17.01 -23.25 16.11
N GLN A 224 -16.97 -24.44 15.52
CA GLN A 224 -16.94 -25.71 16.25
C GLN A 224 -15.53 -26.26 16.46
N LYS A 225 -14.70 -26.23 15.42
CA LYS A 225 -13.36 -26.80 15.48
C LYS A 225 -12.56 -26.39 14.25
N GLU A 226 -11.27 -26.72 14.23
CA GLU A 226 -10.40 -26.31 13.13
C GLU A 226 -10.28 -27.29 11.96
N ILE A 227 -10.32 -28.59 12.23
CA ILE A 227 -10.05 -29.55 11.18
CA ILE A 227 -10.02 -29.59 11.21
C ILE A 227 -11.17 -30.56 11.03
N PRO A 228 -11.56 -30.84 9.77
CA PRO A 228 -12.64 -31.82 9.55
C PRO A 228 -12.19 -33.23 9.94
N LEU A 233 -18.02 -36.33 5.30
CA LEU A 233 -17.96 -35.37 4.20
C LEU A 233 -18.18 -36.04 2.85
N LYS A 234 -18.31 -37.36 2.86
CA LYS A 234 -18.55 -38.14 1.65
CA LYS A 234 -18.55 -38.12 1.64
C LYS A 234 -19.90 -37.78 1.02
N GLU A 235 -20.93 -37.70 1.86
CA GLU A 235 -22.28 -37.35 1.41
C GLU A 235 -22.34 -35.92 0.89
N THR A 236 -21.71 -35.00 1.60
CA THR A 236 -21.74 -33.60 1.19
C THR A 236 -21.08 -33.44 -0.18
N GLU A 237 -19.95 -34.11 -0.37
CA GLU A 237 -19.24 -34.05 -1.64
C GLU A 237 -20.09 -34.59 -2.79
N ALA A 238 -20.75 -35.72 -2.58
CA ALA A 238 -21.60 -36.32 -3.60
C ALA A 238 -22.77 -35.41 -4.00
N ARG A 239 -23.40 -34.77 -3.02
CA ARG A 239 -24.49 -33.86 -3.32
C ARG A 239 -24.00 -32.62 -4.07
N SER A 240 -22.82 -32.13 -3.70
CA SER A 240 -22.29 -30.94 -4.32
CA SER A 240 -22.26 -30.95 -4.32
C SER A 240 -22.03 -31.17 -5.82
N ILE A 241 -21.51 -32.34 -6.18
CA ILE A 241 -21.24 -32.56 -7.61
C ILE A 241 -22.52 -32.77 -8.42
N LYS A 242 -23.55 -33.35 -7.81
CA LYS A 242 -24.83 -33.44 -8.50
CA LYS A 242 -24.83 -33.44 -8.50
C LYS A 242 -25.38 -32.04 -8.76
N VAL A 243 -25.23 -31.15 -7.79
CA VAL A 243 -25.67 -29.76 -7.95
C VAL A 243 -24.92 -29.05 -9.07
N VAL A 244 -23.59 -29.20 -9.14
CA VAL A 244 -22.85 -28.47 -10.15
C VAL A 244 -23.18 -28.96 -11.56
N VAL A 245 -23.47 -30.27 -11.70
CA VAL A 245 -23.88 -30.79 -13.00
C VAL A 245 -25.23 -30.21 -13.42
N GLU A 246 -26.16 -30.12 -12.47
CA GLU A 246 -27.44 -29.52 -12.79
CA GLU A 246 -27.45 -29.51 -12.76
C GLU A 246 -27.30 -28.02 -13.11
N ALA A 247 -26.37 -27.34 -12.43
CA ALA A 247 -26.10 -25.94 -12.78
C ALA A 247 -25.55 -25.83 -14.21
N ALA A 248 -24.70 -26.76 -14.60
CA ALA A 248 -24.19 -26.77 -15.97
C ALA A 248 -25.34 -26.97 -16.96
N ARG A 249 -26.24 -27.87 -16.66
CA ARG A 249 -27.40 -28.10 -17.51
CA ARG A 249 -27.40 -28.10 -17.51
C ARG A 249 -28.16 -26.79 -17.72
N LYS A 250 -28.28 -26.00 -16.65
CA LYS A 250 -29.02 -24.74 -16.74
C LYS A 250 -28.28 -23.69 -17.57
N MET A 251 -26.96 -23.80 -17.66
CA MET A 251 -26.18 -22.84 -18.43
C MET A 251 -26.12 -23.19 -19.92
N LEU A 252 -26.48 -24.42 -20.28
CA LEU A 252 -26.40 -24.79 -21.69
C LEU A 252 -27.42 -24.04 -22.55
N LYS A 253 -27.04 -23.71 -23.77
CA LYS A 253 -27.92 -22.98 -24.68
C LYS A 253 -28.40 -23.85 -25.84
N LYS B 3 -3.67 -37.75 14.31
CA LYS B 3 -2.24 -37.72 14.02
C LYS B 3 -1.92 -38.08 12.57
N THR B 4 -2.94 -38.08 11.71
CA THR B 4 -2.71 -38.13 10.26
C THR B 4 -3.01 -36.76 9.72
N VAL B 5 -2.05 -36.14 9.04
CA VAL B 5 -2.26 -34.76 8.58
C VAL B 5 -3.34 -34.73 7.50
N PHE B 6 -4.05 -33.61 7.43
CA PHE B 6 -5.31 -33.56 6.71
C PHE B 6 -5.19 -33.75 5.19
N HIS B 7 -4.21 -33.09 4.58
CA HIS B 7 -4.05 -33.20 3.14
C HIS B 7 -3.09 -34.29 2.71
N LEU B 8 -1.95 -34.42 3.40
CA LEU B 8 -0.94 -35.37 2.94
C LEU B 8 -1.29 -36.81 3.30
N GLY B 9 -2.11 -37.03 4.33
CA GLY B 9 -2.56 -38.38 4.65
C GLY B 9 -1.48 -39.31 5.21
N VAL B 10 -0.49 -38.72 5.86
CA VAL B 10 0.58 -39.49 6.50
C VAL B 10 0.69 -39.14 7.97
N THR B 11 1.35 -40.00 8.72
CA THR B 11 1.58 -39.81 10.14
C THR B 11 3.06 -39.58 10.39
N GLU B 12 3.40 -39.12 11.59
CA GLU B 12 4.80 -38.95 11.94
C GLU B 12 5.56 -40.27 11.88
N ALA B 13 4.94 -41.34 12.36
CA ALA B 13 5.59 -42.65 12.31
C ALA B 13 5.92 -43.09 10.89
N ASP B 14 5.07 -42.71 9.93
CA ASP B 14 5.30 -43.05 8.51
C ASP B 14 6.62 -42.50 8.00
N LEU B 15 7.10 -41.41 8.60
CA LEU B 15 8.30 -40.73 8.10
C LEU B 15 9.59 -41.30 8.67
N ASN B 16 9.49 -42.23 9.63
CA ASN B 16 10.65 -42.92 10.17
CA ASN B 16 10.66 -42.93 10.14
C ASN B 16 11.76 -41.98 10.64
N GLY B 17 11.35 -40.88 11.27
CA GLY B 17 12.28 -39.93 11.85
C GLY B 17 12.86 -38.89 10.90
N ALA B 18 12.35 -38.81 9.68
CA ALA B 18 12.88 -37.87 8.70
C ALA B 18 12.77 -36.44 9.21
N THR B 19 13.84 -35.67 9.08
CA THR B 19 13.77 -34.24 9.38
C THR B 19 14.08 -33.38 8.14
N LEU B 20 14.28 -34.00 7.00
CA LEU B 20 14.59 -33.30 5.76
C LEU B 20 13.65 -33.84 4.68
N ALA B 21 13.12 -32.91 3.88
CA ALA B 21 12.28 -33.26 2.73
C ALA B 21 12.83 -32.63 1.47
N ILE B 22 12.74 -33.38 0.37
CA ILE B 22 12.95 -32.84 -0.98
C ILE B 22 11.56 -32.63 -1.57
N ILE B 23 11.31 -31.43 -2.08
CA ILE B 23 9.97 -31.07 -2.49
C ILE B 23 9.91 -30.58 -3.95
N PRO B 24 9.76 -31.52 -4.89
CA PRO B 24 9.57 -31.13 -6.29
C PRO B 24 8.14 -30.66 -6.50
N GLY B 25 7.83 -30.08 -7.66
CA GLY B 25 6.48 -29.63 -7.92
C GLY B 25 5.57 -30.72 -8.48
N ASP B 26 6.11 -31.49 -9.42
CA ASP B 26 5.37 -32.52 -10.14
C ASP B 26 5.31 -33.84 -9.36
N PRO B 27 4.09 -34.33 -9.05
CA PRO B 27 3.98 -35.61 -8.34
C PRO B 27 4.70 -36.76 -9.06
N ALA B 28 4.78 -36.72 -10.39
CA ALA B 28 5.47 -37.77 -11.14
C ALA B 28 6.97 -37.79 -10.88
N ARG B 29 7.53 -36.70 -10.35
CA ARG B 29 8.96 -36.62 -10.10
C ARG B 29 9.36 -37.21 -8.76
N VAL B 30 8.38 -37.44 -7.89
CA VAL B 30 8.68 -37.89 -6.54
C VAL B 30 9.37 -39.25 -6.53
N GLN B 31 8.82 -40.22 -7.24
CA GLN B 31 9.44 -41.54 -7.29
C GLN B 31 10.83 -41.46 -7.92
N LYS B 32 10.99 -40.59 -8.91
CA LYS B 32 12.26 -40.45 -9.62
CA LYS B 32 12.27 -40.45 -9.62
C LYS B 32 13.37 -39.96 -8.69
N ILE B 33 13.04 -39.06 -7.79
CA ILE B 33 13.99 -38.60 -6.79
C ILE B 33 14.22 -39.67 -5.74
N ALA B 34 13.14 -40.27 -5.26
CA ALA B 34 13.24 -41.27 -4.21
C ALA B 34 14.14 -42.44 -4.61
N GLU B 35 14.07 -42.86 -5.88
CA GLU B 35 14.85 -44.01 -6.31
C GLU B 35 16.35 -43.72 -6.40
N LEU B 36 16.74 -42.45 -6.31
CA LEU B 36 18.17 -42.12 -6.25
C LEU B 36 18.73 -42.40 -4.86
N MET B 37 17.85 -42.71 -3.92
CA MET B 37 18.23 -43.00 -2.55
C MET B 37 17.94 -44.44 -2.20
N ASP B 38 18.19 -44.83 -0.95
CA ASP B 38 18.03 -46.22 -0.54
C ASP B 38 16.63 -46.51 -0.01
N ASN B 39 16.16 -47.72 -0.24
CA ASN B 39 14.88 -48.18 0.28
C ASN B 39 13.70 -47.20 0.12
N PRO B 40 13.47 -46.72 -1.11
CA PRO B 40 12.31 -45.84 -1.30
C PRO B 40 10.98 -46.59 -1.08
N VAL B 41 10.07 -45.95 -0.39
CA VAL B 41 8.76 -46.54 -0.14
C VAL B 41 7.68 -45.50 -0.36
N PHE B 42 6.68 -45.85 -1.14
CA PHE B 42 5.51 -45.00 -1.34
C PHE B 42 4.70 -44.91 -0.06
N LEU B 43 4.34 -43.69 0.36
CA LEU B 43 3.52 -43.49 1.55
C LEU B 43 2.07 -43.15 1.22
N ALA B 44 1.86 -42.20 0.32
CA ALA B 44 0.50 -41.72 0.07
C ALA B 44 0.47 -40.87 -1.18
N SER B 45 -0.72 -40.80 -1.76
CA SER B 45 -0.98 -39.87 -2.83
CA SER B 45 -0.98 -39.84 -2.81
CA SER B 45 -1.00 -39.89 -2.85
C SER B 45 -2.40 -39.36 -2.66
N HIS B 46 -2.53 -38.07 -2.43
CA HIS B 46 -3.82 -37.40 -2.32
CA HIS B 46 -3.83 -37.42 -2.38
C HIS B 46 -3.68 -36.09 -3.07
N ARG B 47 -4.62 -35.79 -3.96
CA ARG B 47 -4.56 -34.54 -4.72
C ARG B 47 -3.18 -34.46 -5.40
N GLU B 48 -2.53 -33.31 -5.34
CA GLU B 48 -1.23 -33.15 -6.01
C GLU B 48 -0.05 -33.55 -5.15
N TYR B 49 -0.33 -34.26 -4.03
CA TYR B 49 0.69 -34.58 -3.04
C TYR B 49 1.01 -36.06 -3.05
N THR B 50 2.13 -36.40 -3.66
CA THR B 50 2.64 -37.76 -3.64
C THR B 50 3.84 -37.77 -2.71
N VAL B 51 3.82 -38.70 -1.75
CA VAL B 51 4.78 -38.71 -0.68
C VAL B 51 5.49 -40.06 -0.63
N TYR B 52 6.82 -40.03 -0.68
CA TYR B 52 7.65 -41.22 -0.48
C TYR B 52 8.61 -40.96 0.67
N ARG B 53 9.07 -42.05 1.27
CA ARG B 53 10.19 -41.99 2.19
CA ARG B 53 10.21 -41.97 2.17
C ARG B 53 11.37 -42.74 1.56
N ALA B 54 12.59 -42.40 1.95
CA ALA B 54 13.77 -43.12 1.52
C ALA B 54 14.86 -42.89 2.55
N GLU B 55 16.03 -43.42 2.29
CA GLU B 55 17.14 -43.33 3.21
C GLU B 55 18.38 -42.85 2.48
N LEU B 56 19.05 -41.88 3.09
CA LEU B 56 20.23 -41.29 2.50
C LEU B 56 21.33 -41.35 3.55
N ASP B 57 22.40 -42.08 3.25
CA ASP B 57 23.47 -42.30 4.22
C ASP B 57 22.92 -42.73 5.58
N GLY B 58 21.92 -43.61 5.56
CA GLY B 58 21.36 -44.16 6.78
C GLY B 58 20.33 -43.29 7.49
N GLN B 59 20.03 -42.12 6.92
CA GLN B 59 19.06 -41.23 7.54
C GLN B 59 17.80 -41.16 6.69
N SER B 60 16.65 -41.16 7.36
CA SER B 60 15.38 -41.07 6.66
CA SER B 60 15.39 -41.07 6.66
C SER B 60 15.19 -39.69 6.02
N VAL B 61 14.67 -39.70 4.80
CA VAL B 61 14.37 -38.49 4.04
CA VAL B 61 14.33 -38.47 4.12
C VAL B 61 12.97 -38.63 3.47
N VAL B 62 12.23 -37.55 3.38
CA VAL B 62 10.92 -37.55 2.72
CA VAL B 62 10.96 -37.63 2.68
C VAL B 62 11.03 -36.88 1.35
N VAL B 63 10.27 -37.39 0.37
CA VAL B 63 10.14 -36.70 -0.90
C VAL B 63 8.65 -36.45 -1.07
N CYS B 64 8.27 -35.20 -1.28
CA CYS B 64 6.85 -34.85 -1.33
C CYS B 64 6.61 -33.80 -2.40
N SER B 65 5.70 -34.06 -3.34
CA SER B 65 5.38 -33.02 -4.31
C SER B 65 4.53 -31.91 -3.71
N THR B 66 4.62 -30.73 -4.34
CA THR B 66 3.98 -29.54 -3.83
C THR B 66 2.80 -29.10 -4.65
N GLY B 67 2.68 -29.57 -5.89
CA GLY B 67 1.80 -28.93 -6.85
C GLY B 67 2.36 -27.61 -7.34
N ILE B 68 1.58 -26.93 -8.16
CA ILE B 68 1.95 -25.62 -8.66
C ILE B 68 1.45 -24.51 -7.74
N GLY B 69 2.36 -23.61 -7.40
CA GLY B 69 2.01 -22.40 -6.70
C GLY B 69 2.23 -22.42 -5.20
N GLY B 70 2.34 -21.22 -4.64
CA GLY B 70 2.50 -21.06 -3.22
C GLY B 70 1.42 -21.68 -2.33
N PRO B 71 0.14 -21.53 -2.70
CA PRO B 71 -0.89 -22.07 -1.80
C PRO B 71 -0.75 -23.58 -1.60
N SER B 72 -0.58 -24.32 -2.68
CA SER B 72 -0.49 -25.76 -2.49
CA SER B 72 -0.41 -25.76 -2.63
C SER B 72 0.85 -26.14 -1.85
N THR B 73 1.92 -25.40 -2.13
CA THR B 73 3.19 -25.62 -1.47
C THR B 73 3.10 -25.38 0.03
N SER B 74 2.39 -24.32 0.42
CA SER B 74 2.30 -23.96 1.84
C SER B 74 1.65 -25.07 2.68
N ILE B 75 0.68 -25.79 2.11
CA ILE B 75 0.05 -26.89 2.81
C ILE B 75 1.05 -28.02 3.05
N ALA B 76 1.78 -28.40 2.01
CA ALA B 76 2.70 -29.52 2.14
C ALA B 76 3.79 -29.19 3.17
N VAL B 77 4.33 -27.98 3.11
CA VAL B 77 5.40 -27.63 4.04
C VAL B 77 4.88 -27.61 5.46
N GLU B 78 3.71 -27.00 5.68
CA GLU B 78 3.13 -26.96 7.02
C GLU B 78 2.89 -28.35 7.58
N GLU B 79 2.29 -29.22 6.77
CA GLU B 79 1.93 -30.53 7.28
C GLU B 79 3.17 -31.39 7.52
N LEU B 80 4.17 -31.27 6.66
CA LEU B 80 5.44 -31.96 6.93
C LEU B 80 6.12 -31.41 8.19
N ALA B 81 6.06 -30.10 8.41
CA ALA B 81 6.65 -29.53 9.62
C ALA B 81 5.93 -30.04 10.87
N GLN B 82 4.61 -30.23 10.79
CA GLN B 82 3.87 -30.79 11.92
C GLN B 82 4.38 -32.18 12.29
N LEU B 83 4.92 -32.88 11.29
CA LEU B 83 5.39 -34.24 11.47
C LEU B 83 6.90 -34.33 11.67
N GLY B 84 7.53 -33.19 11.94
CA GLY B 84 8.92 -33.15 12.35
C GLY B 84 9.94 -32.73 11.31
N VAL B 85 9.52 -32.45 10.08
CA VAL B 85 10.46 -32.01 9.05
C VAL B 85 10.89 -30.57 9.30
N ARG B 86 12.19 -30.31 9.21
CA ARG B 86 12.72 -28.99 9.51
C ARG B 86 13.51 -28.38 8.36
N THR B 87 13.90 -29.18 7.37
CA THR B 87 14.69 -28.70 6.23
C THR B 87 13.99 -29.12 4.94
N PHE B 88 13.84 -28.16 4.01
CA PHE B 88 13.09 -28.34 2.77
C PHE B 88 13.95 -27.93 1.59
N LEU B 89 14.20 -28.87 0.68
CA LEU B 89 14.99 -28.58 -0.52
C LEU B 89 14.10 -28.65 -1.73
N ARG B 90 13.84 -27.50 -2.33
CA ARG B 90 13.03 -27.48 -3.54
CA ARG B 90 13.03 -27.40 -3.54
C ARG B 90 13.88 -27.66 -4.78
N VAL B 91 13.39 -28.49 -5.69
CA VAL B 91 14.00 -28.68 -7.00
C VAL B 91 12.92 -28.49 -8.05
N GLY B 92 13.21 -27.85 -9.17
N GLY B 92 13.34 -28.03 -9.21
CA GLY B 92 12.14 -27.54 -10.10
CA GLY B 92 12.56 -28.12 -10.42
C GLY B 92 12.59 -26.88 -11.38
C GLY B 92 13.40 -27.76 -11.63
N THR B 93 11.67 -26.73 -12.34
N THR B 93 12.71 -27.53 -12.74
CA THR B 93 12.03 -26.12 -13.62
CA THR B 93 13.32 -26.95 -13.92
C THR B 93 11.88 -24.60 -13.57
C THR B 93 12.71 -25.58 -14.11
N THR B 94 12.55 -23.92 -14.47
N THR B 94 13.38 -24.72 -14.86
CA THR B 94 12.48 -22.48 -14.51
CA THR B 94 12.92 -23.35 -14.98
C THR B 94 12.69 -21.90 -15.90
C THR B 94 13.32 -22.71 -16.29
N GLY B 95 12.15 -20.70 -16.15
N GLY B 95 12.69 -21.59 -16.60
CA GLY B 95 12.41 -19.96 -17.37
CA GLY B 95 13.15 -20.74 -17.69
C GLY B 95 13.43 -18.90 -17.04
C GLY B 95 14.14 -19.76 -17.11
N ALA B 96 14.61 -18.95 -17.67
N ALA B 96 14.81 -19.00 -17.97
CA ALA B 96 15.59 -17.89 -17.54
CA ALA B 96 15.65 -17.90 -17.52
C ALA B 96 15.14 -16.64 -18.26
C ALA B 96 15.35 -16.66 -18.35
N ILE B 97 15.59 -15.48 -17.77
CA ILE B 97 15.29 -14.23 -18.44
C ILE B 97 16.54 -13.39 -18.73
N GLN B 98 17.73 -13.96 -18.47
CA GLN B 98 19.00 -13.28 -18.75
C GLN B 98 19.71 -13.96 -19.89
N PRO B 99 20.29 -13.17 -20.81
CA PRO B 99 20.96 -13.78 -21.97
C PRO B 99 22.18 -14.64 -21.62
N HIS B 100 22.78 -14.43 -20.45
CA HIS B 100 23.98 -15.18 -20.09
C HIS B 100 23.70 -16.53 -19.44
N VAL B 101 22.42 -16.79 -19.19
CA VAL B 101 22.02 -18.05 -18.57
C VAL B 101 21.52 -18.99 -19.66
N ASN B 102 22.17 -20.14 -19.80
CA ASN B 102 21.82 -21.04 -20.88
C ASN B 102 20.93 -22.19 -20.44
N VAL B 103 20.18 -22.74 -21.40
CA VAL B 103 19.43 -23.95 -21.13
C VAL B 103 20.41 -25.03 -20.67
N GLY B 104 20.09 -25.73 -19.58
CA GLY B 104 20.99 -26.72 -19.04
C GLY B 104 21.78 -26.21 -17.84
N ASP B 105 21.85 -24.89 -17.68
CA ASP B 105 22.49 -24.30 -16.51
C ASP B 105 21.61 -24.53 -15.29
N MET B 106 22.17 -24.33 -14.11
CA MET B 106 21.38 -24.39 -12.89
C MET B 106 21.36 -23.08 -12.18
N ILE B 107 20.25 -22.80 -11.51
CA ILE B 107 20.14 -21.57 -10.72
C ILE B 107 19.85 -21.95 -9.28
N VAL B 108 20.60 -21.35 -8.36
CA VAL B 108 20.32 -21.46 -6.94
C VAL B 108 19.86 -20.08 -6.49
N THR B 109 18.64 -20.02 -5.94
CA THR B 109 18.02 -18.76 -5.60
C THR B 109 18.61 -18.18 -4.34
N THR B 110 19.09 -16.94 -4.40
CA THR B 110 19.61 -16.25 -3.21
C THR B 110 18.53 -15.36 -2.56
N GLY B 111 17.44 -15.12 -3.29
CA GLY B 111 16.34 -14.29 -2.79
C GLY B 111 15.28 -14.30 -3.86
N SER B 112 14.02 -14.13 -3.48
CA SER B 112 12.93 -14.11 -4.43
C SER B 112 12.16 -12.80 -4.41
N VAL B 113 11.81 -12.33 -5.60
CA VAL B 113 10.85 -11.25 -5.74
C VAL B 113 9.48 -11.83 -5.43
N ARG B 114 8.80 -11.24 -4.46
CA ARG B 114 7.57 -11.81 -3.94
C ARG B 114 6.36 -11.34 -4.76
N LEU B 115 6.15 -11.97 -5.92
CA LEU B 115 5.02 -11.65 -6.81
C LEU B 115 3.89 -12.66 -6.60
N ASP B 116 3.80 -13.11 -5.35
CA ASP B 116 2.84 -14.11 -4.90
C ASP B 116 1.92 -13.52 -3.84
N GLY B 117 1.03 -14.33 -3.30
CA GLY B 117 0.16 -13.89 -2.23
C GLY B 117 0.40 -14.66 -0.95
N ALA B 118 0.77 -15.94 -1.03
CA ALA B 118 0.85 -16.76 0.17
C ALA B 118 1.98 -16.30 1.10
N SER B 119 3.06 -15.73 0.55
CA SER B 119 4.14 -15.28 1.40
C SER B 119 3.63 -14.27 2.43
N LEU B 120 2.66 -13.43 2.05
CA LEU B 120 2.09 -12.42 2.94
C LEU B 120 1.28 -13.03 4.10
N HIS B 121 0.97 -14.32 4.01
CA HIS B 121 0.29 -15.02 5.07
C HIS B 121 1.25 -15.46 6.18
N PHE B 122 2.55 -15.23 5.95
CA PHE B 122 3.60 -15.57 6.92
C PHE B 122 4.38 -14.36 7.39
N ALA B 123 4.61 -13.40 6.50
CA ALA B 123 5.38 -12.22 6.87
C ALA B 123 4.97 -11.07 5.96
N PRO B 124 5.03 -9.83 6.47
CA PRO B 124 4.66 -8.68 5.63
C PRO B 124 5.67 -8.52 4.50
N MET B 125 5.32 -7.74 3.50
CA MET B 125 6.10 -7.68 2.25
C MET B 125 7.55 -7.25 2.46
N GLU B 126 7.81 -6.46 3.50
CA GLU B 126 9.16 -5.98 3.82
CA GLU B 126 9.17 -5.99 3.73
C GLU B 126 10.14 -7.10 4.12
N PHE B 127 9.61 -8.24 4.57
CA PHE B 127 10.47 -9.36 4.98
C PHE B 127 11.08 -10.04 3.73
N PRO B 128 12.38 -10.39 3.79
CA PRO B 128 13.04 -10.93 2.59
C PRO B 128 12.72 -12.41 2.36
N ALA B 129 12.38 -12.76 1.12
CA ALA B 129 12.20 -14.17 0.77
C ALA B 129 13.58 -14.75 0.48
N VAL B 130 14.27 -15.21 1.53
CA VAL B 130 15.67 -15.59 1.47
CA VAL B 130 15.64 -15.66 1.35
C VAL B 130 15.82 -17.06 1.89
N PRO B 131 16.72 -17.83 1.25
CA PRO B 131 16.96 -19.20 1.68
C PRO B 131 17.81 -19.24 2.93
N ASP B 132 17.80 -20.39 3.59
CA ASP B 132 18.79 -20.69 4.61
C ASP B 132 20.16 -20.73 3.94
N PHE B 133 21.14 -20.11 4.56
CA PHE B 133 22.46 -19.98 3.94
C PHE B 133 23.15 -21.32 3.75
N ASP B 134 23.00 -22.23 4.71
CA ASP B 134 23.61 -23.56 4.57
C ASP B 134 22.97 -24.33 3.41
N VAL B 135 21.66 -24.23 3.24
CA VAL B 135 21.03 -24.92 2.12
C VAL B 135 21.49 -24.35 0.80
N ALA B 136 21.50 -23.02 0.65
CA ALA B 136 21.99 -22.42 -0.58
C ALA B 136 23.45 -22.81 -0.87
N THR B 137 24.27 -22.87 0.17
CA THR B 137 25.67 -23.26 0.04
C THR B 137 25.80 -24.71 -0.43
N ALA B 138 25.00 -25.61 0.16
CA ALA B 138 24.99 -27.01 -0.21
C ALA B 138 24.52 -27.17 -1.66
N MET B 139 23.50 -26.41 -2.05
CA MET B 139 23.00 -26.54 -3.41
CA MET B 139 22.96 -26.46 -3.41
C MET B 139 24.02 -26.05 -4.42
N LYS B 140 24.70 -24.93 -4.13
CA LYS B 140 25.73 -24.45 -5.04
C LYS B 140 26.81 -25.50 -5.22
N ALA B 141 27.27 -26.09 -4.10
CA ALA B 141 28.34 -27.07 -4.15
C ALA B 141 27.91 -28.30 -4.93
N ALA B 142 26.71 -28.81 -4.66
CA ALA B 142 26.22 -29.98 -5.37
C ALA B 142 26.09 -29.68 -6.87
N ALA B 143 25.60 -28.49 -7.18
CA ALA B 143 25.42 -28.13 -8.58
C ALA B 143 26.76 -28.06 -9.30
N GLN B 144 27.74 -27.39 -8.68
CA GLN B 144 29.07 -27.31 -9.28
C GLN B 144 29.70 -28.69 -9.47
N GLU B 145 29.53 -29.55 -8.47
CA GLU B 145 30.13 -30.89 -8.52
C GLU B 145 29.50 -31.76 -9.61
N SER B 146 28.32 -31.39 -10.08
CA SER B 146 27.67 -32.14 -11.16
C SER B 146 28.25 -31.76 -12.51
N GLY B 147 29.06 -30.72 -12.55
CA GLY B 147 29.63 -30.26 -13.81
C GLY B 147 28.82 -29.13 -14.43
N ALA B 148 27.67 -28.82 -13.84
CA ALA B 148 26.80 -27.77 -14.38
C ALA B 148 27.40 -26.38 -14.22
N THR B 149 27.02 -25.48 -15.11
CA THR B 149 27.25 -24.07 -14.91
C THR B 149 26.16 -23.57 -13.97
N VAL B 150 26.57 -22.94 -12.87
CA VAL B 150 25.61 -22.54 -11.86
CA VAL B 150 25.67 -22.55 -11.79
C VAL B 150 25.60 -21.03 -11.64
N HIS B 151 24.39 -20.50 -11.49
CA HIS B 151 24.20 -19.08 -11.22
C HIS B 151 23.52 -18.91 -9.88
N MET B 152 24.09 -18.04 -9.04
CA MET B 152 23.48 -17.62 -7.79
C MET B 152 22.79 -16.29 -8.03
N GLY B 153 21.53 -16.17 -7.68
CA GLY B 153 20.90 -14.86 -7.81
C GLY B 153 19.44 -14.84 -7.51
N VAL B 154 18.81 -13.71 -7.87
CA VAL B 154 17.43 -13.45 -7.53
C VAL B 154 16.48 -14.07 -8.55
N THR B 155 15.38 -14.63 -8.04
CA THR B 155 14.35 -15.26 -8.83
C THR B 155 13.05 -14.49 -8.66
N ALA B 156 12.30 -14.27 -9.73
CA ALA B 156 10.99 -13.63 -9.63
C ALA B 156 9.95 -14.74 -9.46
N SER B 157 9.19 -14.71 -8.36
CA SER B 157 8.30 -15.81 -8.04
C SER B 157 6.86 -15.34 -8.13
N SER B 158 6.16 -15.83 -9.14
CA SER B 158 4.87 -15.29 -9.57
C SER B 158 3.71 -16.23 -9.24
N ASP B 159 2.58 -15.66 -8.81
CA ASP B 159 1.35 -16.44 -8.61
C ASP B 159 0.66 -16.83 -9.91
N THR B 160 1.17 -16.35 -11.05
CA THR B 160 0.64 -16.82 -12.32
C THR B 160 1.76 -17.23 -13.27
N PHE B 161 1.42 -18.10 -14.22
CA PHE B 161 2.36 -18.47 -15.25
C PHE B 161 2.31 -17.46 -16.40
N TYR B 162 1.17 -16.80 -16.56
CA TYR B 162 0.92 -15.99 -17.74
C TYR B 162 1.11 -14.49 -17.49
N PRO B 163 0.12 -13.74 -16.98
CA PRO B 163 0.36 -12.29 -16.89
C PRO B 163 1.49 -11.88 -15.93
N GLY B 164 1.68 -12.60 -14.84
CA GLY B 164 2.72 -12.27 -13.89
C GLY B 164 4.12 -12.54 -14.41
N GLN B 165 4.23 -13.32 -15.50
CA GLN B 165 5.51 -13.49 -16.19
C GLN B 165 5.52 -12.72 -17.51
N GLU B 166 4.60 -11.76 -17.59
CA GLU B 166 4.43 -10.89 -18.75
C GLU B 166 4.36 -11.68 -20.07
N ARG B 167 3.55 -12.73 -20.07
CA ARG B 167 3.22 -13.44 -21.31
C ARG B 167 1.99 -12.80 -21.94
N TYR B 168 2.08 -12.49 -23.23
CA TYR B 168 0.98 -11.91 -23.99
C TYR B 168 0.30 -12.91 -24.93
N ASP B 169 0.88 -14.08 -25.12
CA ASP B 169 0.28 -15.06 -26.04
CA ASP B 169 0.31 -15.07 -26.02
C ASP B 169 -0.79 -15.85 -25.31
N THR B 170 -1.88 -15.17 -25.01
CA THR B 170 -2.91 -15.70 -24.14
C THR B 170 -4.29 -15.44 -24.71
N PHE B 171 -5.29 -15.95 -24.02
CA PHE B 171 -6.67 -15.77 -24.46
C PHE B 171 -7.04 -14.29 -24.66
N THR B 172 -6.72 -13.45 -23.68
CA THR B 172 -7.04 -12.03 -23.84
C THR B 172 -5.92 -11.21 -24.46
N GLY B 173 -4.68 -11.68 -24.37
CA GLY B 173 -3.54 -10.89 -24.81
C GLY B 173 -3.27 -9.66 -23.96
N ARG B 174 -3.93 -9.56 -22.81
CA ARG B 174 -3.73 -8.41 -21.94
CA ARG B 174 -3.84 -8.41 -21.90
C ARG B 174 -2.92 -8.76 -20.72
N VAL B 175 -2.17 -7.77 -20.26
CA VAL B 175 -1.44 -7.89 -18.98
C VAL B 175 -1.80 -6.66 -18.17
N VAL B 176 -2.26 -6.89 -16.94
CA VAL B 176 -2.68 -5.81 -16.06
C VAL B 176 -1.52 -4.82 -15.84
N ARG B 177 -1.89 -3.56 -15.58
CA ARG B 177 -0.92 -2.47 -15.44
CA ARG B 177 -0.94 -2.46 -15.42
C ARG B 177 0.31 -2.82 -14.59
N ARG B 178 0.07 -3.44 -13.43
CA ARG B 178 1.14 -3.81 -12.50
C ARG B 178 2.28 -4.56 -13.21
N PHE B 179 1.93 -5.41 -14.18
CA PHE B 179 2.90 -6.30 -14.79
C PHE B 179 3.34 -5.85 -16.18
N GLN B 180 2.74 -4.80 -16.73
CA GLN B 180 3.21 -4.28 -18.02
CA GLN B 180 3.21 -4.30 -18.02
C GLN B 180 4.62 -3.75 -17.87
N GLY B 181 5.53 -4.19 -18.75
CA GLY B 181 6.93 -3.78 -18.68
C GLY B 181 7.74 -4.47 -17.59
N SER B 182 7.12 -5.37 -16.85
CA SER B 182 7.79 -5.94 -15.68
C SER B 182 8.95 -6.86 -16.06
N MET B 183 8.85 -7.59 -17.17
CA MET B 183 9.95 -8.48 -17.56
CA MET B 183 9.97 -8.49 -17.49
C MET B 183 11.25 -7.70 -17.72
N LYS B 184 11.17 -6.61 -18.49
CA LYS B 184 12.33 -5.76 -18.70
C LYS B 184 12.84 -5.15 -17.40
N GLU B 185 11.92 -4.76 -16.53
CA GLU B 185 12.27 -4.24 -15.21
CA GLU B 185 12.29 -4.24 -15.23
CA GLU B 185 12.32 -4.23 -15.23
C GLU B 185 13.13 -5.25 -14.45
N TRP B 186 12.66 -6.48 -14.35
CA TRP B 186 13.42 -7.48 -13.62
C TRP B 186 14.73 -7.81 -14.32
N GLN B 187 14.72 -7.84 -15.65
CA GLN B 187 15.96 -8.10 -16.37
C GLN B 187 16.99 -7.05 -16.05
N ASP B 188 16.58 -5.79 -16.05
CA ASP B 188 17.51 -4.70 -15.78
C ASP B 188 18.00 -4.70 -14.33
N MET B 189 17.21 -5.27 -13.44
CA MET B 189 17.60 -5.43 -12.05
C MET B 189 18.41 -6.70 -11.77
N GLY B 190 18.70 -7.46 -12.81
CA GLY B 190 19.57 -8.62 -12.63
C GLY B 190 18.88 -9.92 -12.25
N VAL B 191 17.55 -9.92 -12.23
CA VAL B 191 16.80 -11.14 -11.90
C VAL B 191 17.07 -12.23 -12.93
N LEU B 192 17.28 -13.45 -12.47
CA LEU B 192 17.71 -14.54 -13.35
C LEU B 192 16.59 -15.27 -14.07
N ASN B 193 15.44 -15.42 -13.41
CA ASN B 193 14.45 -16.42 -13.86
C ASN B 193 13.11 -16.18 -13.18
N PHE B 194 12.08 -16.75 -13.77
CA PHE B 194 10.74 -16.84 -13.16
C PHE B 194 10.46 -18.26 -12.70
N GLU B 195 9.78 -18.39 -11.57
CA GLU B 195 9.08 -19.63 -11.22
C GLU B 195 7.90 -19.24 -10.33
N MET B 196 7.26 -20.19 -9.67
CA MET B 196 5.96 -19.92 -9.05
C MET B 196 5.82 -20.35 -7.60
N GLU B 197 6.90 -20.81 -6.95
CA GLU B 197 6.76 -21.29 -5.58
C GLU B 197 7.76 -20.73 -4.58
N SER B 198 8.90 -20.23 -5.05
CA SER B 198 9.98 -19.92 -4.12
C SER B 198 9.66 -18.79 -3.14
N ALA B 199 8.92 -17.77 -3.56
CA ALA B 199 8.65 -16.68 -2.61
C ALA B 199 7.87 -17.20 -1.44
N THR B 200 6.88 -18.06 -1.70
CA THR B 200 6.11 -18.61 -0.61
C THR B 200 6.98 -19.51 0.25
N LEU B 201 7.68 -20.45 -0.39
CA LEU B 201 8.50 -21.39 0.36
C LEU B 201 9.53 -20.68 1.23
N LEU B 202 10.28 -19.76 0.64
CA LEU B 202 11.40 -19.15 1.35
C LEU B 202 10.88 -18.25 2.46
N THR B 203 9.80 -17.51 2.21
CA THR B 203 9.28 -16.61 3.23
C THR B 203 8.69 -17.39 4.40
N MET B 204 7.89 -18.41 4.08
CA MET B 204 7.29 -19.24 5.11
CA MET B 204 7.28 -19.19 5.16
C MET B 204 8.36 -19.86 6.00
N CYS B 205 9.39 -20.42 5.37
CA CYS B 205 10.40 -21.10 6.13
C CYS B 205 11.29 -20.16 6.93
N ALA B 206 11.74 -19.06 6.30
CA ALA B 206 12.63 -18.12 6.95
C ALA B 206 11.98 -17.45 8.15
N SER B 207 10.65 -17.39 8.15
CA SER B 207 9.91 -16.73 9.22
C SER B 207 9.33 -17.72 10.23
N SER B 208 9.59 -19.03 10.04
CA SER B 208 8.98 -20.06 10.86
C SER B 208 9.99 -21.04 11.47
N GLY B 209 11.28 -20.74 11.36
CA GLY B 209 12.28 -21.61 11.97
C GLY B 209 12.54 -22.87 11.18
N LEU B 210 12.30 -22.83 9.87
CA LEU B 210 12.58 -23.96 8.99
C LEU B 210 13.67 -23.58 8.01
N LYS B 211 14.50 -24.52 7.60
CA LYS B 211 15.56 -24.26 6.64
CA LYS B 211 15.56 -24.26 6.64
C LYS B 211 15.08 -24.62 5.25
N ALA B 212 15.24 -23.71 4.29
CA ALA B 212 14.79 -23.98 2.92
C ALA B 212 15.74 -23.41 1.89
N GLY B 213 15.72 -23.99 0.70
CA GLY B 213 16.42 -23.44 -0.43
C GLY B 213 15.81 -23.97 -1.70
N CYS B 214 16.19 -23.37 -2.83
CA CYS B 214 15.67 -23.74 -4.15
CA CYS B 214 15.66 -23.73 -4.13
C CYS B 214 16.78 -23.84 -5.16
N VAL B 215 16.75 -24.92 -5.94
CA VAL B 215 17.67 -25.10 -7.07
C VAL B 215 16.82 -25.51 -8.27
N ALA B 216 17.19 -25.02 -9.45
CA ALA B 216 16.39 -25.27 -10.63
C ALA B 216 17.27 -25.47 -11.84
N GLY B 217 16.87 -26.40 -12.71
CA GLY B 217 17.49 -26.51 -14.02
C GLY B 217 16.80 -25.61 -15.04
N VAL B 218 17.60 -24.93 -15.85
CA VAL B 218 17.04 -24.02 -16.85
C VAL B 218 16.58 -24.80 -18.08
N ILE B 219 15.28 -24.72 -18.40
CA ILE B 219 14.75 -25.42 -19.58
C ILE B 219 14.31 -24.57 -20.74
N ILE B 220 14.15 -23.28 -20.51
CA ILE B 220 13.90 -22.32 -21.60
CA ILE B 220 13.91 -22.34 -21.59
C ILE B 220 14.56 -21.01 -21.23
N ASN B 221 14.84 -20.19 -22.22
CA ASN B 221 15.35 -18.86 -21.96
C ASN B 221 14.48 -17.91 -22.78
N ARG B 222 13.75 -17.03 -22.08
CA ARG B 222 12.78 -16.12 -22.68
C ARG B 222 13.43 -15.19 -23.72
N THR B 223 14.76 -15.07 -23.68
CA THR B 223 15.48 -14.14 -24.56
C THR B 223 16.06 -14.80 -25.81
N GLN B 224 16.01 -16.13 -25.87
CA GLN B 224 16.55 -16.88 -26.99
C GLN B 224 15.44 -17.45 -27.86
N LYS B 225 15.55 -17.25 -29.18
CA LYS B 225 14.54 -17.71 -30.14
C LYS B 225 14.68 -19.20 -30.42
N GLU B 226 15.90 -19.71 -30.32
N GLU B 226 15.90 -19.71 -30.29
CA GLU B 226 16.16 -21.11 -30.65
CA GLU B 226 16.21 -21.10 -30.59
C GLU B 226 15.51 -22.07 -29.66
C GLU B 226 15.55 -22.08 -29.63
N ILE B 227 15.30 -23.30 -30.11
CA ILE B 227 14.63 -24.33 -29.32
C ILE B 227 15.64 -25.36 -28.81
N PRO B 228 15.68 -25.59 -27.49
CA PRO B 228 16.63 -26.56 -26.94
C PRO B 228 16.34 -27.97 -27.43
N ASP B 229 17.39 -28.73 -27.74
CA ASP B 229 17.17 -30.09 -28.24
C ASP B 229 16.79 -31.02 -27.09
N HIS B 230 16.11 -32.12 -27.42
CA HIS B 230 15.55 -33.09 -26.47
CA HIS B 230 15.56 -32.95 -26.36
C HIS B 230 16.60 -33.69 -25.54
N ALA B 231 17.79 -33.90 -26.08
CA ALA B 231 18.88 -34.49 -25.30
C ALA B 231 19.29 -33.56 -24.17
N THR B 232 19.40 -32.27 -24.47
CA THR B 232 19.77 -31.29 -23.45
C THR B 232 18.73 -31.25 -22.35
N LEU B 233 17.46 -31.22 -22.72
CA LEU B 233 16.37 -31.20 -21.75
C LEU B 233 16.34 -32.45 -20.86
N LYS B 234 16.48 -33.63 -21.47
CA LYS B 234 16.51 -34.88 -20.72
C LYS B 234 17.65 -34.88 -19.71
N GLU B 235 18.82 -34.45 -20.16
CA GLU B 235 20.00 -34.39 -19.31
CA GLU B 235 20.00 -34.39 -19.30
C GLU B 235 19.81 -33.40 -18.16
N THR B 236 19.13 -32.31 -18.44
CA THR B 236 18.90 -31.28 -17.44
C THR B 236 17.97 -31.77 -16.34
N GLU B 237 16.90 -32.45 -16.73
CA GLU B 237 15.97 -33.04 -15.77
CA GLU B 237 15.99 -32.98 -15.72
C GLU B 237 16.70 -33.99 -14.84
N ALA B 238 17.51 -34.87 -15.44
CA ALA B 238 18.23 -35.88 -14.66
C ALA B 238 19.26 -35.21 -13.74
N ARG B 239 19.96 -34.21 -14.27
CA ARG B 239 20.98 -33.54 -13.47
CA ARG B 239 20.99 -33.53 -13.48
C ARG B 239 20.37 -32.83 -12.27
N SER B 240 19.23 -32.19 -12.47
CA SER B 240 18.62 -31.43 -11.38
CA SER B 240 18.60 -31.44 -11.38
C SER B 240 18.29 -32.31 -10.17
N ILE B 241 17.76 -33.51 -10.41
CA ILE B 241 17.44 -34.34 -9.26
C ILE B 241 18.65 -35.01 -8.64
N LYS B 242 19.66 -35.33 -9.45
CA LYS B 242 20.93 -35.80 -8.89
CA LYS B 242 20.93 -35.80 -8.89
C LYS B 242 21.49 -34.72 -7.96
N VAL B 243 21.43 -33.46 -8.42
CA VAL B 243 21.95 -32.36 -7.64
C VAL B 243 21.21 -32.15 -6.31
N VAL B 244 19.88 -32.22 -6.34
CA VAL B 244 19.16 -31.97 -5.08
C VAL B 244 19.41 -33.08 -4.04
N VAL B 245 19.60 -34.31 -4.51
CA VAL B 245 19.92 -35.40 -3.60
C VAL B 245 21.31 -35.21 -3.00
N GLU B 246 22.28 -34.79 -3.82
CA GLU B 246 23.62 -34.51 -3.31
CA GLU B 246 23.61 -34.50 -3.31
C GLU B 246 23.60 -33.33 -2.34
N ALA B 247 22.75 -32.33 -2.61
CA ALA B 247 22.61 -31.21 -1.67
C ALA B 247 22.03 -31.70 -0.33
N ALA B 248 21.06 -32.62 -0.40
CA ALA B 248 20.49 -33.20 0.80
C ALA B 248 21.56 -33.95 1.59
N ARG B 249 22.41 -34.69 0.88
CA ARG B 249 23.51 -35.41 1.53
CA ARG B 249 23.51 -35.41 1.53
C ARG B 249 24.39 -34.45 2.31
N LYS B 250 24.68 -33.30 1.70
CA LYS B 250 25.52 -32.30 2.36
C LYS B 250 24.84 -31.70 3.61
N MET B 251 23.51 -31.61 3.59
CA MET B 251 22.79 -31.07 4.75
C MET B 251 22.69 -32.05 5.91
N LEU B 252 22.78 -33.35 5.62
CA LEU B 252 22.65 -34.39 6.64
C LEU B 252 23.98 -34.72 7.29
N LYS B 253 25.08 -34.18 6.75
CA LYS B 253 26.41 -34.52 7.24
C LYS B 253 26.64 -34.03 8.66
N LYS C 3 36.05 11.01 -13.41
CA LYS C 3 35.40 12.31 -13.33
C LYS C 3 35.34 12.83 -11.89
N THR C 4 34.38 13.71 -11.64
N THR C 4 34.32 13.65 -11.64
CA THR C 4 34.10 14.19 -10.28
CA THR C 4 34.07 14.30 -10.36
C THR C 4 32.72 13.74 -9.87
C THR C 4 32.63 13.99 -9.90
N VAL C 5 32.42 13.89 -8.58
CA VAL C 5 31.08 13.58 -8.04
C VAL C 5 30.56 14.72 -7.16
N PHE C 6 29.28 14.68 -6.81
CA PHE C 6 28.67 15.83 -6.13
C PHE C 6 29.00 15.95 -4.62
N HIS C 7 29.19 14.83 -3.92
CA HIS C 7 29.29 14.87 -2.46
C HIS C 7 30.62 14.40 -1.89
N LEU C 8 31.22 13.37 -2.50
CA LEU C 8 32.37 12.71 -1.85
C LEU C 8 33.69 13.46 -1.93
N GLY C 9 33.83 14.37 -2.88
CA GLY C 9 35.04 15.20 -2.95
C GLY C 9 36.30 14.47 -3.40
N VAL C 10 36.11 13.35 -4.09
CA VAL C 10 37.21 12.59 -4.63
C VAL C 10 36.97 12.36 -6.12
N THR C 11 38.05 12.05 -6.84
CA THR C 11 37.99 11.78 -8.26
C THR C 11 38.33 10.32 -8.51
N GLU C 12 38.10 9.87 -9.74
CA GLU C 12 38.45 8.50 -10.06
C GLU C 12 39.95 8.28 -9.89
N ALA C 13 40.76 9.25 -10.31
CA ALA C 13 42.20 9.13 -10.14
C ALA C 13 42.62 8.95 -8.67
N ASP C 14 41.92 9.61 -7.74
CA ASP C 14 42.20 9.46 -6.31
C ASP C 14 42.10 8.02 -5.82
N LEU C 15 41.26 7.22 -6.46
CA LEU C 15 41.00 5.86 -5.99
C LEU C 15 42.07 4.87 -6.47
N ASN C 16 42.95 5.32 -7.36
CA ASN C 16 44.04 4.48 -7.86
CA ASN C 16 44.04 4.48 -7.86
C ASN C 16 43.59 3.10 -8.36
N GLY C 17 42.46 3.07 -9.04
CA GLY C 17 41.97 1.84 -9.65
C GLY C 17 41.14 0.95 -8.75
N ALA C 18 40.85 1.41 -7.54
CA ALA C 18 40.08 0.58 -6.61
C ALA C 18 38.72 0.22 -7.17
N THR C 19 38.35 -1.04 -7.03
CA THR C 19 37.01 -1.46 -7.41
C THR C 19 36.23 -2.06 -6.24
N LEU C 20 36.83 -2.05 -5.05
CA LEU C 20 36.19 -2.53 -3.84
C LEU C 20 36.27 -1.43 -2.79
N ALA C 21 35.17 -1.25 -2.07
CA ALA C 21 35.10 -0.29 -0.97
C ALA C 21 34.64 -0.98 0.29
N ILE C 22 35.26 -0.62 1.40
CA ILE C 22 34.74 -0.95 2.72
C ILE C 22 34.02 0.30 3.21
N ILE C 23 32.79 0.13 3.67
CA ILE C 23 31.92 1.26 3.97
C ILE C 23 31.36 1.18 5.38
N PRO C 24 32.11 1.68 6.36
CA PRO C 24 31.59 1.79 7.73
C PRO C 24 30.61 2.95 7.82
N GLY C 25 29.87 3.02 8.91
CA GLY C 25 28.97 4.14 9.11
C GLY C 25 29.64 5.39 9.68
N ASP C 26 30.46 5.20 10.71
CA ASP C 26 31.07 6.30 11.45
C ASP C 26 32.32 6.79 10.72
N PRO C 27 32.37 8.08 10.37
CA PRO C 27 33.58 8.66 9.75
C PRO C 27 34.85 8.37 10.55
N ALA C 28 34.77 8.31 11.88
CA ALA C 28 35.96 8.04 12.70
C ALA C 28 36.53 6.63 12.53
N ARG C 29 35.74 5.71 11.97
CA ARG C 29 36.19 4.34 11.80
CA ARG C 29 36.18 4.34 11.80
C ARG C 29 37.01 4.17 10.52
N VAL C 30 36.93 5.16 9.62
CA VAL C 30 37.56 5.03 8.31
C VAL C 30 39.08 4.90 8.42
N GLN C 31 39.70 5.81 9.17
CA GLN C 31 41.13 5.75 9.35
C GLN C 31 41.56 4.44 10.04
N LYS C 32 40.75 3.98 11.00
CA LYS C 32 41.07 2.76 11.73
C LYS C 32 41.12 1.56 10.78
N ILE C 33 40.16 1.49 9.87
CA ILE C 33 40.11 0.41 8.89
C ILE C 33 41.27 0.53 7.89
N ALA C 34 41.49 1.75 7.39
CA ALA C 34 42.56 1.97 6.41
C ALA C 34 43.91 1.56 6.97
N GLU C 35 44.12 1.83 8.26
CA GLU C 35 45.41 1.53 8.88
C GLU C 35 45.67 0.05 9.13
N LEU C 36 44.65 -0.78 8.94
CA LEU C 36 44.84 -2.23 8.96
C LEU C 36 45.46 -2.73 7.65
N MET C 37 45.50 -1.87 6.64
CA MET C 37 46.01 -2.22 5.32
C MET C 37 47.30 -1.44 5.06
N ASP C 38 47.85 -1.55 3.86
CA ASP C 38 49.14 -0.95 3.57
C ASP C 38 48.97 0.43 2.95
N ASN C 39 49.94 1.31 3.23
CA ASN C 39 49.96 2.64 2.63
C ASN C 39 48.62 3.38 2.68
N PRO C 40 48.03 3.49 3.88
CA PRO C 40 46.78 4.25 3.98
C PRO C 40 47.00 5.74 3.68
N VAL C 41 46.09 6.33 2.91
CA VAL C 41 46.18 7.72 2.48
C VAL C 41 44.82 8.38 2.65
N PHE C 42 44.79 9.49 3.40
CA PHE C 42 43.59 10.30 3.53
C PHE C 42 43.28 11.00 2.20
N LEU C 43 42.04 10.85 1.73
CA LEU C 43 41.66 11.52 0.48
C LEU C 43 40.80 12.76 0.68
N ALA C 44 39.74 12.64 1.46
CA ALA C 44 38.83 13.76 1.63
C ALA C 44 37.89 13.55 2.81
N SER C 45 37.40 14.65 3.32
CA SER C 45 36.32 14.60 4.30
CA SER C 45 36.32 14.61 4.31
CA SER C 45 36.33 14.62 4.31
C SER C 45 35.36 15.75 4.04
N HIS C 46 34.11 15.41 3.74
CA HIS C 46 33.04 16.38 3.53
CA HIS C 46 33.04 16.39 3.55
C HIS C 46 31.78 15.80 4.15
N ARG C 47 31.08 16.60 4.95
CA ARG C 47 29.90 16.12 5.65
CA ARG C 47 29.90 16.12 5.66
CA ARG C 47 29.90 16.12 5.65
C ARG C 47 30.22 14.80 6.37
N GLU C 48 29.36 13.81 6.23
CA GLU C 48 29.60 12.53 6.92
CA GLU C 48 29.52 12.51 6.87
C GLU C 48 30.46 11.58 6.13
N TYR C 49 31.08 12.07 5.06
CA TYR C 49 31.85 11.22 4.17
C TYR C 49 33.34 11.47 4.31
N THR C 50 34.00 10.56 5.02
CA THR C 50 35.45 10.54 5.12
C THR C 50 35.95 9.40 4.24
N VAL C 51 36.93 9.70 3.39
CA VAL C 51 37.39 8.76 2.38
C VAL C 51 38.90 8.61 2.47
N TYR C 52 39.33 7.35 2.58
CA TYR C 52 40.74 6.95 2.53
C TYR C 52 40.93 5.94 1.42
N ARG C 53 42.17 5.80 0.99
CA ARG C 53 42.56 4.69 0.13
C ARG C 53 43.64 3.90 0.86
N ALA C 54 43.76 2.61 0.57
CA ALA C 54 44.89 1.81 1.07
C ALA C 54 45.13 0.70 0.09
N GLU C 55 46.09 -0.15 0.41
CA GLU C 55 46.43 -1.27 -0.45
C GLU C 55 46.34 -2.57 0.34
N LEU C 56 45.76 -3.57 -0.31
CA LEU C 56 45.53 -4.87 0.30
C LEU C 56 46.05 -5.88 -0.69
N ASP C 57 47.09 -6.62 -0.30
CA ASP C 57 47.75 -7.57 -1.20
C ASP C 57 48.09 -6.89 -2.53
N GLY C 58 48.52 -5.64 -2.45
CA GLY C 58 48.97 -4.90 -3.63
C GLY C 58 47.88 -4.26 -4.47
N GLN C 59 46.62 -4.41 -4.06
CA GLN C 59 45.50 -3.83 -4.80
C GLN C 59 44.88 -2.68 -4.02
N SER C 60 44.51 -1.62 -4.75
CA SER C 60 43.89 -0.46 -4.12
CA SER C 60 43.90 -0.47 -4.11
C SER C 60 42.48 -0.78 -3.61
N VAL C 61 42.21 -0.33 -2.39
CA VAL C 61 40.90 -0.48 -1.74
CA VAL C 61 40.87 -0.43 -1.85
C VAL C 61 40.49 0.91 -1.23
N VAL C 62 39.23 1.26 -1.34
CA VAL C 62 38.79 2.53 -0.77
CA VAL C 62 38.71 2.52 -0.80
C VAL C 62 38.00 2.25 0.50
N VAL C 63 38.13 3.13 1.48
CA VAL C 63 37.33 3.07 2.70
C VAL C 63 36.57 4.38 2.78
N CYS C 64 35.24 4.31 2.89
CA CYS C 64 34.41 5.51 2.81
C CYS C 64 33.27 5.37 3.81
N SER C 65 33.11 6.35 4.70
CA SER C 65 31.96 6.29 5.62
C SER C 65 30.67 6.62 4.90
N THR C 66 29.58 6.10 5.46
CA THR C 66 28.25 6.29 4.85
C THR C 66 27.38 7.31 5.57
N GLY C 67 27.71 7.63 6.82
CA GLY C 67 26.75 8.29 7.69
C GLY C 67 25.68 7.32 8.14
N ILE C 68 24.69 7.83 8.89
CA ILE C 68 23.61 7.00 9.36
C ILE C 68 22.45 7.04 8.39
N GLY C 69 21.95 5.85 8.04
CA GLY C 69 20.73 5.72 7.29
C GLY C 69 20.89 5.48 5.81
N GLY C 70 19.85 4.92 5.23
CA GLY C 70 19.82 4.65 3.80
C GLY C 70 20.06 5.85 2.89
N PRO C 71 19.46 7.01 3.20
CA PRO C 71 19.66 8.14 2.28
C PRO C 71 21.14 8.52 2.14
N SER C 72 21.82 8.70 3.25
CA SER C 72 23.21 9.11 3.12
CA SER C 72 23.22 9.05 3.26
C SER C 72 24.07 7.98 2.57
N THR C 73 23.73 6.73 2.87
CA THR C 73 24.42 5.58 2.30
C THR C 73 24.24 5.54 0.77
N SER C 74 23.03 5.81 0.30
CA SER C 74 22.73 5.72 -1.13
C SER C 74 23.57 6.69 -1.96
N ILE C 75 23.84 7.87 -1.39
CA ILE C 75 24.68 8.84 -2.08
C ILE C 75 26.11 8.31 -2.21
N ALA C 76 26.66 7.80 -1.10
CA ALA C 76 28.03 7.32 -1.13
C ALA C 76 28.20 6.16 -2.12
N VAL C 77 27.26 5.22 -2.10
CA VAL C 77 27.36 4.05 -2.97
C VAL C 77 27.25 4.47 -4.43
N GLU C 78 26.31 5.35 -4.74
CA GLU C 78 26.14 5.80 -6.11
C GLU C 78 27.40 6.49 -6.61
N GLU C 79 27.96 7.36 -5.78
CA GLU C 79 29.09 8.16 -6.23
C GLU C 79 30.36 7.30 -6.32
N LEU C 80 30.55 6.35 -5.38
CA LEU C 80 31.64 5.41 -5.52
C LEU C 80 31.49 4.58 -6.79
N ALA C 81 30.26 4.17 -7.11
CA ALA C 81 30.04 3.40 -8.36
C ALA C 81 30.38 4.24 -9.58
N GLN C 82 30.04 5.53 -9.55
CA GLN C 82 30.41 6.42 -10.67
C GLN C 82 31.92 6.47 -10.84
N LEU C 83 32.65 6.27 -9.75
CA LEU C 83 34.11 6.30 -9.78
C LEU C 83 34.75 4.92 -9.94
N GLY C 84 33.95 3.90 -10.23
CA GLY C 84 34.48 2.60 -10.62
C GLY C 84 34.36 1.49 -9.59
N VAL C 85 33.83 1.79 -8.40
CA VAL C 85 33.69 0.77 -7.39
C VAL C 85 32.52 -0.16 -7.73
N ARG C 86 32.74 -1.47 -7.57
CA ARG C 86 31.75 -2.48 -7.93
C ARG C 86 31.37 -3.40 -6.76
N THR C 87 32.19 -3.41 -5.71
CA THR C 87 31.97 -4.29 -4.57
C THR C 87 32.00 -3.46 -3.30
N PHE C 88 31.00 -3.67 -2.44
CA PHE C 88 30.81 -2.85 -1.23
C PHE C 88 30.67 -3.76 -0.02
N LEU C 89 31.59 -3.62 0.93
CA LEU C 89 31.56 -4.39 2.17
CA LEU C 89 31.55 -4.40 2.15
C LEU C 89 31.20 -3.48 3.33
N ARG C 90 30.00 -3.66 3.86
CA ARG C 90 29.58 -2.86 4.99
CA ARG C 90 29.52 -2.89 4.99
C ARG C 90 29.97 -3.53 6.29
N VAL C 91 30.52 -2.73 7.20
CA VAL C 91 30.79 -3.18 8.54
C VAL C 91 30.12 -2.16 9.46
N GLY C 92 29.59 -2.64 10.58
N GLY C 92 29.53 -2.64 10.56
CA GLY C 92 29.03 -1.73 11.56
CA GLY C 92 28.85 -1.72 11.46
C GLY C 92 28.78 -2.41 12.87
C GLY C 92 28.32 -2.43 12.68
N THR C 93 28.08 -1.71 13.75
CA THR C 93 27.59 -2.27 15.01
C THR C 93 26.11 -2.55 14.93
N THR C 94 25.65 -3.40 15.82
CA THR C 94 24.24 -3.77 15.78
C THR C 94 23.70 -4.12 17.16
N GLY C 95 22.39 -4.05 17.29
CA GLY C 95 21.72 -4.56 18.47
C GLY C 95 20.99 -5.84 18.13
N ALA C 96 21.33 -6.90 18.83
CA ALA C 96 20.67 -8.19 18.62
C ALA C 96 19.32 -8.19 19.32
N ILE C 97 18.39 -8.99 18.79
CA ILE C 97 17.07 -9.11 19.42
C ILE C 97 16.74 -10.54 19.85
N GLN C 98 17.63 -11.50 19.55
CA GLN C 98 17.39 -12.90 19.92
C GLN C 98 18.18 -13.22 21.19
N PRO C 99 17.55 -13.91 22.15
CA PRO C 99 18.27 -14.26 23.38
C PRO C 99 19.50 -15.12 23.14
N HIS C 100 19.53 -15.91 22.07
CA HIS C 100 20.67 -16.81 21.83
C HIS C 100 21.86 -16.12 21.17
N VAL C 101 21.69 -14.87 20.75
CA VAL C 101 22.78 -14.09 20.19
C VAL C 101 23.42 -13.24 21.28
N ASN C 102 24.70 -13.48 21.56
CA ASN C 102 25.35 -12.78 22.66
C ASN C 102 26.07 -11.52 22.23
N VAL C 103 26.17 -10.58 23.17
CA VAL C 103 27.05 -9.44 22.97
C VAL C 103 28.44 -9.97 22.63
N GLY C 104 29.04 -9.41 21.57
CA GLY C 104 30.35 -9.85 21.10
C GLY C 104 30.30 -10.83 19.94
N ASP C 105 29.13 -11.42 19.69
CA ASP C 105 28.96 -12.26 18.51
C ASP C 105 28.99 -11.40 17.25
N MET C 106 29.10 -12.06 16.10
CA MET C 106 29.00 -11.35 14.84
CA MET C 106 29.05 -11.39 14.81
C MET C 106 27.84 -11.87 14.02
N ILE C 107 27.30 -11.01 13.19
CA ILE C 107 26.18 -11.36 12.34
C ILE C 107 26.53 -11.03 10.90
N VAL C 108 26.27 -11.98 10.00
CA VAL C 108 26.36 -11.72 8.57
C VAL C 108 24.94 -11.80 8.03
N THR C 109 24.48 -10.70 7.44
CA THR C 109 23.10 -10.60 6.98
C THR C 109 22.85 -11.41 5.71
N THR C 110 21.85 -12.29 5.75
CA THR C 110 21.47 -13.05 4.56
C THR C 110 20.30 -12.39 3.80
N GLY C 111 19.63 -11.43 4.45
CA GLY C 111 18.52 -10.71 3.86
C GLY C 111 18.04 -9.70 4.88
N SER C 112 17.50 -8.59 4.43
CA SER C 112 17.04 -7.54 5.33
C SER C 112 15.54 -7.30 5.23
N VAL C 113 14.92 -7.09 6.39
CA VAL C 113 13.56 -6.59 6.44
C VAL C 113 13.61 -5.11 6.08
N ARG C 114 12.86 -4.72 5.06
CA ARG C 114 12.99 -3.38 4.48
C ARG C 114 12.09 -2.40 5.22
N LEU C 115 12.56 -1.95 6.38
CA LEU C 115 11.81 -0.98 7.19
C LEU C 115 12.35 0.42 6.94
N ASP C 116 12.79 0.62 5.71
CA ASP C 116 13.41 1.86 5.26
C ASP C 116 12.58 2.45 4.13
N GLY C 117 13.03 3.57 3.60
CA GLY C 117 12.37 4.19 2.48
C GLY C 117 13.24 4.19 1.24
N ALA C 118 14.56 4.30 1.38
CA ALA C 118 15.39 4.48 0.21
C ALA C 118 15.44 3.24 -0.67
N SER C 119 15.27 2.06 -0.09
CA SER C 119 15.27 0.84 -0.90
C SER C 119 14.19 0.91 -2.00
N LEU C 120 13.05 1.53 -1.69
CA LEU C 120 11.95 1.67 -2.64
C LEU C 120 12.27 2.61 -3.79
N HIS C 121 13.34 3.38 -3.66
CA HIS C 121 13.78 4.24 -4.76
C HIS C 121 14.60 3.46 -5.78
N PHE C 122 14.87 2.17 -5.50
CA PHE C 122 15.61 1.29 -6.40
C PHE C 122 14.81 0.09 -6.88
N ALA C 123 13.93 -0.44 -6.05
CA ALA C 123 13.14 -1.60 -6.41
C ALA C 123 11.88 -1.60 -5.57
N PRO C 124 10.77 -2.11 -6.11
CA PRO C 124 9.52 -2.16 -5.34
C PRO C 124 9.70 -3.13 -4.15
N MET C 125 8.78 -3.06 -3.19
CA MET C 125 8.94 -3.76 -1.91
C MET C 125 9.09 -5.27 -2.07
N GLU C 126 8.50 -5.84 -3.12
CA GLU C 126 8.57 -7.28 -3.29
CA GLU C 126 8.56 -7.27 -3.37
C GLU C 126 9.97 -7.79 -3.59
N PHE C 127 10.87 -6.91 -4.03
CA PHE C 127 12.24 -7.31 -4.35
C PHE C 127 13.01 -7.60 -3.05
N PRO C 128 13.81 -8.68 -3.02
CA PRO C 128 14.48 -9.05 -1.76
C PRO C 128 15.73 -8.20 -1.51
N ALA C 129 15.89 -7.72 -0.27
CA ALA C 129 17.11 -7.02 0.13
C ALA C 129 18.13 -8.08 0.51
N VAL C 130 18.83 -8.59 -0.49
CA VAL C 130 19.75 -9.71 -0.25
CA VAL C 130 19.69 -9.76 -0.38
C VAL C 130 21.15 -9.40 -0.73
N PRO C 131 22.14 -9.94 0.01
CA PRO C 131 23.54 -9.67 -0.36
C PRO C 131 23.95 -10.50 -1.56
N ASP C 132 25.02 -10.05 -2.20
CA ASP C 132 25.75 -10.89 -3.13
C ASP C 132 26.25 -12.16 -2.43
N PHE C 133 26.05 -13.32 -3.05
CA PHE C 133 26.41 -14.56 -2.41
C PHE C 133 27.90 -14.70 -2.15
N ASP C 134 28.74 -14.22 -3.08
CA ASP C 134 30.18 -14.27 -2.86
C ASP C 134 30.61 -13.40 -1.69
N VAL C 135 30.03 -12.20 -1.58
CA VAL C 135 30.38 -11.35 -0.44
C VAL C 135 29.92 -11.98 0.86
N ALA C 136 28.68 -12.48 0.92
CA ALA C 136 28.21 -13.08 2.15
C ALA C 136 29.08 -14.28 2.53
N THR C 137 29.50 -15.05 1.53
CA THR C 137 30.35 -16.22 1.76
C THR C 137 31.71 -15.78 2.32
N ALA C 138 32.27 -14.74 1.73
CA ALA C 138 33.56 -14.20 2.20
C ALA C 138 33.46 -13.67 3.62
N MET C 139 32.37 -12.96 3.93
CA MET C 139 32.19 -12.44 5.26
CA MET C 139 32.12 -12.43 5.26
C MET C 139 32.01 -13.54 6.30
N LYS C 140 31.22 -14.57 5.98
CA LYS C 140 31.06 -15.69 6.89
CA LYS C 140 31.06 -15.69 6.88
C LYS C 140 32.42 -16.35 7.15
N ALA C 141 33.19 -16.56 6.08
CA ALA C 141 34.49 -17.23 6.22
C ALA C 141 35.43 -16.38 7.06
N ALA C 142 35.49 -15.08 6.80
CA ALA C 142 36.40 -14.22 7.57
C ALA C 142 35.97 -14.17 9.04
N ALA C 143 34.67 -14.06 9.28
CA ALA C 143 34.16 -13.98 10.63
C ALA C 143 34.44 -15.27 11.40
N GLN C 144 34.19 -16.41 10.77
CA GLN C 144 34.45 -17.69 11.44
C GLN C 144 35.92 -17.93 11.66
N GLU C 145 36.75 -17.58 10.68
CA GLU C 145 38.20 -17.78 10.82
C GLU C 145 38.78 -16.94 11.96
N SER C 146 38.13 -15.83 12.30
CA SER C 146 38.63 -14.98 13.36
C SER C 146 38.45 -15.62 14.73
N GLY C 147 37.62 -16.67 14.80
CA GLY C 147 37.30 -17.33 16.05
C GLY C 147 36.02 -16.82 16.68
N ALA C 148 35.35 -15.86 16.04
CA ALA C 148 34.09 -15.34 16.54
C ALA C 148 32.96 -16.36 16.47
N THR C 149 31.95 -16.13 17.28
CA THR C 149 30.68 -16.85 17.12
C THR C 149 29.85 -16.07 16.13
N VAL C 150 29.47 -16.72 15.02
CA VAL C 150 28.89 -16.05 13.86
C VAL C 150 27.51 -16.57 13.58
N HIS C 151 26.58 -15.64 13.38
CA HIS C 151 25.21 -15.99 13.01
C HIS C 151 24.90 -15.47 11.63
N MET C 152 24.33 -16.35 10.81
CA MET C 152 23.84 -15.97 9.50
C MET C 152 22.35 -15.83 9.60
N GLY C 153 21.79 -14.72 9.14
CA GLY C 153 20.34 -14.62 9.18
C GLY C 153 19.83 -13.25 8.80
N VAL C 154 18.55 -13.06 9.08
CA VAL C 154 17.82 -11.88 8.66
C VAL C 154 18.00 -10.73 9.65
N THR C 155 18.17 -9.54 9.09
CA THR C 155 18.37 -8.32 9.85
C THR C 155 17.21 -7.37 9.56
N ALA C 156 16.66 -6.74 10.59
CA ALA C 156 15.64 -5.73 10.40
C ALA C 156 16.32 -4.38 10.22
N SER C 157 16.05 -3.71 9.11
CA SER C 157 16.79 -2.51 8.73
C SER C 157 15.84 -1.33 8.74
N SER C 158 16.01 -0.45 9.73
CA SER C 158 15.02 0.57 10.06
C SER C 158 15.49 1.98 9.73
N ASP C 159 14.58 2.81 9.22
CA ASP C 159 14.84 4.24 8.99
C ASP C 159 14.90 5.07 10.26
N THR C 160 14.60 4.47 11.42
CA THR C 160 14.78 5.17 12.68
C THR C 160 15.48 4.29 13.70
N PHE C 161 16.11 4.93 14.66
CA PHE C 161 16.77 4.23 15.76
C PHE C 161 15.75 3.97 16.86
N TYR C 162 14.75 4.82 16.95
CA TYR C 162 13.84 4.80 18.09
C TYR C 162 12.50 4.10 17.82
N PRO C 163 11.49 4.74 17.21
CA PRO C 163 10.23 3.98 17.12
C PRO C 163 10.28 2.76 16.20
N GLY C 164 11.06 2.84 15.12
CA GLY C 164 11.14 1.71 14.19
C GLY C 164 11.89 0.52 14.76
N GLN C 165 12.56 0.73 15.90
CA GLN C 165 13.19 -0.37 16.63
C GLN C 165 12.42 -0.62 17.94
N GLU C 166 11.20 -0.08 18.00
CA GLU C 166 10.30 -0.23 19.16
C GLU C 166 10.98 0.12 20.47
N ARG C 167 11.67 1.27 20.50
CA ARG C 167 12.16 1.85 21.75
C ARG C 167 11.10 2.79 22.31
N TYR C 168 10.78 2.61 23.59
CA TYR C 168 9.78 3.44 24.28
C TYR C 168 10.40 4.47 25.20
N ASP C 169 11.70 4.38 25.50
CA ASP C 169 12.30 5.32 26.47
C ASP C 169 12.73 6.56 25.71
N THR C 170 11.73 7.35 25.32
CA THR C 170 11.92 8.44 24.38
C THR C 170 11.13 9.65 24.86
N PHE C 171 11.28 10.76 24.16
CA PHE C 171 10.59 11.98 24.50
C PHE C 171 9.07 11.78 24.60
N THR C 172 8.46 11.15 23.59
CA THR C 172 6.99 10.96 23.69
C THR C 172 6.61 9.65 24.38
N GLY C 173 7.51 8.65 24.38
CA GLY C 173 7.17 7.32 24.87
C GLY C 173 6.14 6.59 24.03
N ARG C 174 5.90 7.07 22.82
CA ARG C 174 4.92 6.46 21.93
CA ARG C 174 4.89 6.56 21.88
CA ARG C 174 4.92 6.44 21.94
C ARG C 174 5.58 5.83 20.74
N VAL C 175 4.96 4.77 20.22
CA VAL C 175 5.41 4.13 18.99
C VAL C 175 4.17 4.02 18.11
N VAL C 176 4.28 4.44 16.86
CA VAL C 176 3.18 4.42 15.92
C VAL C 176 2.66 2.98 15.73
N ARG C 177 1.38 2.85 15.42
CA ARG C 177 0.73 1.55 15.30
CA ARG C 177 0.70 1.57 15.25
C ARG C 177 1.54 0.51 14.51
N ARG C 178 2.07 0.91 13.36
CA ARG C 178 2.85 0.01 12.52
C ARG C 178 3.92 -0.73 13.31
N PHE C 179 4.54 -0.06 14.27
CA PHE C 179 5.68 -0.62 14.99
C PHE C 179 5.37 -1.14 16.39
N GLN C 180 4.13 -0.94 16.85
CA GLN C 180 3.74 -1.52 18.14
C GLN C 180 3.75 -3.03 18.04
N GLY C 181 4.44 -3.69 18.97
CA GLY C 181 4.52 -5.14 18.97
C GLY C 181 5.50 -5.69 17.95
N SER C 182 6.19 -4.81 17.22
CA SER C 182 7.03 -5.27 16.12
C SER C 182 8.27 -6.02 16.58
N MET C 183 8.88 -5.64 17.71
CA MET C 183 10.06 -6.38 18.09
CA MET C 183 10.03 -6.35 18.23
C MET C 183 9.74 -7.84 18.38
N LYS C 184 8.64 -8.10 19.09
CA LYS C 184 8.22 -9.47 19.33
CA LYS C 184 8.21 -9.46 19.33
C LYS C 184 7.90 -10.20 18.01
N GLU C 185 7.27 -9.50 17.07
CA GLU C 185 6.99 -10.10 15.78
C GLU C 185 8.29 -10.53 15.10
N TRP C 186 9.28 -9.64 15.04
CA TRP C 186 10.53 -10.02 14.38
C TRP C 186 11.26 -11.13 15.15
N GLN C 187 11.20 -11.10 16.48
CA GLN C 187 11.83 -12.16 17.26
C GLN C 187 11.21 -13.49 16.92
N ASP C 188 9.89 -13.53 16.86
CA ASP C 188 9.19 -14.79 16.55
C ASP C 188 9.48 -15.29 15.13
N MET C 189 9.78 -14.37 14.22
CA MET C 189 10.12 -14.73 12.85
C MET C 189 11.60 -15.02 12.67
N GLY C 190 12.38 -15.01 13.76
CA GLY C 190 13.78 -15.41 13.70
C GLY C 190 14.76 -14.33 13.29
N VAL C 191 14.30 -13.10 13.18
CA VAL C 191 15.17 -11.97 12.85
C VAL C 191 16.22 -11.80 13.94
N LEU C 192 17.47 -11.56 13.55
CA LEU C 192 18.56 -11.56 14.51
C LEU C 192 18.82 -10.22 15.18
N ASN C 193 18.63 -9.12 14.46
CA ASN C 193 19.21 -7.85 14.87
C ASN C 193 18.58 -6.68 14.14
N PHE C 194 18.82 -5.48 14.66
CA PHE C 194 18.45 -4.22 14.04
C PHE C 194 19.68 -3.44 13.62
N GLU C 195 19.59 -2.82 12.45
CA GLU C 195 20.50 -1.71 12.09
C GLU C 195 19.74 -0.80 11.13
N MET C 196 20.44 0.13 10.47
CA MET C 196 19.72 1.20 9.76
C MET C 196 20.12 1.41 8.30
N GLU C 197 20.99 0.57 7.72
CA GLU C 197 21.48 0.84 6.37
C GLU C 197 21.37 -0.34 5.43
N SER C 198 21.28 -1.57 5.94
CA SER C 198 21.41 -2.74 5.07
C SER C 198 20.29 -2.88 4.04
N ALA C 199 19.06 -2.53 4.38
CA ALA C 199 17.99 -2.69 3.39
C ALA C 199 18.29 -1.82 2.18
N THR C 200 18.69 -0.58 2.43
CA THR C 200 18.99 0.32 1.31
C THR C 200 20.20 -0.20 0.54
N LEU C 201 21.28 -0.49 1.24
CA LEU C 201 22.50 -0.94 0.57
C LEU C 201 22.26 -2.19 -0.26
N LEU C 202 21.63 -3.19 0.34
CA LEU C 202 21.52 -4.46 -0.36
C LEU C 202 20.54 -4.36 -1.53
N THR C 203 19.44 -3.64 -1.35
CA THR C 203 18.47 -3.52 -2.43
C THR C 203 19.07 -2.72 -3.58
N MET C 204 19.69 -1.59 -3.28
CA MET C 204 20.32 -0.75 -4.29
CA MET C 204 20.25 -0.78 -4.35
C MET C 204 21.33 -1.57 -5.09
N CYS C 205 22.18 -2.31 -4.39
CA CYS C 205 23.25 -3.01 -5.08
C CYS C 205 22.74 -4.20 -5.87
N ALA C 206 21.85 -4.99 -5.28
CA ALA C 206 21.34 -6.19 -5.93
C ALA C 206 20.54 -5.87 -7.16
N SER C 207 19.98 -4.65 -7.25
CA SER C 207 19.18 -4.24 -8.40
C SER C 207 19.98 -3.39 -9.39
N SER C 208 21.26 -3.15 -9.10
CA SER C 208 22.09 -2.25 -9.91
C SER C 208 23.39 -2.87 -10.39
N GLY C 209 23.54 -4.17 -10.25
CA GLY C 209 24.74 -4.84 -10.75
C GLY C 209 25.97 -4.58 -9.90
N LEU C 210 25.77 -4.30 -8.61
CA LEU C 210 26.88 -4.10 -7.70
C LEU C 210 26.86 -5.22 -6.67
N LYS C 211 28.03 -5.62 -6.18
CA LYS C 211 28.10 -6.67 -5.17
CA LYS C 211 28.11 -6.67 -5.17
C LYS C 211 28.19 -6.06 -3.77
N ALA C 212 27.33 -6.50 -2.86
CA ALA C 212 27.33 -5.94 -1.52
C ALA C 212 27.06 -7.01 -0.48
N GLY C 213 27.53 -6.77 0.75
CA GLY C 213 27.18 -7.59 1.89
C GLY C 213 27.41 -6.77 3.14
N CYS C 214 26.92 -7.30 4.26
CA CYS C 214 27.00 -6.63 5.56
CA CYS C 214 27.00 -6.62 5.55
C CYS C 214 27.42 -7.59 6.65
N VAL C 215 28.36 -7.14 7.47
CA VAL C 215 28.78 -7.88 8.65
C VAL C 215 28.74 -6.91 9.82
N ALA C 216 28.38 -7.41 11.00
CA ALA C 216 28.22 -6.54 12.15
C ALA C 216 28.63 -7.20 13.44
N GLY C 217 29.18 -6.41 14.36
CA GLY C 217 29.45 -6.87 15.71
C GLY C 217 28.31 -6.51 16.63
N VAL C 218 27.91 -7.46 17.48
CA VAL C 218 26.80 -7.24 18.39
C VAL C 218 27.29 -6.48 19.61
N ILE C 219 26.83 -5.24 19.77
CA ILE C 219 27.25 -4.43 20.88
C ILE C 219 26.24 -4.36 22.03
N ILE C 220 24.96 -4.60 21.74
CA ILE C 220 23.95 -4.76 22.77
C ILE C 220 23.00 -5.86 22.36
N ASN C 221 22.30 -6.40 23.36
CA ASN C 221 21.19 -7.30 23.11
C ASN C 221 19.96 -6.64 23.71
N ARG C 222 18.93 -6.44 22.89
CA ARG C 222 17.73 -5.72 23.32
C ARG C 222 16.93 -6.45 24.38
N THR C 223 17.23 -7.72 24.62
CA THR C 223 16.58 -8.44 25.71
C THR C 223 17.33 -8.25 27.02
N GLN C 224 18.40 -7.43 27.00
N GLN C 224 18.41 -7.49 26.95
CA GLN C 224 19.33 -7.32 28.15
CA GLN C 224 19.26 -7.22 28.08
C GLN C 224 19.51 -5.88 28.69
C GLN C 224 19.37 -5.71 28.15
N LYS C 225 20.56 -5.19 28.28
CA LYS C 225 20.74 -3.78 28.62
C LYS C 225 21.07 -2.91 27.41
N GLU C 226 20.83 -1.61 27.52
CA GLU C 226 21.08 -0.65 26.44
C GLU C 226 22.48 -0.05 26.46
N ILE C 227 23.13 -0.07 27.62
CA ILE C 227 24.43 0.60 27.77
C ILE C 227 25.56 -0.42 27.73
N PRO C 228 26.39 -0.37 26.69
CA PRO C 228 27.45 -1.39 26.55
C PRO C 228 28.60 -1.16 27.50
N ASP C 229 29.28 -2.25 27.82
CA ASP C 229 30.52 -2.21 28.59
C ASP C 229 31.68 -1.84 27.66
N HIS C 230 32.52 -0.90 28.11
CA HIS C 230 33.47 -0.25 27.21
C HIS C 230 34.53 -1.20 26.63
N ALA C 231 35.10 -2.06 27.47
CA ALA C 231 36.19 -2.93 27.00
C ALA C 231 35.61 -3.97 26.04
N THR C 232 34.44 -4.50 26.40
CA THR C 232 33.78 -5.47 25.54
C THR C 232 33.46 -4.85 24.19
N LEU C 233 32.91 -3.65 24.21
CA LEU C 233 32.60 -2.90 23.00
CA LEU C 233 32.59 -2.95 22.98
C LEU C 233 33.85 -2.72 22.11
N LYS C 234 34.93 -2.27 22.73
CA LYS C 234 36.21 -2.02 22.06
CA LYS C 234 36.17 -2.00 22.01
C LYS C 234 36.71 -3.26 21.35
N GLU C 235 36.65 -4.38 22.06
CA GLU C 235 37.10 -5.65 21.52
CA GLU C 235 37.12 -5.64 21.50
C GLU C 235 36.27 -6.07 20.32
N THR C 236 34.94 -5.92 20.43
CA THR C 236 34.04 -6.28 19.34
C THR C 236 34.29 -5.41 18.12
N GLU C 237 34.46 -4.11 18.34
CA GLU C 237 34.68 -3.21 17.22
C GLU C 237 36.00 -3.53 16.51
N ALA C 238 37.03 -3.84 17.29
CA ALA C 238 38.33 -4.15 16.69
C ALA C 238 38.25 -5.44 15.90
N ARG C 239 37.54 -6.42 16.41
CA ARG C 239 37.42 -7.67 15.67
C ARG C 239 36.62 -7.48 14.38
N SER C 240 35.58 -6.65 14.42
CA SER C 240 34.74 -6.48 13.25
CA SER C 240 34.75 -6.46 13.25
C SER C 240 35.51 -5.86 12.08
N ILE C 241 36.38 -4.90 12.36
CA ILE C 241 37.12 -4.29 11.25
C ILE C 241 38.24 -5.21 10.74
N LYS C 242 38.84 -6.00 11.62
CA LYS C 242 39.77 -7.05 11.21
CA LYS C 242 39.77 -7.01 11.14
C LYS C 242 39.06 -8.01 10.24
N VAL C 243 37.85 -8.42 10.62
CA VAL C 243 37.07 -9.35 9.82
C VAL C 243 36.71 -8.75 8.45
N VAL C 244 36.26 -7.50 8.42
CA VAL C 244 35.87 -6.95 7.13
C VAL C 244 37.06 -6.79 6.17
N VAL C 245 38.24 -6.51 6.71
CA VAL C 245 39.42 -6.45 5.87
C VAL C 245 39.79 -7.83 5.33
N GLU C 246 39.67 -8.86 6.16
CA GLU C 246 39.91 -10.23 5.71
CA GLU C 246 39.92 -10.21 5.68
C GLU C 246 38.88 -10.64 4.66
N ALA C 247 37.62 -10.22 4.83
CA ALA C 247 36.61 -10.50 3.80
C ALA C 247 36.96 -9.80 2.48
N ALA C 248 37.49 -8.57 2.57
CA ALA C 248 37.91 -7.87 1.35
C ALA C 248 39.04 -8.64 0.68
N ARG C 249 39.99 -9.15 1.46
CA ARG C 249 41.08 -9.95 0.90
C ARG C 249 40.52 -11.13 0.11
N LYS C 250 39.46 -11.75 0.63
CA LYS C 250 38.86 -12.91 -0.03
C LYS C 250 38.13 -12.53 -1.30
N MET C 251 37.67 -11.30 -1.42
CA MET C 251 36.99 -10.85 -2.60
C MET C 251 37.94 -10.41 -3.72
N LEU C 252 39.19 -10.12 -3.38
CA LEU C 252 40.14 -9.66 -4.41
C LEU C 252 40.41 -10.75 -5.42
N LYS C 253 40.59 -10.33 -6.68
CA LYS C 253 40.88 -11.26 -7.76
C LYS C 253 42.35 -11.21 -8.14
N LYS D 3 21.80 13.97 32.53
CA LYS D 3 21.07 13.24 31.51
C LYS D 3 21.86 13.19 30.21
N THR D 4 22.08 11.99 29.69
CA THR D 4 22.83 11.80 28.45
C THR D 4 21.98 11.19 27.35
N VAL D 5 22.51 11.19 26.13
CA VAL D 5 21.83 10.60 24.99
C VAL D 5 22.79 9.67 24.24
N PHE D 6 22.26 8.86 23.34
CA PHE D 6 23.09 7.79 22.76
C PHE D 6 24.05 8.26 21.66
N HIS D 7 23.70 9.30 20.90
CA HIS D 7 24.50 9.71 19.75
C HIS D 7 25.13 11.10 19.82
N LEU D 8 24.43 12.08 20.36
CA LEU D 8 24.90 13.46 20.27
C LEU D 8 26.05 13.82 21.20
N GLY D 9 26.23 13.07 22.29
CA GLY D 9 27.41 13.29 23.13
C GLY D 9 27.35 14.54 23.97
N VAL D 10 26.13 15.02 24.19
CA VAL D 10 25.90 16.18 25.03
C VAL D 10 24.91 15.84 26.12
N THR D 11 24.92 16.67 27.17
CA THR D 11 24.03 16.47 28.30
C THR D 11 23.05 17.62 28.35
N GLU D 12 21.99 17.48 29.15
CA GLU D 12 21.03 18.54 29.26
C GLU D 12 21.72 19.80 29.80
N ALA D 13 22.59 19.63 30.78
CA ALA D 13 23.32 20.76 31.36
C ALA D 13 24.12 21.52 30.30
N ASP D 14 24.69 20.80 29.33
CA ASP D 14 25.48 21.42 28.26
C ASP D 14 24.68 22.43 27.45
N LEU D 15 23.37 22.24 27.39
CA LEU D 15 22.53 23.10 26.55
C LEU D 15 22.12 24.39 27.25
N ASN D 16 22.44 24.51 28.54
CA ASN D 16 22.16 25.74 29.29
CA ASN D 16 22.17 25.74 29.30
C ASN D 16 20.73 26.24 29.16
N GLY D 17 19.76 25.31 29.18
CA GLY D 17 18.36 25.67 29.17
C GLY D 17 17.76 25.91 27.79
N ALA D 18 18.52 25.66 26.73
CA ALA D 18 17.99 25.90 25.38
C ALA D 18 16.73 25.10 25.09
N THR D 19 15.73 25.78 24.52
CA THR D 19 14.53 25.09 24.08
C THR D 19 14.33 25.21 22.58
N LEU D 20 15.27 25.87 21.90
CA LEU D 20 15.21 26.03 20.45
C LEU D 20 16.53 25.59 19.84
N ALA D 21 16.43 24.83 18.75
CA ALA D 21 17.58 24.39 17.98
C ALA D 21 17.49 24.84 16.53
N ILE D 22 18.62 25.30 15.99
CA ILE D 22 18.79 25.44 14.55
C ILE D 22 19.52 24.20 14.07
N ILE D 23 18.98 23.56 13.03
CA ILE D 23 19.46 22.25 12.59
C ILE D 23 19.83 22.25 11.09
N PRO D 24 21.05 22.67 10.76
CA PRO D 24 21.50 22.54 9.38
C PRO D 24 21.86 21.08 9.08
N GLY D 25 22.09 20.75 7.81
CA GLY D 25 22.51 19.41 7.48
C GLY D 25 24.00 19.12 7.64
N ASP D 26 24.82 20.04 7.15
CA ASP D 26 26.26 19.89 7.09
C ASP D 26 26.90 20.28 8.43
N PRO D 27 27.66 19.35 9.05
CA PRO D 27 28.36 19.70 10.30
C PRO D 27 29.24 20.95 10.20
N ALA D 28 29.80 21.23 9.02
CA ALA D 28 30.67 22.41 8.87
C ALA D 28 29.88 23.72 8.94
N ARG D 29 28.56 23.65 8.80
CA ARG D 29 27.76 24.87 8.83
CA ARG D 29 27.73 24.86 8.83
CA ARG D 29 27.73 24.85 8.83
C ARG D 29 27.39 25.25 10.27
N VAL D 30 27.60 24.35 11.21
CA VAL D 30 27.17 24.60 12.59
C VAL D 30 27.89 25.79 13.21
N GLN D 31 29.21 25.81 13.11
CA GLN D 31 29.97 26.92 13.69
C GLN D 31 29.61 28.22 12.99
N LYS D 32 29.34 28.16 11.68
CA LYS D 32 29.03 29.36 10.92
C LYS D 32 27.74 29.99 11.37
N ILE D 33 26.76 29.16 11.74
CA ILE D 33 25.52 29.67 12.30
C ILE D 33 25.74 30.16 13.73
N ALA D 34 26.44 29.37 14.54
CA ALA D 34 26.63 29.73 15.94
C ALA D 34 27.34 31.07 16.08
N GLU D 35 28.29 31.38 15.18
CA GLU D 35 29.05 32.62 15.34
C GLU D 35 28.23 33.86 14.98
N LEU D 36 27.05 33.68 14.39
CA LEU D 36 26.12 34.79 14.19
C LEU D 36 25.41 35.19 15.48
N MET D 37 25.58 34.39 16.53
CA MET D 37 24.96 34.64 17.81
C MET D 37 26.01 34.95 18.88
N ASP D 38 25.58 35.14 20.12
CA ASP D 38 26.53 35.51 21.17
C ASP D 38 27.11 34.29 21.89
N ASN D 39 28.35 34.41 22.36
CA ASN D 39 28.98 33.34 23.14
C ASN D 39 28.85 31.93 22.57
N PRO D 40 29.18 31.76 21.29
CA PRO D 40 29.11 30.39 20.77
C PRO D 40 30.16 29.49 21.43
N VAL D 41 29.76 28.28 21.78
CA VAL D 41 30.67 27.31 22.38
C VAL D 41 30.45 25.93 21.75
N PHE D 42 31.55 25.32 21.32
CA PHE D 42 31.54 23.95 20.81
C PHE D 42 31.21 22.98 21.93
N LEU D 43 30.26 22.08 21.69
CA LEU D 43 29.91 21.09 22.69
C LEU D 43 30.42 19.70 22.34
N ALA D 44 30.21 19.26 21.11
CA ALA D 44 30.55 17.88 20.75
C ALA D 44 30.51 17.68 19.27
N SER D 45 31.26 16.68 18.83
CA SER D 45 31.19 16.20 17.46
CA SER D 45 31.20 16.20 17.47
C SER D 45 31.34 14.69 17.52
N HIS D 46 30.31 14.01 17.09
CA HIS D 46 30.30 12.55 16.97
CA HIS D 46 30.32 12.56 16.98
C HIS D 46 29.55 12.21 15.71
N ARG D 47 30.16 11.41 14.85
CA ARG D 47 29.55 11.05 13.57
C ARG D 47 29.20 12.35 12.83
N GLU D 48 28.00 12.41 12.23
CA GLU D 48 27.61 13.63 11.51
CA GLU D 48 27.48 13.59 11.53
C GLU D 48 27.01 14.72 12.39
N TYR D 49 27.13 14.57 13.71
CA TYR D 49 26.49 15.48 14.65
C TYR D 49 27.47 16.39 15.32
N THR D 50 27.51 17.64 14.87
CA THR D 50 28.31 18.67 15.50
C THR D 50 27.34 19.61 16.21
N VAL D 51 27.63 19.87 17.47
CA VAL D 51 26.71 20.60 18.34
C VAL D 51 27.43 21.76 18.99
N TYR D 52 26.84 22.95 18.86
CA TYR D 52 27.30 24.17 19.55
C TYR D 52 26.13 24.73 20.33
N ARG D 53 26.45 25.49 21.36
CA ARG D 53 25.46 26.32 22.04
CA ARG D 53 25.43 26.32 21.98
C ARG D 53 25.79 27.77 21.76
N ALA D 54 24.79 28.64 21.82
CA ALA D 54 25.05 30.08 21.75
C ALA D 54 23.91 30.79 22.45
N GLU D 55 23.93 32.12 22.40
CA GLU D 55 22.90 32.92 23.05
C GLU D 55 22.35 33.94 22.08
N LEU D 56 21.03 34.03 22.05
CA LEU D 56 20.33 34.94 21.16
C LEU D 56 19.40 35.77 22.01
N ASP D 57 19.64 37.08 22.05
CA ASP D 57 18.85 37.98 22.90
C ASP D 57 18.77 37.46 24.33
N GLY D 58 19.88 36.93 24.82
CA GLY D 58 19.97 36.45 26.19
C GLY D 58 19.42 35.06 26.45
N GLN D 59 18.95 34.39 25.41
CA GLN D 59 18.39 33.06 25.57
C GLN D 59 19.29 32.02 24.90
N SER D 60 19.47 30.89 25.56
CA SER D 60 20.30 29.82 25.01
CA SER D 60 20.29 29.82 25.02
C SER D 60 19.64 29.17 23.80
N VAL D 61 20.46 28.92 22.79
CA VAL D 61 20.03 28.27 21.56
CA VAL D 61 20.00 28.20 21.62
C VAL D 61 21.04 27.16 21.26
N VAL D 62 20.60 26.05 20.69
CA VAL D 62 21.55 25.05 20.26
CA VAL D 62 21.49 24.98 20.24
C VAL D 62 21.57 25.04 18.72
N VAL D 63 22.76 24.75 18.18
CA VAL D 63 22.90 24.52 16.75
C VAL D 63 23.46 23.09 16.60
N CYS D 64 22.79 22.26 15.82
CA CYS D 64 23.17 20.86 15.73
C CYS D 64 22.97 20.38 14.31
N SER D 65 24.00 19.80 13.70
CA SER D 65 23.81 19.25 12.35
C SER D 65 23.03 17.93 12.40
N THR D 66 22.39 17.63 11.28
CA THR D 66 21.52 16.46 11.20
C THR D 66 22.14 15.33 10.37
N GLY D 67 23.14 15.64 9.56
CA GLY D 67 23.53 14.71 8.49
C GLY D 67 22.52 14.74 7.36
N ILE D 68 22.74 13.89 6.36
CA ILE D 68 21.85 13.79 5.23
C ILE D 68 20.78 12.75 5.51
N GLY D 69 19.53 13.14 5.29
CA GLY D 69 18.42 12.22 5.29
C GLY D 69 17.60 12.16 6.55
N GLY D 70 16.37 11.69 6.40
CA GLY D 70 15.47 11.51 7.53
C GLY D 70 15.99 10.65 8.68
N PRO D 71 16.64 9.50 8.39
CA PRO D 71 17.07 8.66 9.52
C PRO D 71 18.06 9.39 10.45
N SER D 72 19.09 10.00 9.89
CA SER D 72 20.03 10.66 10.78
CA SER D 72 20.06 10.74 10.66
C SER D 72 19.39 11.90 11.42
N THR D 73 18.50 12.58 10.72
CA THR D 73 17.79 13.72 11.28
C THR D 73 16.93 13.30 12.47
N SER D 74 16.23 12.16 12.33
CA SER D 74 15.32 11.68 13.35
C SER D 74 16.04 11.42 14.67
N ILE D 75 17.28 10.94 14.60
CA ILE D 75 18.05 10.71 15.81
C ILE D 75 18.37 12.03 16.51
N ALA D 76 18.83 13.00 15.75
CA ALA D 76 19.22 14.27 16.35
C ALA D 76 18.01 14.97 16.98
N VAL D 77 16.87 14.96 16.28
CA VAL D 77 15.69 15.63 16.82
C VAL D 77 15.22 14.95 18.09
N GLU D 78 15.13 13.62 18.06
CA GLU D 78 14.70 12.89 19.24
C GLU D 78 15.62 13.17 20.43
N GLU D 79 16.94 13.12 20.20
CA GLU D 79 17.85 13.28 21.33
C GLU D 79 17.86 14.71 21.85
N LEU D 80 17.77 15.69 20.95
CA LEU D 80 17.59 17.06 21.41
C LEU D 80 16.30 17.26 22.21
N ALA D 81 15.20 16.62 21.77
CA ALA D 81 13.94 16.70 22.50
C ALA D 81 14.09 16.07 23.89
N GLN D 82 14.82 14.95 23.98
CA GLN D 82 15.10 14.36 25.30
C GLN D 82 15.81 15.34 26.23
N LEU D 83 16.60 16.25 25.66
CA LEU D 83 17.36 17.21 26.42
C LEU D 83 16.66 18.56 26.53
N GLY D 84 15.38 18.62 26.17
CA GLY D 84 14.56 19.80 26.45
C GLY D 84 14.24 20.71 25.27
N VAL D 85 14.75 20.38 24.09
CA VAL D 85 14.48 21.23 22.92
C VAL D 85 13.06 20.97 22.40
N ARG D 86 12.35 22.05 22.10
CA ARG D 86 10.95 21.95 21.69
C ARG D 86 10.68 22.58 20.32
N THR D 87 11.60 23.40 19.82
CA THR D 87 11.43 24.09 18.55
C THR D 87 12.66 23.85 17.70
N PHE D 88 12.42 23.49 16.43
CA PHE D 88 13.48 23.08 15.49
C PHE D 88 13.37 23.88 14.20
N LEU D 89 14.42 24.63 13.89
CA LEU D 89 14.44 25.42 12.66
C LEU D 89 15.46 24.83 11.73
N ARG D 90 14.99 24.24 10.64
CA ARG D 90 15.86 23.64 9.64
C ARG D 90 16.25 24.69 8.61
N VAL D 91 17.55 24.75 8.31
CA VAL D 91 18.04 25.56 7.20
C VAL D 91 18.87 24.65 6.30
N GLY D 92 18.86 24.91 5.00
N GLY D 92 18.74 24.81 5.00
CA GLY D 92 19.79 24.24 4.14
CA GLY D 92 19.45 23.91 4.10
C GLY D 92 19.71 24.83 2.75
C GLY D 92 19.41 24.39 2.67
N THR D 93 20.16 24.06 1.77
N THR D 93 20.15 23.72 1.79
CA THR D 93 20.06 24.41 0.36
CA THR D 93 20.14 24.09 0.38
C THR D 93 19.20 23.38 -0.38
C THR D 93 19.05 23.32 -0.34
N THR D 94 18.68 23.79 -1.53
CA THR D 94 17.70 23.03 -2.24
C THR D 94 17.83 23.21 -3.74
N GLY D 95 17.27 22.26 -4.48
CA GLY D 95 17.14 22.36 -5.93
C GLY D 95 15.70 22.68 -6.29
N ALA D 96 15.47 23.81 -6.94
CA ALA D 96 14.13 24.18 -7.38
C ALA D 96 13.75 23.39 -8.63
N ILE D 97 12.44 23.14 -8.79
CA ILE D 97 11.98 22.46 -9.98
C ILE D 97 11.00 23.30 -10.82
N GLN D 98 10.65 24.50 -10.35
CA GLN D 98 9.74 25.38 -11.08
C GLN D 98 10.54 26.41 -11.85
N PRO D 99 10.19 26.64 -13.12
CA PRO D 99 10.93 27.66 -13.88
C PRO D 99 10.88 29.06 -13.26
N HIS D 100 9.82 29.40 -12.53
CA HIS D 100 9.69 30.76 -11.98
C HIS D 100 10.47 30.98 -10.69
N VAL D 101 11.06 29.92 -10.16
CA VAL D 101 11.89 30.02 -8.97
C VAL D 101 13.35 30.13 -9.38
N ASN D 102 13.99 31.24 -9.06
CA ASN D 102 15.36 31.47 -9.51
C ASN D 102 16.40 31.02 -8.49
N VAL D 103 17.55 30.65 -9.01
CA VAL D 103 18.71 30.45 -8.17
C VAL D 103 18.92 31.70 -7.31
N GLY D 104 19.10 31.50 -6.01
CA GLY D 104 19.28 32.59 -5.06
C GLY D 104 18.00 32.98 -4.34
N ASP D 105 16.85 32.52 -4.83
CA ASP D 105 15.61 32.74 -4.10
C ASP D 105 15.61 31.88 -2.83
N MET D 106 14.65 32.13 -1.95
CA MET D 106 14.46 31.28 -0.78
CA MET D 106 14.44 31.33 -0.74
C MET D 106 13.10 30.64 -0.80
N ILE D 107 13.01 29.46 -0.18
CA ILE D 107 11.76 28.72 -0.08
C ILE D 107 11.48 28.41 1.38
N VAL D 108 10.24 28.70 1.81
CA VAL D 108 9.77 28.27 3.12
C VAL D 108 8.72 27.20 2.85
N THR D 109 8.95 26.00 3.37
CA THR D 109 8.08 24.86 3.10
C THR D 109 6.77 24.95 3.86
N THR D 110 5.65 24.84 3.15
CA THR D 110 4.34 24.84 3.80
C THR D 110 3.81 23.41 4.00
N GLY D 111 4.43 22.45 3.33
CA GLY D 111 4.09 21.04 3.45
C GLY D 111 5.05 20.26 2.60
N SER D 112 5.29 19.00 2.97
CA SER D 112 6.21 18.17 2.21
C SER D 112 5.55 16.94 1.61
N VAL D 113 5.94 16.63 0.38
CA VAL D 113 5.61 15.35 -0.24
C VAL D 113 6.50 14.31 0.41
N ARG D 114 5.88 13.30 1.01
CA ARG D 114 6.60 12.31 1.84
C ARG D 114 7.18 11.20 1.00
N LEU D 115 8.31 11.46 0.35
CA LEU D 115 9.00 10.48 -0.50
C LEU D 115 10.14 9.84 0.29
N ASP D 116 9.92 9.76 1.60
CA ASP D 116 10.90 9.23 2.57
C ASP D 116 10.33 7.98 3.24
N GLY D 117 11.09 7.43 4.17
CA GLY D 117 10.61 6.31 4.96
C GLY D 117 10.45 6.62 6.42
N ALA D 118 11.29 7.50 6.95
CA ALA D 118 11.30 7.70 8.39
C ALA D 118 10.02 8.37 8.87
N SER D 119 9.39 9.21 8.04
CA SER D 119 8.14 9.84 8.46
C SER D 119 7.10 8.80 8.88
N LEU D 120 7.07 7.66 8.17
CA LEU D 120 6.14 6.56 8.48
C LEU D 120 6.40 5.90 9.82
N HIS D 121 7.56 6.16 10.43
CA HIS D 121 7.84 5.63 11.74
C HIS D 121 7.24 6.50 12.84
N PHE D 122 6.63 7.63 12.45
CA PHE D 122 5.95 8.55 13.36
C PHE D 122 4.46 8.69 13.09
N ALA D 123 4.06 8.61 11.82
CA ALA D 123 2.64 8.76 11.51
C ALA D 123 2.39 8.08 10.17
N PRO D 124 1.19 7.50 10.00
CA PRO D 124 0.90 6.85 8.71
C PRO D 124 0.88 7.88 7.58
N MET D 125 0.92 7.41 6.34
CA MET D 125 1.13 8.28 5.18
C MET D 125 0.08 9.39 5.05
N GLU D 126 -1.14 9.12 5.51
CA GLU D 126 -2.25 10.07 5.45
CA GLU D 126 -2.21 10.11 5.38
C GLU D 126 -1.99 11.37 6.22
N PHE D 127 -1.10 11.30 7.21
CA PHE D 127 -0.83 12.45 8.08
C PHE D 127 0.01 13.48 7.29
N PRO D 128 -0.33 14.78 7.42
CA PRO D 128 0.38 15.81 6.63
C PRO D 128 1.76 16.16 7.21
N ALA D 129 2.76 16.20 6.34
CA ALA D 129 4.08 16.67 6.74
C ALA D 129 4.07 18.21 6.68
N VAL D 130 3.60 18.83 7.76
CA VAL D 130 3.40 20.28 7.74
CA VAL D 130 3.28 20.24 7.80
C VAL D 130 4.13 20.92 8.90
N PRO D 131 4.61 22.16 8.66
CA PRO D 131 5.37 22.88 9.69
C PRO D 131 4.43 23.49 10.73
N ASP D 132 5.00 23.82 11.87
CA ASP D 132 4.31 24.69 12.81
C ASP D 132 4.07 26.05 12.14
N PHE D 133 2.85 26.59 12.31
CA PHE D 133 2.49 27.81 11.59
C PHE D 133 3.29 29.03 12.06
N ASP D 134 3.58 29.10 13.36
CA ASP D 134 4.42 30.19 13.88
C ASP D 134 5.81 30.14 13.28
N VAL D 135 6.40 28.94 13.19
CA VAL D 135 7.74 28.85 12.63
C VAL D 135 7.74 29.25 11.17
N ALA D 136 6.78 28.75 10.39
CA ALA D 136 6.71 29.11 8.97
C ALA D 136 6.53 30.62 8.79
N THR D 137 5.68 31.21 9.62
CA THR D 137 5.44 32.66 9.59
C THR D 137 6.71 33.45 9.90
N ALA D 138 7.45 33.02 10.94
CA ALA D 138 8.71 33.67 11.31
C ALA D 138 9.74 33.55 10.20
N MET D 139 9.79 32.38 9.56
CA MET D 139 10.75 32.17 8.48
CA MET D 139 10.71 32.13 8.45
C MET D 139 10.43 33.04 7.27
N LYS D 140 9.15 33.13 6.92
CA LYS D 140 8.76 33.98 5.80
C LYS D 140 9.16 35.43 6.09
N ALA D 141 8.85 35.90 7.29
CA ALA D 141 9.17 37.28 7.65
C ALA D 141 10.67 37.54 7.62
N ALA D 142 11.44 36.66 8.22
CA ALA D 142 12.90 36.82 8.23
C ALA D 142 13.45 36.78 6.81
N ALA D 143 12.95 35.87 5.99
CA ALA D 143 13.41 35.77 4.61
C ALA D 143 13.09 37.03 3.84
N GLN D 144 11.88 37.55 4.00
CA GLN D 144 11.51 38.77 3.28
C GLN D 144 12.36 39.95 3.75
N GLU D 145 12.61 40.05 5.05
CA GLU D 145 13.35 41.18 5.60
C GLU D 145 14.81 41.20 5.14
N SER D 146 15.31 40.06 4.69
CA SER D 146 16.68 39.98 4.17
C SER D 146 16.80 40.52 2.75
N GLY D 147 15.66 40.77 2.11
CA GLY D 147 15.65 41.30 0.76
C GLY D 147 15.49 40.19 -0.27
N ALA D 148 15.40 38.96 0.22
CA ALA D 148 15.28 37.80 -0.66
C ALA D 148 13.93 37.75 -1.35
N THR D 149 13.91 37.10 -2.50
CA THR D 149 12.65 36.70 -3.13
C THR D 149 12.25 35.38 -2.52
N VAL D 150 11.07 35.33 -1.92
CA VAL D 150 10.67 34.21 -1.07
C VAL D 150 9.44 33.53 -1.65
N HIS D 151 9.48 32.20 -1.69
CA HIS D 151 8.34 31.41 -2.14
C HIS D 151 7.86 30.55 -1.01
N MET D 152 6.55 30.53 -0.79
CA MET D 152 5.92 29.62 0.15
C MET D 152 5.31 28.47 -0.66
N GLY D 153 5.56 27.24 -0.28
CA GLY D 153 4.87 26.16 -0.96
C GLY D 153 5.38 24.79 -0.62
N VAL D 154 4.96 23.82 -1.43
CA VAL D 154 5.20 22.42 -1.16
C VAL D 154 6.57 21.98 -1.66
N THR D 155 7.23 21.17 -0.84
CA THR D 155 8.56 20.63 -1.11
C THR D 155 8.47 19.12 -1.25
N ALA D 156 9.13 18.54 -2.26
CA ALA D 156 9.21 17.08 -2.38
C ALA D 156 10.44 16.61 -1.60
N SER D 157 10.22 15.71 -0.63
CA SER D 157 11.28 15.33 0.29
C SER D 157 11.61 13.87 0.10
N SER D 158 12.79 13.61 -0.46
CA SER D 158 13.18 12.32 -0.98
C SER D 158 14.25 11.62 -0.16
N ASP D 159 14.10 10.31 0.02
CA ASP D 159 15.13 9.48 0.67
C ASP D 159 16.35 9.24 -0.21
N THR D 160 16.33 9.67 -1.47
CA THR D 160 17.54 9.62 -2.29
C THR D 160 17.80 10.95 -2.96
N PHE D 161 19.04 11.16 -3.33
CA PHE D 161 19.42 12.33 -4.11
C PHE D 161 19.25 12.05 -5.59
N TYR D 162 19.38 10.79 -5.98
CA TYR D 162 19.44 10.42 -7.38
C TYR D 162 18.09 9.92 -7.95
N PRO D 163 17.73 8.64 -7.78
CA PRO D 163 16.49 8.25 -8.49
C PRO D 163 15.21 8.92 -7.96
N GLY D 164 15.13 9.15 -6.64
CA GLY D 164 13.96 9.78 -6.06
C GLY D 164 13.80 11.25 -6.46
N GLN D 165 14.83 11.84 -7.06
CA GLN D 165 14.73 13.18 -7.61
C GLN D 165 14.78 13.11 -9.13
N GLU D 166 14.54 11.91 -9.66
CA GLU D 166 14.54 11.63 -11.09
C GLU D 166 15.78 12.15 -11.80
N ARG D 167 16.96 11.88 -11.22
CA ARG D 167 18.22 12.08 -11.92
C ARG D 167 18.60 10.83 -12.69
N TYR D 168 18.92 10.99 -13.97
CA TYR D 168 19.32 9.88 -14.84
C TYR D 168 20.81 9.83 -15.11
N ASP D 169 21.55 10.88 -14.75
CA ASP D 169 22.99 10.88 -15.06
C ASP D 169 23.72 10.16 -13.93
N THR D 170 23.59 8.84 -13.93
CA THR D 170 24.02 8.02 -12.80
C THR D 170 24.71 6.76 -13.29
N PHE D 171 25.19 5.96 -12.36
CA PHE D 171 25.86 4.72 -12.71
C PHE D 171 24.99 3.81 -13.58
N THR D 172 23.74 3.57 -13.20
CA THR D 172 22.89 2.72 -14.04
C THR D 172 22.10 3.49 -15.09
N GLY D 173 21.86 4.78 -14.85
CA GLY D 173 21.01 5.55 -15.73
C GLY D 173 19.55 5.16 -15.69
N ARG D 174 19.16 4.36 -14.70
CA ARG D 174 17.78 3.91 -14.55
CA ARG D 174 17.78 3.91 -14.56
C ARG D 174 17.12 4.59 -13.38
N VAL D 175 15.81 4.77 -13.48
CA VAL D 175 14.99 5.24 -12.38
C VAL D 175 13.82 4.25 -12.28
N VAL D 176 13.58 3.76 -11.06
CA VAL D 176 12.53 2.78 -10.82
C VAL D 176 11.17 3.36 -11.23
N ARG D 177 10.27 2.46 -11.60
CA ARG D 177 8.97 2.82 -12.12
CA ARG D 177 8.97 2.84 -12.13
C ARG D 177 8.26 3.92 -11.32
N ARG D 178 8.26 3.77 -10.00
CA ARG D 178 7.61 4.74 -9.11
C ARG D 178 8.00 6.17 -9.41
N PHE D 179 9.27 6.39 -9.78
CA PHE D 179 9.80 7.73 -9.94
C PHE D 179 9.96 8.19 -11.39
N GLN D 180 9.69 7.31 -12.34
CA GLN D 180 9.71 7.71 -13.75
C GLN D 180 8.61 8.73 -13.99
N GLY D 181 8.94 9.86 -14.60
CA GLY D 181 7.97 10.91 -14.84
C GLY D 181 7.60 11.73 -13.63
N SER D 182 8.23 11.45 -12.49
CA SER D 182 7.81 12.09 -11.25
C SER D 182 8.16 13.57 -11.18
N MET D 183 9.28 13.99 -11.76
CA MET D 183 9.58 15.41 -11.66
CA MET D 183 9.65 15.40 -11.78
C MET D 183 8.54 16.24 -12.39
N LYS D 184 8.10 15.82 -13.57
CA LYS D 184 7.03 16.50 -14.29
CA LYS D 184 7.03 16.50 -14.29
C LYS D 184 5.72 16.49 -13.50
N GLU D 185 5.43 15.37 -12.85
CA GLU D 185 4.24 15.26 -12.03
CA GLU D 185 4.22 15.29 -12.04
C GLU D 185 4.26 16.31 -10.91
N TRP D 186 5.38 16.39 -10.19
CA TRP D 186 5.45 17.38 -9.12
C TRP D 186 5.41 18.80 -9.65
N GLN D 187 6.06 19.04 -10.80
CA GLN D 187 6.03 20.38 -11.40
C GLN D 187 4.60 20.77 -11.69
N ASP D 188 3.83 19.86 -12.31
CA ASP D 188 2.45 20.18 -12.66
C ASP D 188 1.58 20.37 -11.42
N MET D 189 1.94 19.75 -10.31
CA MET D 189 1.21 19.93 -9.06
C MET D 189 1.66 21.13 -8.27
N GLY D 190 2.59 21.92 -8.81
CA GLY D 190 3.01 23.15 -8.16
C GLY D 190 4.11 23.00 -7.11
N VAL D 191 4.69 21.83 -7.00
CA VAL D 191 5.77 21.60 -6.04
C VAL D 191 6.97 22.46 -6.40
N LEU D 192 7.61 23.07 -5.39
CA LEU D 192 8.65 24.05 -5.66
C LEU D 192 10.05 23.47 -5.82
N ASN D 193 10.36 22.43 -5.07
CA ASN D 193 11.75 22.05 -4.86
C ASN D 193 11.88 20.66 -4.29
N PHE D 194 13.10 20.12 -4.39
CA PHE D 194 13.50 18.87 -3.74
C PHE D 194 14.49 19.09 -2.61
N GLU D 195 14.33 18.33 -1.54
CA GLU D 195 15.39 18.15 -0.54
C GLU D 195 15.18 16.79 0.11
N MET D 196 15.87 16.51 1.21
CA MET D 196 15.92 15.13 1.71
C MET D 196 15.55 14.93 3.17
N GLU D 197 15.17 15.98 3.89
CA GLU D 197 14.92 15.81 5.34
C GLU D 197 13.57 16.33 5.83
N SER D 198 12.92 17.21 5.07
CA SER D 198 11.75 17.90 5.60
C SER D 198 10.57 16.98 5.90
N ALA D 199 10.33 15.97 5.08
CA ALA D 199 9.17 15.12 5.36
C ALA D 199 9.35 14.45 6.72
N THR D 200 10.56 13.96 7.00
CA THR D 200 10.78 13.30 8.27
C THR D 200 10.68 14.31 9.41
N LEU D 201 11.38 15.43 9.26
CA LEU D 201 11.38 16.43 10.32
C LEU D 201 9.97 16.92 10.64
N LEU D 202 9.24 17.32 9.60
CA LEU D 202 7.94 17.92 9.82
C LEU D 202 6.93 16.90 10.36
N THR D 203 6.96 15.67 9.85
CA THR D 203 6.01 14.67 10.32
C THR D 203 6.32 14.30 11.76
N MET D 204 7.59 14.04 12.05
CA MET D 204 7.98 13.70 13.40
CA MET D 204 7.91 13.66 13.42
C MET D 204 7.55 14.77 14.39
N CYS D 205 7.83 16.02 14.05
CA CYS D 205 7.56 17.09 14.98
C CYS D 205 6.06 17.36 15.15
N ALA D 206 5.35 17.41 14.02
CA ALA D 206 3.92 17.73 14.06
C ALA D 206 3.11 16.66 14.80
N SER D 207 3.64 15.44 14.87
CA SER D 207 2.95 14.34 15.53
C SER D 207 3.49 14.08 16.95
N SER D 208 4.44 14.90 17.40
CA SER D 208 5.10 14.67 18.68
C SER D 208 5.12 15.90 19.58
N GLY D 209 4.34 16.92 19.25
CA GLY D 209 4.28 18.10 20.11
C GLY D 209 5.51 18.99 20.07
N LEU D 210 6.21 18.97 18.93
CA LEU D 210 7.39 19.81 18.73
C LEU D 210 7.11 20.78 17.59
N LYS D 211 7.65 21.98 17.66
CA LYS D 211 7.45 22.97 16.59
CA LYS D 211 7.46 22.96 16.59
C LYS D 211 8.62 22.89 15.60
N ALA D 212 8.32 22.81 14.32
CA ALA D 212 9.37 22.72 13.30
C ALA D 212 9.01 23.52 12.06
N GLY D 213 10.03 23.95 11.34
CA GLY D 213 9.84 24.53 10.03
C GLY D 213 11.12 24.41 9.24
N CYS D 214 11.04 24.69 7.94
CA CYS D 214 12.19 24.56 7.04
CA CYS D 214 12.17 24.55 7.06
C CYS D 214 12.27 25.77 6.12
N VAL D 215 13.48 26.31 5.99
CA VAL D 215 13.75 27.38 5.05
C VAL D 215 14.99 26.97 4.28
N ALA D 216 15.02 27.31 3.01
CA ALA D 216 16.13 26.88 2.17
C ALA D 216 16.50 27.91 1.12
N GLY D 217 17.79 27.99 0.81
CA GLY D 217 18.25 28.78 -0.31
C GLY D 217 18.34 27.93 -1.57
N VAL D 218 17.88 28.49 -2.69
CA VAL D 218 17.87 27.75 -3.95
C VAL D 218 19.27 27.83 -4.57
N ILE D 219 19.95 26.69 -4.70
CA ILE D 219 21.30 26.72 -5.26
C ILE D 219 21.37 26.23 -6.68
N ILE D 220 20.39 25.44 -7.11
CA ILE D 220 20.25 25.09 -8.52
C ILE D 220 18.79 25.07 -8.88
N ASN D 221 18.52 25.18 -10.18
CA ASN D 221 17.19 24.94 -10.69
C ASN D 221 17.31 23.77 -11.66
N ARG D 222 16.52 22.72 -11.43
CA ARG D 222 16.62 21.48 -12.22
C ARG D 222 16.22 21.67 -13.67
N THR D 223 15.57 22.78 -14.00
CA THR D 223 15.22 23.07 -15.39
C THR D 223 16.38 23.78 -16.09
N GLN D 224 17.51 23.99 -15.38
N GLN D 224 17.46 24.02 -15.34
CA GLN D 224 18.61 24.82 -15.87
CA GLN D 224 18.61 24.72 -15.84
C GLN D 224 19.99 24.13 -15.91
C GLN D 224 19.80 23.79 -15.66
N LYS D 225 20.75 24.18 -14.83
CA LYS D 225 22.02 23.45 -14.77
C LYS D 225 22.25 22.86 -13.40
N GLU D 226 23.10 21.84 -13.32
CA GLU D 226 23.38 21.16 -12.06
C GLU D 226 24.56 21.74 -11.29
N ILE D 227 25.43 22.51 -11.98
CA ILE D 227 26.66 23.01 -11.36
C ILE D 227 26.51 24.47 -10.95
N PRO D 228 26.47 24.75 -9.64
CA PRO D 228 26.27 26.14 -9.24
C PRO D 228 27.49 27.03 -9.44
N ASP D 229 27.22 28.30 -9.64
CA ASP D 229 28.24 29.34 -9.71
C ASP D 229 28.68 29.68 -8.29
N HIS D 230 29.99 29.73 -8.05
CA HIS D 230 30.50 29.75 -6.68
C HIS D 230 30.15 31.01 -5.89
N ALA D 231 30.23 32.18 -6.51
CA ALA D 231 29.95 33.41 -5.77
C ALA D 231 28.47 33.50 -5.45
N THR D 232 27.64 33.12 -6.40
CA THR D 232 26.20 33.12 -6.20
C THR D 232 25.82 32.16 -5.05
N LEU D 233 26.39 30.96 -5.08
CA LEU D 233 26.13 29.98 -4.03
CA LEU D 233 26.18 29.95 -4.04
C LEU D 233 26.58 30.50 -2.67
N LYS D 234 27.75 31.11 -2.60
CA LYS D 234 28.28 31.63 -1.35
CA LYS D 234 28.28 31.64 -1.35
C LYS D 234 27.33 32.69 -0.77
N GLU D 235 26.84 33.58 -1.64
CA GLU D 235 25.92 34.61 -1.20
CA GLU D 235 25.91 34.61 -1.22
C GLU D 235 24.62 34.03 -0.68
N THR D 236 24.09 33.04 -1.38
CA THR D 236 22.86 32.39 -0.99
C THR D 236 23.02 31.71 0.37
N GLU D 237 24.13 30.97 0.54
CA GLU D 237 24.35 30.27 1.80
C GLU D 237 24.50 31.24 2.96
N ALA D 238 25.18 32.35 2.75
CA ALA D 238 25.35 33.32 3.83
C ALA D 238 24.01 33.95 4.21
N ARG D 239 23.19 34.24 3.21
CA ARG D 239 21.90 34.85 3.52
CA ARG D 239 21.88 34.83 3.47
C ARG D 239 21.00 33.85 4.23
N SER D 240 21.06 32.58 3.86
CA SER D 240 20.17 31.60 4.47
CA SER D 240 20.19 31.59 4.49
C SER D 240 20.42 31.48 5.97
N ILE D 241 21.68 31.50 6.37
CA ILE D 241 21.93 31.35 7.79
C ILE D 241 21.61 32.64 8.56
N LYS D 242 21.80 33.80 7.96
CA LYS D 242 21.33 35.05 8.55
CA LYS D 242 21.33 35.03 8.59
C LYS D 242 19.83 34.98 8.78
N VAL D 243 19.11 34.51 7.77
CA VAL D 243 17.67 34.38 7.86
C VAL D 243 17.21 33.43 8.96
N VAL D 244 17.83 32.25 9.07
CA VAL D 244 17.35 31.30 10.08
C VAL D 244 17.59 31.83 11.50
N VAL D 245 18.68 32.58 11.70
CA VAL D 245 18.93 33.17 13.00
C VAL D 245 17.89 34.25 13.32
N GLU D 246 17.53 35.06 12.32
CA GLU D 246 16.47 36.05 12.53
CA GLU D 246 16.47 36.05 12.49
C GLU D 246 15.11 35.39 12.77
N ALA D 247 14.85 34.26 12.11
CA ALA D 247 13.61 33.53 12.37
C ALA D 247 13.61 32.99 13.81
N ALA D 248 14.77 32.52 14.27
CA ALA D 248 14.90 32.08 15.66
C ALA D 248 14.62 33.25 16.62
N ARG D 249 15.13 34.44 16.32
CA ARG D 249 14.90 35.60 17.16
CA ARG D 249 14.89 35.59 17.16
C ARG D 249 13.40 35.85 17.28
N LYS D 250 12.69 35.74 16.16
CA LYS D 250 11.25 35.97 16.16
C LYS D 250 10.48 34.93 16.98
N MET D 251 10.98 33.70 16.99
CA MET D 251 10.35 32.62 17.76
C MET D 251 10.58 32.80 19.26
N LEU D 252 11.67 33.45 19.63
CA LEU D 252 12.04 33.63 21.03
C LEU D 252 11.43 34.89 21.65
N LYS D 253 10.84 35.74 20.82
CA LYS D 253 10.21 36.96 21.31
CA LYS D 253 10.18 36.96 21.30
C LYS D 253 9.15 36.65 22.38
N LYS E 3 -20.91 25.96 -21.44
CA LYS E 3 -21.23 27.34 -21.07
C LYS E 3 -21.91 27.39 -19.70
N THR E 4 -22.81 26.45 -19.43
CA THR E 4 -23.40 26.29 -18.11
C THR E 4 -22.86 25.01 -17.52
N VAL E 5 -22.18 25.09 -16.38
CA VAL E 5 -21.55 23.91 -15.78
C VAL E 5 -22.60 22.88 -15.37
N PHE E 6 -22.22 21.61 -15.46
CA PHE E 6 -23.18 20.51 -15.41
C PHE E 6 -23.97 20.37 -14.10
N HIS E 7 -23.29 20.48 -12.96
CA HIS E 7 -23.97 20.34 -11.68
C HIS E 7 -24.45 21.65 -11.07
N LEU E 8 -23.63 22.71 -11.15
CA LEU E 8 -23.97 23.96 -10.47
C LEU E 8 -25.01 24.78 -11.20
N GLY E 9 -25.12 24.59 -12.51
CA GLY E 9 -26.17 25.26 -13.27
C GLY E 9 -26.01 26.76 -13.41
N VAL E 10 -24.76 27.21 -13.38
CA VAL E 10 -24.42 28.62 -13.55
C VAL E 10 -23.42 28.81 -14.66
N THR E 11 -23.34 30.04 -15.17
CA THR E 11 -22.41 30.40 -16.22
C THR E 11 -21.35 31.33 -15.65
N GLU E 12 -20.30 31.56 -16.42
CA GLU E 12 -19.25 32.47 -15.98
C GLU E 12 -19.83 33.88 -15.81
N ALA E 13 -20.69 34.28 -16.72
CA ALA E 13 -21.30 35.61 -16.64
C ALA E 13 -22.10 35.78 -15.35
N ASP E 14 -22.72 34.71 -14.88
CA ASP E 14 -23.49 34.76 -13.64
C ASP E 14 -22.65 35.20 -12.44
N LEU E 15 -21.35 34.92 -12.50
CA LEU E 15 -20.46 35.20 -11.39
C LEU E 15 -19.94 36.64 -11.37
N ASN E 16 -20.23 37.39 -12.44
CA ASN E 16 -19.88 38.82 -12.50
CA ASN E 16 -19.89 38.81 -12.48
C ASN E 16 -18.42 39.09 -12.13
N GLY E 17 -17.54 38.23 -12.64
CA GLY E 17 -16.12 38.43 -12.47
C GLY E 17 -15.52 37.88 -11.18
N ALA E 18 -16.32 37.18 -10.37
CA ALA E 18 -15.79 36.68 -9.10
C ALA E 18 -14.62 35.73 -9.30
N THR E 19 -13.58 35.89 -8.48
CA THR E 19 -12.49 34.92 -8.51
C THR E 19 -12.28 34.27 -7.15
N LEU E 20 -13.17 34.57 -6.20
CA LEU E 20 -13.11 34.02 -4.87
C LEU E 20 -14.47 33.47 -4.50
N ALA E 21 -14.48 32.29 -3.89
CA ALA E 21 -15.70 31.66 -3.39
C ALA E 21 -15.58 31.31 -1.93
N ILE E 22 -16.65 31.56 -1.19
CA ILE E 22 -16.82 31.01 0.15
C ILE E 22 -17.69 29.77 0.00
N ILE E 23 -17.22 28.67 0.58
CA ILE E 23 -17.84 27.37 0.34
C ILE E 23 -18.25 26.65 1.62
N PRO E 24 -19.43 26.99 2.16
CA PRO E 24 -19.95 26.24 3.32
C PRO E 24 -20.47 24.87 2.87
N GLY E 25 -20.70 23.99 3.83
CA GLY E 25 -21.27 22.69 3.50
C GLY E 25 -22.78 22.68 3.30
N ASP E 26 -23.49 23.39 4.18
CA ASP E 26 -24.94 23.35 4.25
C ASP E 26 -25.56 24.36 3.28
N PRO E 27 -26.37 23.89 2.31
CA PRO E 27 -27.01 24.84 1.40
C PRO E 27 -27.81 25.94 2.10
N ALA E 28 -28.38 25.65 3.28
CA ALA E 28 -29.16 26.66 4.00
C ALA E 28 -28.30 27.80 4.55
N ARG E 29 -26.98 27.60 4.60
CA ARG E 29 -26.06 28.61 5.13
C ARG E 29 -25.63 29.61 4.06
N VAL E 30 -25.88 29.28 2.79
CA VAL E 30 -25.39 30.10 1.69
C VAL E 30 -25.98 31.50 1.72
N GLN E 31 -27.30 31.58 1.84
CA GLN E 31 -27.96 32.88 1.87
C GLN E 31 -27.50 33.71 3.07
N LYS E 32 -27.30 33.06 4.22
CA LYS E 32 -26.87 33.76 5.44
C LYS E 32 -25.51 34.42 5.23
N ILE E 33 -24.62 33.69 4.57
CA ILE E 33 -23.30 34.24 4.32
C ILE E 33 -23.38 35.36 3.31
N ALA E 34 -24.11 35.13 2.24
CA ALA E 34 -24.25 36.15 1.20
C ALA E 34 -24.79 37.47 1.75
N GLU E 35 -25.71 37.37 2.72
CA GLU E 35 -26.36 38.56 3.26
C GLU E 35 -25.47 39.33 4.23
N LEU E 36 -24.31 38.79 4.56
CA LEU E 36 -23.31 39.55 5.31
C LEU E 36 -22.57 40.50 4.39
N MET E 37 -22.75 40.34 3.08
CA MET E 37 -22.07 41.17 2.09
C MET E 37 -23.10 42.05 1.39
N ASP E 38 -22.67 42.79 0.38
CA ASP E 38 -23.56 43.73 -0.30
C ASP E 38 -24.22 43.10 -1.52
N ASN E 39 -25.43 43.55 -1.84
CA ASN E 39 -26.13 43.10 -3.03
C ASN E 39 -26.15 41.59 -3.25
N PRO E 40 -26.60 40.81 -2.26
CA PRO E 40 -26.66 39.36 -2.47
C PRO E 40 -27.70 39.01 -3.53
N VAL E 41 -27.35 38.06 -4.40
CA VAL E 41 -28.21 37.64 -5.50
C VAL E 41 -28.19 36.13 -5.58
N PHE E 42 -29.37 35.52 -5.51
CA PHE E 42 -29.53 34.07 -5.72
C PHE E 42 -29.25 33.73 -7.18
N LEU E 43 -28.37 32.75 -7.41
CA LEU E 43 -28.06 32.32 -8.79
C LEU E 43 -28.72 31.01 -9.18
N ALA E 44 -28.58 29.98 -8.35
CA ALA E 44 -29.13 28.68 -8.68
C ALA E 44 -29.14 27.77 -7.48
N SER E 45 -30.02 26.77 -7.54
CA SER E 45 -30.01 25.70 -6.55
CA SER E 45 -30.01 25.70 -6.55
C SER E 45 -30.33 24.39 -7.26
N HIS E 46 -29.40 23.44 -7.18
CA HIS E 46 -29.55 22.11 -7.76
C HIS E 46 -28.90 21.14 -6.79
N ARG E 47 -29.59 20.07 -6.45
CA ARG E 47 -29.05 19.09 -5.50
CA ARG E 47 -29.07 19.09 -5.50
C ARG E 47 -28.56 19.81 -4.25
N GLU E 48 -27.38 19.45 -3.76
CA GLU E 48 -26.83 20.12 -2.56
C GLU E 48 -26.12 21.44 -2.83
N TYR E 49 -26.24 21.94 -4.07
CA TYR E 49 -25.51 23.13 -4.50
C TYR E 49 -26.39 24.34 -4.63
N THR E 50 -26.32 25.20 -3.63
CA THR E 50 -27.00 26.47 -3.67
C THR E 50 -25.93 27.54 -3.91
N VAL E 51 -26.15 28.39 -4.91
CA VAL E 51 -25.14 29.33 -5.35
C VAL E 51 -25.70 30.76 -5.31
N TYR E 52 -25.00 31.64 -4.60
CA TYR E 52 -25.30 33.07 -4.57
C TYR E 52 -24.07 33.84 -5.01
N ARG E 53 -24.29 35.09 -5.42
CA ARG E 53 -23.22 36.05 -5.63
CA ARG E 53 -23.18 36.02 -5.54
C ARG E 53 -23.47 37.23 -4.68
N ALA E 54 -22.42 37.94 -4.32
CA ALA E 54 -22.55 39.15 -3.53
C ALA E 54 -21.37 40.03 -3.81
N GLU E 55 -21.32 41.20 -3.17
CA GLU E 55 -20.21 42.11 -3.37
C GLU E 55 -19.55 42.44 -2.04
N LEU E 56 -18.23 42.44 -2.06
CA LEU E 56 -17.44 42.68 -0.87
C LEU E 56 -16.42 43.74 -1.24
N ASP E 57 -16.52 44.91 -0.61
CA ASP E 57 -15.68 46.04 -0.99
C ASP E 57 -15.68 46.26 -2.49
N GLY E 58 -16.86 46.13 -3.09
CA GLY E 58 -17.02 46.40 -4.51
C GLY E 58 -16.63 45.25 -5.44
N GLN E 59 -16.13 44.15 -4.89
CA GLN E 59 -15.70 43.02 -5.72
C GLN E 59 -16.69 41.86 -5.60
N SER E 60 -16.96 41.20 -6.71
CA SER E 60 -17.87 40.07 -6.71
CA SER E 60 -17.87 40.07 -6.71
C SER E 60 -17.26 38.87 -6.00
N VAL E 61 -18.09 38.23 -5.17
CA VAL E 61 -17.72 37.02 -4.44
CA VAL E 61 -17.69 36.99 -4.53
C VAL E 61 -18.83 36.00 -4.66
N VAL E 62 -18.48 34.74 -4.84
CA VAL E 62 -19.45 33.66 -4.90
CA VAL E 62 -19.51 33.73 -4.89
C VAL E 62 -19.59 32.97 -3.56
N VAL E 63 -20.80 32.56 -3.20
CA VAL E 63 -21.01 31.68 -2.07
CA VAL E 63 -20.95 31.63 -2.10
C VAL E 63 -21.69 30.42 -2.62
N CYS E 64 -21.11 29.25 -2.39
CA CYS E 64 -21.62 28.02 -2.98
C CYS E 64 -21.51 26.90 -1.98
N SER E 65 -22.60 26.21 -1.72
CA SER E 65 -22.52 25.07 -0.81
C SER E 65 -21.86 23.87 -1.47
N THR E 66 -21.30 22.97 -0.66
CA THR E 66 -20.55 21.84 -1.19
C THR E 66 -21.24 20.51 -0.99
N GLY E 67 -22.23 20.48 -0.11
CA GLY E 67 -22.70 19.21 0.43
C GLY E 67 -21.71 18.57 1.40
N ILE E 68 -22.03 17.37 1.86
CA ILE E 68 -21.15 16.63 2.77
C ILE E 68 -20.20 15.75 1.98
N GLY E 69 -18.92 15.84 2.33
CA GLY E 69 -17.93 14.92 1.82
C GLY E 69 -17.10 15.44 0.65
N GLY E 70 -15.93 14.84 0.50
CA GLY E 70 -15.03 15.17 -0.57
C GLY E 70 -15.60 15.06 -1.99
N PRO E 71 -16.36 13.98 -2.28
CA PRO E 71 -16.86 13.85 -3.66
C PRO E 71 -17.75 15.01 -4.09
N SER E 72 -18.71 15.39 -3.25
CA SER E 72 -19.57 16.48 -3.66
CA SER E 72 -19.60 16.50 -3.53
C SER E 72 -18.82 17.81 -3.65
N THR E 73 -17.88 18.00 -2.73
CA THR E 73 -17.05 19.19 -2.70
C THR E 73 -16.21 19.29 -3.98
N SER E 74 -15.65 18.17 -4.43
CA SER E 74 -14.75 18.18 -5.57
C SER E 74 -15.46 18.68 -6.84
N ILE E 75 -16.74 18.35 -6.98
CA ILE E 75 -17.52 18.81 -8.13
C ILE E 75 -17.70 20.31 -8.09
N ALA E 76 -18.06 20.84 -6.92
CA ALA E 76 -18.30 22.28 -6.81
C ALA E 76 -17.01 23.06 -7.10
N VAL E 77 -15.89 22.63 -6.51
CA VAL E 77 -14.64 23.34 -6.70
C VAL E 77 -14.22 23.31 -8.18
N GLU E 78 -14.30 22.13 -8.80
CA GLU E 78 -13.95 22.01 -10.21
C GLU E 78 -14.80 22.93 -11.08
N GLU E 79 -16.10 22.89 -10.88
CA GLU E 79 -16.97 23.66 -11.76
C GLU E 79 -16.83 25.16 -11.54
N LEU E 80 -16.64 25.58 -10.29
CA LEU E 80 -16.32 26.98 -10.04
C LEU E 80 -14.99 27.40 -10.66
N ALA E 81 -13.99 26.52 -10.60
CA ALA E 81 -12.70 26.83 -11.22
C ALA E 81 -12.84 26.96 -12.74
N GLN E 82 -13.69 26.14 -13.36
CA GLN E 82 -13.96 26.29 -14.78
C GLN E 82 -14.53 27.67 -15.12
N LEU E 83 -15.19 28.28 -14.15
CA LEU E 83 -15.84 29.57 -14.35
C LEU E 83 -15.00 30.73 -13.81
N GLY E 84 -13.73 30.47 -13.49
CA GLY E 84 -12.79 31.53 -13.17
C GLY E 84 -12.45 31.71 -11.70
N VAL E 85 -13.06 30.91 -10.83
CA VAL E 85 -12.76 31.03 -9.39
C VAL E 85 -11.40 30.40 -9.07
N ARG E 86 -10.59 31.12 -8.30
CA ARG E 86 -9.23 30.67 -8.02
C ARG E 86 -8.93 30.51 -6.54
N THR E 87 -9.77 31.09 -5.69
CA THR E 87 -9.57 31.08 -4.24
C THR E 87 -10.83 30.56 -3.58
N PHE E 88 -10.68 29.60 -2.66
CA PHE E 88 -11.79 28.89 -2.03
C PHE E 88 -11.62 28.94 -0.52
N LEU E 89 -12.58 29.55 0.15
CA LEU E 89 -12.55 29.65 1.61
CA LEU E 89 -12.55 29.66 1.61
C LEU E 89 -13.64 28.80 2.20
N ARG E 90 -13.25 27.71 2.86
CA ARG E 90 -14.18 26.78 3.48
C ARG E 90 -14.47 27.26 4.91
N VAL E 91 -15.76 27.28 5.27
CA VAL E 91 -16.19 27.59 6.62
C VAL E 91 -17.16 26.53 7.07
N GLY E 92 -17.17 26.24 8.35
N GLY E 92 -17.21 26.33 8.38
CA GLY E 92 -18.13 25.25 8.79
CA GLY E 92 -18.24 25.54 9.03
C GLY E 92 -17.90 24.64 10.13
C GLY E 92 -18.07 25.56 10.52
N THR E 93 -18.56 23.51 10.36
N THR E 93 -18.75 24.64 11.20
CA THR E 93 -18.67 22.99 11.70
CA THR E 93 -18.51 24.41 12.62
C THR E 93 -17.68 21.87 11.93
C THR E 93 -18.07 22.96 12.78
N THR E 94 -17.26 21.71 13.17
N THR E 94 -17.43 22.64 13.91
CA THR E 94 -16.34 20.67 13.55
CA THR E 94 -16.75 21.35 14.04
C THR E 94 -16.55 20.33 15.01
C THR E 94 -16.75 20.83 15.49
N GLY E 95 -16.21 19.11 15.40
N GLY E 95 -16.42 19.55 15.61
CA GLY E 95 -16.08 18.85 16.82
CA GLY E 95 -16.13 18.91 16.90
C GLY E 95 -14.64 19.21 17.08
C GLY E 95 -14.65 18.64 17.15
N ALA E 96 -14.20 19.06 18.32
CA ALA E 96 -12.79 18.98 18.64
C ALA E 96 -12.52 17.68 19.36
N ILE E 97 -11.26 17.24 19.32
CA ILE E 97 -10.87 16.01 20.01
C ILE E 97 -9.78 16.24 21.05
N GLN E 98 -9.39 17.50 21.26
CA GLN E 98 -8.40 17.84 22.28
C GLN E 98 -9.06 18.51 23.46
N PRO E 99 -8.70 18.12 24.69
CA PRO E 99 -9.35 18.70 25.87
C PRO E 99 -9.13 20.20 26.03
N HIS E 100 -8.07 20.75 25.46
CA HIS E 100 -7.79 22.18 25.65
C HIS E 100 -8.55 23.07 24.67
N VAL E 101 -9.24 22.47 23.70
CA VAL E 101 -10.00 23.23 22.72
C VAL E 101 -11.44 23.35 23.23
N ASN E 102 -11.92 24.58 23.37
CA ASN E 102 -13.24 24.80 23.92
C ASN E 102 -14.30 25.11 22.89
N VAL E 103 -15.55 24.82 23.23
CA VAL E 103 -16.65 25.23 22.39
C VAL E 103 -16.61 26.74 22.26
N GLY E 104 -16.74 27.23 21.04
CA GLY E 104 -16.63 28.65 20.78
C GLY E 104 -15.27 29.05 20.24
N ASP E 105 -14.25 28.21 20.43
CA ASP E 105 -12.95 28.49 19.83
C ASP E 105 -13.04 28.27 18.33
N MET E 106 -12.04 28.76 17.61
CA MET E 106 -11.96 28.60 16.15
CA MET E 106 -12.00 28.49 16.18
C MET E 106 -10.73 27.74 15.84
N ILE E 107 -10.82 26.94 14.78
CA ILE E 107 -9.68 26.17 14.29
C ILE E 107 -9.40 26.57 12.85
N VAL E 108 -8.15 26.88 12.55
CA VAL E 108 -7.72 27.09 11.18
C VAL E 108 -6.77 25.93 10.85
N THR E 109 -7.14 25.17 9.81
CA THR E 109 -6.41 23.95 9.48
C THR E 109 -5.08 24.27 8.82
N THR E 110 -3.99 23.73 9.36
CA THR E 110 -2.68 23.90 8.74
C THR E 110 -2.32 22.70 7.87
N GLY E 111 -3.05 21.61 8.01
CA GLY E 111 -2.84 20.40 7.22
C GLY E 111 -3.90 19.39 7.63
N SER E 112 -4.27 18.50 6.72
CA SER E 112 -5.28 17.51 7.02
C SER E 112 -4.76 16.10 6.92
N VAL E 113 -5.19 15.25 7.87
CA VAL E 113 -4.99 13.82 7.74
C VAL E 113 -5.98 13.31 6.67
N ARG E 114 -5.45 12.66 5.65
CA ARG E 114 -6.23 12.29 4.46
C ARG E 114 -6.92 10.94 4.68
N LEU E 115 -8.01 10.97 5.45
CA LEU E 115 -8.80 9.76 5.70
C LEU E 115 -9.99 9.70 4.73
N ASP E 116 -9.77 10.24 3.53
CA ASP E 116 -10.78 10.34 2.50
C ASP E 116 -10.35 9.53 1.29
N GLY E 117 -11.13 9.54 0.23
CA GLY E 117 -10.76 8.90 -1.02
C GLY E 117 -10.52 9.89 -2.14
N ALA E 118 -11.27 11.00 -2.16
CA ALA E 118 -11.22 11.88 -3.31
C ALA E 118 -9.87 12.58 -3.45
N SER E 119 -9.18 12.82 -2.33
CA SER E 119 -7.87 13.47 -2.43
C SER E 119 -6.92 12.68 -3.35
N LEU E 120 -7.03 11.35 -3.32
CA LEU E 120 -6.21 10.45 -4.12
C LEU E 120 -6.49 10.56 -5.62
N HIS E 121 -7.59 11.21 -5.98
CA HIS E 121 -7.94 11.43 -7.37
C HIS E 121 -7.21 12.65 -7.93
N PHE E 122 -6.48 13.37 -7.07
CA PHE E 122 -5.71 14.55 -7.47
C PHE E 122 -4.22 14.40 -7.21
N ALA E 123 -3.85 13.70 -6.13
CA ALA E 123 -2.43 13.54 -5.80
C ALA E 123 -2.29 12.27 -4.99
N PRO E 124 -1.15 11.56 -5.14
CA PRO E 124 -0.92 10.34 -4.35
C PRO E 124 -0.83 10.69 -2.86
N MET E 125 -0.93 9.68 -2.01
CA MET E 125 -1.09 9.89 -0.57
C MET E 125 0.07 10.67 0.05
N GLU E 126 1.27 10.55 -0.52
CA GLU E 126 2.46 11.25 -0.03
CA GLU E 126 2.43 11.25 0.03
C GLU E 126 2.32 12.78 -0.05
N PHE E 127 1.44 13.29 -0.93
CA PHE E 127 1.30 14.72 -1.10
C PHE E 127 0.58 15.31 0.11
N PRO E 128 1.04 16.47 0.63
CA PRO E 128 0.41 17.04 1.84
C PRO E 128 -0.90 17.74 1.54
N ALA E 129 -1.94 17.45 2.33
CA ALA E 129 -3.19 18.19 2.26
C ALA E 129 -3.03 19.50 3.03
N VAL E 130 -2.46 20.50 2.38
CA VAL E 130 -2.03 21.74 2.99
CA VAL E 130 -2.15 21.75 3.08
C VAL E 130 -2.78 22.95 2.41
N PRO E 131 -3.17 23.94 3.24
CA PRO E 131 -3.79 25.14 2.69
C PRO E 131 -2.76 26.04 2.02
N ASP E 132 -3.27 26.92 1.16
CA ASP E 132 -2.49 28.06 0.70
C ASP E 132 -2.08 28.91 1.91
N PHE E 133 -0.81 29.31 1.96
CA PHE E 133 -0.32 30.07 3.10
C PHE E 133 -1.02 31.42 3.27
N ASP E 134 -1.29 32.12 2.18
CA ASP E 134 -2.01 33.40 2.27
C ASP E 134 -3.41 33.20 2.83
N VAL E 135 -4.12 32.17 2.38
CA VAL E 135 -5.47 31.95 2.91
C VAL E 135 -5.41 31.60 4.40
N ALA E 136 -4.49 30.70 4.80
CA ALA E 136 -4.40 30.33 6.20
C ALA E 136 -4.06 31.55 7.05
N THR E 137 -3.19 32.41 6.53
CA THR E 137 -2.79 33.62 7.24
C THR E 137 -3.98 34.57 7.40
N ALA E 138 -4.75 34.75 6.33
CA ALA E 138 -5.94 35.58 6.37
C ALA E 138 -6.98 35.03 7.34
N MET E 139 -7.19 33.71 7.33
CA MET E 139 -8.14 33.11 8.25
CA MET E 139 -8.12 33.05 8.25
C MET E 139 -7.71 33.26 9.70
N LYS E 140 -6.42 33.05 9.98
CA LYS E 140 -5.95 33.23 11.35
CA LYS E 140 -5.91 33.24 11.34
C LYS E 140 -6.16 34.68 11.79
N ALA E 141 -5.84 35.62 10.92
CA ALA E 141 -6.00 37.04 11.27
C ALA E 141 -7.47 37.40 11.52
N ALA E 142 -8.35 36.93 10.64
CA ALA E 142 -9.76 37.22 10.81
C ALA E 142 -10.30 36.58 12.08
N ALA E 143 -9.90 35.34 12.33
CA ALA E 143 -10.37 34.64 13.52
C ALA E 143 -9.86 35.31 14.79
N GLN E 144 -8.59 35.69 14.83
CA GLN E 144 -8.07 36.34 16.02
C GLN E 144 -8.67 37.73 16.22
N GLU E 145 -8.85 38.46 15.13
CA GLU E 145 -9.43 39.80 15.23
C GLU E 145 -10.86 39.77 15.77
N SER E 146 -11.54 38.63 15.62
CA SER E 146 -12.91 38.52 16.13
C SER E 146 -12.95 38.44 17.65
N GLY E 147 -11.80 38.17 18.25
CA GLY E 147 -11.73 37.99 19.70
C GLY E 147 -11.78 36.53 20.16
N ALA E 148 -11.96 35.62 19.21
CA ALA E 148 -12.03 34.20 19.53
C ALA E 148 -10.65 33.67 19.91
N THR E 149 -10.62 32.58 20.68
CA THR E 149 -9.40 31.81 20.84
C THR E 149 -9.24 30.94 19.60
N VAL E 150 -8.06 31.01 18.97
CA VAL E 150 -7.84 30.37 17.68
C VAL E 150 -6.74 29.33 17.81
N HIS E 151 -7.00 28.14 17.25
CA HIS E 151 -6.00 27.08 17.19
C HIS E 151 -5.60 26.81 15.75
N MET E 152 -4.30 26.83 15.50
CA MET E 152 -3.74 26.47 14.20
C MET E 152 -3.27 25.03 14.35
N GLY E 153 -3.70 24.13 13.47
CA GLY E 153 -3.18 22.79 13.58
C GLY E 153 -3.84 21.83 12.63
N VAL E 154 -3.56 20.55 12.90
CA VAL E 154 -3.94 19.48 11.99
C VAL E 154 -5.36 19.01 12.25
N THR E 155 -6.08 18.75 11.15
CA THR E 155 -7.45 18.27 11.19
CA THR E 155 -7.43 18.23 11.24
C THR E 155 -7.50 16.87 10.57
N ALA E 156 -8.25 15.95 11.16
CA ALA E 156 -8.46 14.63 10.57
C ALA E 156 -9.71 14.69 9.70
N SER E 157 -9.55 14.38 8.41
CA SER E 157 -10.62 14.57 7.44
C SER E 157 -11.09 13.22 6.93
N SER E 158 -12.28 12.84 7.36
CA SER E 158 -12.79 11.48 7.19
C SER E 158 -13.92 11.39 6.15
N ASP E 159 -13.91 10.33 5.36
CA ASP E 159 -14.98 10.04 4.43
C ASP E 159 -16.23 9.50 5.12
N THR E 160 -16.18 9.28 6.44
CA THR E 160 -17.41 8.93 7.16
C THR E 160 -17.58 9.77 8.42
N PHE E 161 -18.81 9.91 8.87
CA PHE E 161 -19.10 10.56 10.12
C PHE E 161 -18.94 9.57 11.28
N TYR E 162 -19.24 8.32 11.00
CA TYR E 162 -19.34 7.32 12.05
C TYR E 162 -18.04 6.49 12.26
N PRO E 163 -17.77 5.41 11.48
CA PRO E 163 -16.58 4.62 11.87
C PRO E 163 -15.24 5.35 11.70
N GLY E 164 -15.12 6.21 10.69
CA GLY E 164 -13.88 6.95 10.48
C GLY E 164 -13.60 8.00 11.53
N GLN E 165 -14.60 8.32 12.36
CA GLN E 165 -14.39 9.20 13.51
C GLN E 165 -14.48 8.37 14.78
N GLU E 166 -14.33 7.06 14.63
CA GLU E 166 -14.37 6.09 15.72
C GLU E 166 -15.58 6.27 16.65
N ARG E 167 -16.75 6.40 16.02
CA ARG E 167 -18.00 6.38 16.76
CA ARG E 167 -17.99 6.37 16.76
C ARG E 167 -18.53 4.96 16.82
N TYR E 168 -18.87 4.51 18.03
CA TYR E 168 -19.41 3.18 18.29
C TYR E 168 -20.92 3.18 18.53
N ASP E 169 -21.52 4.37 18.68
CA ASP E 169 -22.96 4.46 18.94
CA ASP E 169 -22.94 4.56 18.91
C ASP E 169 -23.72 4.40 17.61
N THR E 170 -23.69 3.21 17.03
CA THR E 170 -24.17 3.02 15.68
C THR E 170 -24.98 1.74 15.60
N PHE E 171 -25.56 1.50 14.42
CA PHE E 171 -26.36 0.31 14.17
C PHE E 171 -25.60 -0.98 14.48
N THR E 172 -24.37 -1.10 13.99
CA THR E 172 -23.62 -2.34 14.25
C THR E 172 -22.76 -2.26 15.50
N GLY E 173 -22.37 -1.05 15.91
CA GLY E 173 -21.42 -0.89 17.00
C GLY E 173 -20.01 -1.34 16.64
N ARG E 174 -19.76 -1.58 15.36
CA ARG E 174 -18.45 -2.04 14.94
CA ARG E 174 -18.48 -2.11 14.83
C ARG E 174 -17.67 -0.97 14.24
N VAL E 175 -16.36 -1.01 14.44
CA VAL E 175 -15.46 -0.12 13.71
C VAL E 175 -14.37 -1.01 13.12
N VAL E 176 -14.17 -0.89 11.82
CA VAL E 176 -13.19 -1.71 11.11
C VAL E 176 -11.79 -1.52 11.70
N ARG E 177 -10.97 -2.56 11.58
CA ARG E 177 -9.64 -2.58 12.16
C ARG E 177 -8.85 -1.29 11.96
N ARG E 178 -8.85 -0.77 10.74
CA ARG E 178 -8.10 0.45 10.41
C ARG E 178 -8.40 1.59 11.41
N PHE E 179 -9.65 1.68 11.86
CA PHE E 179 -10.07 2.81 12.66
C PHE E 179 -10.21 2.52 14.15
N GLN E 180 -10.05 1.26 14.55
CA GLN E 180 -10.04 0.96 15.98
CA GLN E 180 -10.04 0.96 15.98
C GLN E 180 -8.84 1.61 16.64
N GLY E 181 -9.09 2.35 17.73
CA GLY E 181 -8.03 3.05 18.43
C GLY E 181 -7.56 4.32 17.74
N SER E 182 -8.17 4.68 16.61
CA SER E 182 -7.68 5.81 15.83
C SER E 182 -7.88 7.16 16.52
N MET E 183 -8.98 7.35 17.24
CA MET E 183 -9.16 8.65 17.85
CA MET E 183 -9.22 8.61 17.94
C MET E 183 -8.04 8.96 18.87
N LYS E 184 -7.69 7.98 19.71
CA LYS E 184 -6.60 8.14 20.65
CA LYS E 184 -6.60 8.17 20.65
C LYS E 184 -5.28 8.41 19.92
N GLU E 185 -5.07 7.69 18.84
CA GLU E 185 -3.87 7.90 18.04
CA GLU E 185 -3.89 7.89 18.01
C GLU E 185 -3.79 9.34 17.53
N TRP E 186 -4.88 9.87 16.96
CA TRP E 186 -4.83 11.24 16.46
C TRP E 186 -4.69 12.22 17.63
N GLN E 187 -5.38 11.94 18.73
CA GLN E 187 -5.25 12.80 19.90
C GLN E 187 -3.80 12.89 20.37
N ASP E 188 -3.13 11.74 20.46
CA ASP E 188 -1.75 11.72 20.90
C ASP E 188 -0.81 12.41 19.91
N MET E 189 -1.18 12.45 18.63
CA MET E 189 -0.42 13.15 17.60
C MET E 189 -0.76 14.62 17.50
N GLY E 190 -1.66 15.12 18.35
CA GLY E 190 -1.95 16.54 18.42
C GLY E 190 -3.02 17.03 17.46
N VAL E 191 -3.70 16.11 16.79
CA VAL E 191 -4.76 16.49 15.85
C VAL E 191 -5.89 17.18 16.61
N LEU E 192 -6.42 18.27 16.06
CA LEU E 192 -7.38 19.10 16.79
C LEU E 192 -8.83 18.64 16.70
N ASN E 193 -9.22 18.10 15.54
CA ASN E 193 -10.64 17.94 15.24
C ASN E 193 -10.85 17.01 14.07
N PHE E 194 -12.07 16.52 13.94
CA PHE E 194 -12.53 15.80 12.76
C PHE E 194 -13.45 16.66 11.92
N GLU E 195 -13.36 16.51 10.61
CA GLU E 195 -14.43 16.95 9.72
C GLU E 195 -14.37 16.07 8.48
N MET E 196 -15.07 16.43 7.40
CA MET E 196 -15.23 15.49 6.30
C MET E 196 -14.90 16.00 4.90
N GLU E 197 -14.34 17.20 4.77
CA GLU E 197 -14.10 17.76 3.42
C GLU E 197 -12.71 18.33 3.19
N SER E 198 -11.98 18.67 4.25
CA SER E 198 -10.76 19.44 4.06
CA SER E 198 -10.74 19.42 4.10
C SER E 198 -9.65 18.69 3.33
N ALA E 199 -9.52 17.39 3.54
CA ALA E 199 -8.45 16.67 2.84
C ALA E 199 -8.65 16.75 1.34
N THR E 200 -9.88 16.53 0.89
CA THR E 200 -10.16 16.63 -0.53
C THR E 200 -9.93 18.06 -1.03
N LEU E 201 -10.53 19.02 -0.33
CA LEU E 201 -10.43 20.41 -0.77
C LEU E 201 -8.97 20.87 -0.85
N LEU E 202 -8.22 20.63 0.22
CA LEU E 202 -6.87 21.14 0.27
C LEU E 202 -5.95 20.44 -0.71
N THR E 203 -6.10 19.12 -0.85
CA THR E 203 -5.25 18.38 -1.78
C THR E 203 -5.57 18.77 -3.21
N MET E 204 -6.85 18.82 -3.54
CA MET E 204 -7.26 19.19 -4.89
CA MET E 204 -7.19 19.16 -4.92
C MET E 204 -6.70 20.56 -5.25
N CYS E 205 -6.84 21.52 -4.34
CA CYS E 205 -6.44 22.89 -4.67
C CYS E 205 -4.94 23.05 -4.72
N ALA E 206 -4.25 22.48 -3.74
CA ALA E 206 -2.79 22.62 -3.65
C ALA E 206 -2.06 21.97 -4.82
N SER E 207 -2.70 20.99 -5.46
CA SER E 207 -2.14 20.29 -6.62
C SER E 207 -2.66 20.78 -7.96
N SER E 208 -3.55 21.78 -7.93
CA SER E 208 -4.21 22.26 -9.16
C SER E 208 -4.09 23.77 -9.36
N GLY E 209 -3.25 24.43 -8.59
CA GLY E 209 -3.05 25.87 -8.81
C GLY E 209 -4.17 26.74 -8.29
N LEU E 210 -4.88 26.25 -7.28
CA LEU E 210 -5.97 26.99 -6.66
C LEU E 210 -5.61 27.26 -5.19
N LYS E 211 -6.06 28.39 -4.66
CA LYS E 211 -5.78 28.76 -3.26
CA LYS E 211 -5.77 28.75 -3.26
C LYS E 211 -6.94 28.36 -2.38
N ALA E 212 -6.68 27.60 -1.33
CA ALA E 212 -7.74 27.16 -0.42
C ALA E 212 -7.33 27.19 1.03
N GLY E 213 -8.31 27.29 1.91
CA GLY E 213 -8.07 27.14 3.34
C GLY E 213 -9.39 26.79 3.99
N CYS E 214 -9.31 26.41 5.27
CA CYS E 214 -10.48 26.00 6.06
CA CYS E 214 -10.47 26.01 6.04
C CYS E 214 -10.44 26.63 7.43
N VAL E 215 -11.58 27.18 7.85
CA VAL E 215 -11.74 27.70 9.22
C VAL E 215 -13.05 27.15 9.78
N ALA E 216 -13.06 26.86 11.08
CA ALA E 216 -14.26 26.28 11.66
C ALA E 216 -14.45 26.73 13.09
N GLY E 217 -15.70 26.93 13.50
CA GLY E 217 -16.00 27.16 14.89
C GLY E 217 -16.26 25.84 15.60
N VAL E 218 -15.79 25.73 16.84
CA VAL E 218 -15.98 24.49 17.59
C VAL E 218 -17.33 24.49 18.31
N ILE E 219 -18.18 23.53 17.98
CA ILE E 219 -19.50 23.48 18.60
C ILE E 219 -19.67 22.32 19.55
N ILE E 220 -18.69 21.44 19.63
CA ILE E 220 -18.75 20.31 20.56
C ILE E 220 -17.35 19.74 20.73
N ASN E 221 -17.14 19.05 21.86
CA ASN E 221 -15.84 18.48 22.14
C ASN E 221 -16.03 17.07 22.64
N ARG E 222 -15.50 16.09 21.88
CA ARG E 222 -15.68 14.66 22.13
C ARG E 222 -15.16 14.27 23.52
N THR E 223 -14.30 15.10 24.10
CA THR E 223 -13.64 14.73 25.36
C THR E 223 -14.30 15.39 26.57
N GLN E 224 -15.28 16.26 26.36
CA GLN E 224 -15.96 16.98 27.43
C GLN E 224 -17.40 16.42 27.56
N LYS E 225 -17.85 16.12 28.78
CA LYS E 225 -19.14 15.44 28.94
C LYS E 225 -20.36 16.37 28.94
N GLU E 226 -20.14 17.64 29.24
CA GLU E 226 -21.22 18.62 29.31
C GLU E 226 -21.74 19.04 27.93
N ILE E 227 -22.97 19.55 27.92
CA ILE E 227 -23.58 20.07 26.71
C ILE E 227 -23.45 21.58 26.68
N PRO E 228 -22.91 22.14 25.59
CA PRO E 228 -22.86 23.60 25.46
C PRO E 228 -24.28 24.18 25.39
N ASP E 229 -24.48 25.40 25.85
CA ASP E 229 -25.81 26.00 25.82
C ASP E 229 -26.14 26.61 24.47
N HIS E 230 -27.43 26.84 24.24
CA HIS E 230 -27.94 27.33 22.95
C HIS E 230 -27.30 28.65 22.54
N ALA E 231 -27.15 29.55 23.50
CA ALA E 231 -26.56 30.86 23.23
C ALA E 231 -25.13 30.76 22.71
N THR E 232 -24.32 29.92 23.34
CA THR E 232 -22.92 29.77 22.92
C THR E 232 -22.83 29.19 21.52
N LEU E 233 -23.69 28.21 21.22
CA LEU E 233 -23.71 27.59 19.90
C LEU E 233 -24.17 28.57 18.82
N LYS E 234 -25.18 29.37 19.14
CA LYS E 234 -25.66 30.37 18.22
C LYS E 234 -24.58 31.40 17.90
N GLU E 235 -23.89 31.85 18.94
CA GLU E 235 -22.83 32.84 18.78
CA GLU E 235 -22.82 32.83 18.80
C GLU E 235 -21.66 32.28 17.98
N THR E 236 -21.39 30.99 18.16
CA THR E 236 -20.28 30.35 17.43
C THR E 236 -20.61 30.22 15.95
N GLU E 237 -21.84 29.84 15.62
CA GLU E 237 -22.22 29.75 14.23
C GLU E 237 -22.15 31.10 13.54
N ALA E 238 -22.65 32.13 14.21
CA ALA E 238 -22.65 33.48 13.67
C ALA E 238 -21.22 33.98 13.52
N ARG E 239 -20.37 33.71 14.51
CA ARG E 239 -18.98 34.16 14.45
CA ARG E 239 -19.00 34.19 14.42
C ARG E 239 -18.22 33.50 13.29
N SER E 240 -18.50 32.23 13.06
CA SER E 240 -17.73 31.51 12.03
CA SER E 240 -17.76 31.50 12.03
C SER E 240 -17.94 32.16 10.67
N ILE E 241 -19.16 32.56 10.36
CA ILE E 241 -19.40 33.14 9.04
C ILE E 241 -18.95 34.60 8.94
N LYS E 242 -19.00 35.33 10.06
CA LYS E 242 -18.45 36.67 10.05
CA LYS E 242 -18.46 36.67 10.09
C LYS E 242 -16.95 36.59 9.82
N VAL E 243 -16.31 35.60 10.45
CA VAL E 243 -14.88 35.41 10.29
C VAL E 243 -14.50 35.06 8.85
N VAL E 244 -15.25 34.18 8.21
CA VAL E 244 -14.84 33.78 6.86
C VAL E 244 -15.03 34.95 5.88
N VAL E 245 -16.04 35.80 6.12
CA VAL E 245 -16.22 36.97 5.27
C VAL E 245 -15.06 37.96 5.47
N GLU E 246 -14.61 38.14 6.71
CA GLU E 246 -13.48 39.01 6.94
CA GLU E 246 -13.48 39.01 6.97
C GLU E 246 -12.20 38.43 6.34
N ALA E 247 -12.06 37.10 6.38
CA ALA E 247 -10.92 36.47 5.71
C ALA E 247 -10.95 36.72 4.19
N ALA E 248 -12.15 36.63 3.60
CA ALA E 248 -12.31 36.96 2.17
C ALA E 248 -11.88 38.39 1.89
N ARG E 249 -12.28 39.32 2.77
CA ARG E 249 -11.91 40.71 2.60
CA ARG E 249 -11.89 40.72 2.61
C ARG E 249 -10.38 40.85 2.54
N LYS E 250 -9.69 40.09 3.40
CA LYS E 250 -8.23 40.14 3.46
C LYS E 250 -7.58 39.54 2.21
N MET E 251 -8.30 38.65 1.55
CA MET E 251 -7.79 38.01 0.33
C MET E 251 -7.97 38.86 -0.92
N LEU E 252 -8.90 39.80 -0.92
CA LEU E 252 -9.17 40.61 -2.11
C LEU E 252 -7.97 41.46 -2.48
N LYS E 253 -7.74 41.60 -3.79
CA LYS E 253 -6.63 42.39 -4.30
CA LYS E 253 -6.63 42.40 -4.30
C LYS E 253 -7.12 43.74 -4.85
N THR F 2 -36.78 6.61 20.82
CA THR F 2 -37.39 7.92 20.86
C THR F 2 -36.48 8.90 20.18
N LYS F 3 -35.27 8.47 19.98
CA LYS F 3 -34.22 9.36 19.53
CA LYS F 3 -34.21 9.36 19.53
C LYS F 3 -34.45 9.84 18.10
N THR F 4 -33.91 11.02 17.81
CA THR F 4 -33.94 11.59 16.47
C THR F 4 -32.51 11.50 15.96
N VAL F 5 -32.33 10.87 14.81
CA VAL F 5 -30.98 10.71 14.26
C VAL F 5 -30.36 12.06 13.90
N PHE F 6 -29.03 12.11 13.92
CA PHE F 6 -28.28 13.36 13.92
C PHE F 6 -28.45 14.24 12.68
N HIS F 7 -28.45 13.61 11.51
CA HIS F 7 -28.55 14.38 10.28
C HIS F 7 -29.93 14.36 9.65
N LEU F 8 -30.61 13.20 9.67
CA LEU F 8 -31.84 13.08 8.89
C LEU F 8 -33.05 13.75 9.51
N GLY F 9 -33.01 13.96 10.83
CA GLY F 9 -34.06 14.72 11.50
C GLY F 9 -35.38 13.97 11.61
N VAL F 10 -35.32 12.65 11.60
CA VAL F 10 -36.51 11.83 11.75
C VAL F 10 -36.33 10.84 12.90
N THR F 11 -37.45 10.34 13.41
CA THR F 11 -37.45 9.35 14.48
C THR F 11 -37.92 8.03 13.93
N GLU F 12 -37.75 6.98 14.71
CA GLU F 12 -38.22 5.67 14.28
C GLU F 12 -39.74 5.69 14.08
N ALA F 13 -40.46 6.35 15.00
CA ALA F 13 -41.91 6.47 14.90
C ALA F 13 -42.34 7.10 13.58
N ASP F 14 -41.58 8.09 13.09
CA ASP F 14 -41.88 8.76 11.82
C ASP F 14 -41.94 7.81 10.64
N LEU F 15 -41.22 6.69 10.72
CA LEU F 15 -41.10 5.78 9.59
C LEU F 15 -42.23 4.76 9.55
N ASN F 16 -43.08 4.75 10.58
CA ASN F 16 -44.24 3.86 10.58
C ASN F 16 -43.91 2.40 10.27
N GLY F 17 -42.77 1.94 10.80
CA GLY F 17 -42.43 0.54 10.67
C GLY F 17 -41.67 0.15 9.40
N ALA F 18 -41.27 1.13 8.61
CA ALA F 18 -40.59 0.84 7.35
C ALA F 18 -39.29 0.09 7.59
N THR F 19 -39.08 -0.96 6.80
CA THR F 19 -37.79 -1.66 6.84
C THR F 19 -37.07 -1.61 5.49
N LEU F 20 -37.67 -0.90 4.51
CA LEU F 20 -37.06 -0.75 3.19
C LEU F 20 -37.02 0.72 2.82
N ALA F 21 -35.88 1.13 2.25
CA ALA F 21 -35.70 2.49 1.76
C ALA F 21 -35.30 2.47 0.31
N ILE F 22 -35.85 3.42 -0.44
CA ILE F 22 -35.35 3.74 -1.75
C ILE F 22 -34.52 5.01 -1.61
N ILE F 23 -33.30 4.97 -2.13
CA ILE F 23 -32.33 6.03 -1.87
C ILE F 23 -31.77 6.64 -3.16
N PRO F 24 -32.49 7.62 -3.72
CA PRO F 24 -31.94 8.35 -4.88
C PRO F 24 -30.89 9.35 -4.40
N GLY F 25 -30.13 9.93 -5.32
CA GLY F 25 -29.13 10.90 -4.92
C GLY F 25 -29.68 12.30 -4.75
N ASP F 26 -30.53 12.70 -5.70
CA ASP F 26 -31.01 14.06 -5.80
C ASP F 26 -32.24 14.26 -4.91
N PRO F 27 -32.19 15.21 -3.96
CA PRO F 27 -33.36 15.44 -3.10
C PRO F 27 -34.64 15.73 -3.89
N ALA F 28 -34.53 16.33 -5.08
CA ALA F 28 -35.70 16.64 -5.89
C ALA F 28 -36.41 15.38 -6.41
N ARG F 29 -35.70 14.26 -6.41
CA ARG F 29 -36.24 13.02 -6.92
CA ARG F 29 -36.25 13.03 -6.93
C ARG F 29 -37.07 12.29 -5.87
N VAL F 30 -36.92 12.68 -4.61
CA VAL F 30 -37.57 11.96 -3.51
C VAL F 30 -39.09 11.98 -3.62
N GLN F 31 -39.66 13.17 -3.78
CA GLN F 31 -41.10 13.27 -3.94
C GLN F 31 -41.59 12.54 -5.19
N LYS F 32 -40.79 12.57 -6.25
CA LYS F 32 -41.19 11.93 -7.50
CA LYS F 32 -41.18 11.93 -7.51
C LYS F 32 -41.28 10.42 -7.35
N ILE F 33 -40.41 9.84 -6.54
CA ILE F 33 -40.48 8.42 -6.27
C ILE F 33 -41.63 8.13 -5.30
N ALA F 34 -41.75 8.92 -4.25
CA ALA F 34 -42.79 8.70 -3.26
C ALA F 34 -44.18 8.76 -3.87
N GLU F 35 -44.39 9.63 -4.86
CA GLU F 35 -45.73 9.76 -5.44
C GLU F 35 -46.14 8.57 -6.31
N LEU F 36 -45.20 7.69 -6.62
CA LEU F 36 -45.53 6.44 -7.33
C LEU F 36 -46.12 5.42 -6.38
N MET F 37 -46.09 5.75 -5.09
CA MET F 37 -46.63 4.87 -4.06
C MET F 37 -47.83 5.50 -3.37
N ASP F 38 -48.37 4.83 -2.37
CA ASP F 38 -49.59 5.32 -1.70
C ASP F 38 -49.28 6.21 -0.50
N ASN F 39 -50.12 7.21 -0.28
CA ASN F 39 -50.04 8.05 0.90
C ASN F 39 -48.63 8.62 1.19
N PRO F 40 -47.99 9.23 0.19
CA PRO F 40 -46.67 9.82 0.45
C PRO F 40 -46.77 11.00 1.40
N VAL F 41 -45.87 11.07 2.37
CA VAL F 41 -45.84 12.17 3.32
C VAL F 41 -44.41 12.64 3.52
N PHE F 42 -44.23 13.95 3.38
CA PHE F 42 -42.95 14.59 3.66
C PHE F 42 -42.61 14.48 5.15
N LEU F 43 -41.41 14.04 5.47
CA LEU F 43 -40.98 13.94 6.86
C LEU F 43 -40.00 15.04 7.26
N ALA F 44 -38.95 15.24 6.46
CA ALA F 44 -37.91 16.19 6.84
C ALA F 44 -37.04 16.54 5.68
N SER F 45 -36.40 17.68 5.79
CA SER F 45 -35.38 18.07 4.84
C SER F 45 -34.30 18.83 5.58
N HIS F 46 -33.09 18.30 5.52
CA HIS F 46 -31.92 18.93 6.14
CA HIS F 46 -31.93 18.96 6.11
C HIS F 46 -30.73 18.65 5.24
N ARG F 47 -29.98 19.68 4.88
CA ARG F 47 -28.84 19.51 3.98
C ARG F 47 -29.33 18.75 2.72
N GLU F 48 -28.59 17.75 2.26
CA GLU F 48 -28.98 17.03 1.05
C GLU F 48 -29.97 15.89 1.31
N TYR F 49 -30.52 15.84 2.52
CA TYR F 49 -31.35 14.73 2.95
C TYR F 49 -32.81 15.12 3.02
N THR F 50 -33.54 14.71 1.99
CA THR F 50 -34.98 14.90 1.98
C THR F 50 -35.60 13.53 2.17
N VAL F 51 -36.52 13.44 3.13
CA VAL F 51 -37.05 12.13 3.57
C VAL F 51 -38.58 12.16 3.47
N TYR F 52 -39.15 11.18 2.76
CA TYR F 52 -40.61 10.96 2.70
C TYR F 52 -40.89 9.56 3.16
N ARG F 53 -42.10 9.35 3.63
CA ARG F 53 -42.63 8.02 3.86
CA ARG F 53 -42.60 8.00 3.82
C ARG F 53 -43.73 7.75 2.84
N ALA F 54 -43.96 6.49 2.50
CA ALA F 54 -45.11 6.13 1.68
C ALA F 54 -45.47 4.69 1.98
N GLU F 55 -46.47 4.17 1.28
CA GLU F 55 -46.92 2.80 1.49
C GLU F 55 -46.94 2.08 0.16
N LEU F 56 -46.45 0.85 0.16
CA LEU F 56 -46.38 0.04 -1.04
C LEU F 56 -46.99 -1.31 -0.71
N ASP F 57 -48.08 -1.63 -1.38
CA ASP F 57 -48.82 -2.86 -1.10
C ASP F 57 -49.09 -2.99 0.40
N GLY F 58 -49.46 -1.86 1.01
CA GLY F 58 -49.81 -1.84 2.41
C GLY F 58 -48.66 -1.77 3.39
N GLN F 59 -47.43 -1.77 2.88
CA GLN F 59 -46.26 -1.74 3.76
C GLN F 59 -45.56 -0.39 3.69
N SER F 60 -45.13 0.11 4.84
CA SER F 60 -44.42 1.39 4.88
CA SER F 60 -44.42 1.38 4.87
C SER F 60 -43.06 1.27 4.22
N VAL F 61 -42.71 2.29 3.43
CA VAL F 61 -41.42 2.41 2.76
CA VAL F 61 -41.39 2.39 2.83
C VAL F 61 -40.91 3.82 2.99
N VAL F 62 -39.60 3.99 3.07
CA VAL F 62 -39.07 5.34 3.17
CA VAL F 62 -38.99 5.31 3.19
C VAL F 62 -38.32 5.67 1.88
N VAL F 63 -38.39 6.94 1.50
CA VAL F 63 -37.60 7.42 0.37
C VAL F 63 -36.70 8.51 0.93
N CYS F 64 -35.39 8.40 0.73
CA CYS F 64 -34.44 9.33 1.34
C CYS F 64 -33.32 9.63 0.35
N SER F 65 -33.08 10.90 0.05
CA SER F 65 -31.95 11.24 -0.81
C SER F 65 -30.65 11.10 -0.06
N THR F 66 -29.58 10.88 -0.82
CA THR F 66 -28.27 10.58 -0.26
C THR F 66 -27.27 11.70 -0.47
N GLY F 67 -27.56 12.61 -1.41
CA GLY F 67 -26.53 13.53 -1.89
C GLY F 67 -25.56 12.80 -2.80
N ILE F 68 -24.54 13.51 -3.24
CA ILE F 68 -23.53 12.92 -4.11
C ILE F 68 -22.38 12.36 -3.29
N GLY F 69 -22.02 11.11 -3.60
CA GLY F 69 -20.81 10.54 -3.04
C GLY F 69 -21.03 9.60 -1.86
N GLY F 70 -20.04 8.74 -1.65
CA GLY F 70 -20.10 7.80 -0.54
C GLY F 70 -20.20 8.41 0.85
N PRO F 71 -19.49 9.51 1.13
CA PRO F 71 -19.56 10.04 2.50
C PRO F 71 -20.98 10.46 2.88
N SER F 72 -21.65 11.22 2.01
CA SER F 72 -22.99 11.63 2.41
CA SER F 72 -23.02 11.67 2.23
C SER F 72 -23.97 10.45 2.36
N THR F 73 -23.76 9.51 1.45
CA THR F 73 -24.57 8.30 1.41
C THR F 73 -24.41 7.48 2.69
N SER F 74 -23.18 7.38 3.19
CA SER F 74 -22.93 6.55 4.37
C SER F 74 -23.67 7.06 5.60
N ILE F 75 -23.82 8.38 5.70
CA ILE F 75 -24.58 8.95 6.80
C ILE F 75 -26.03 8.55 6.72
N ALA F 76 -26.64 8.69 5.55
CA ALA F 76 -28.06 8.38 5.39
C ALA F 76 -28.34 6.91 5.69
N VAL F 77 -27.49 6.03 5.17
CA VAL F 77 -27.71 4.60 5.36
C VAL F 77 -27.58 4.22 6.83
N GLU F 78 -26.54 4.73 7.48
CA GLU F 78 -26.35 4.44 8.89
C GLU F 78 -27.54 4.91 9.72
N GLU F 79 -28.01 6.13 9.48
CA GLU F 79 -29.07 6.69 10.29
C GLU F 79 -30.40 6.01 10.02
N LEU F 80 -30.67 5.65 8.76
CA LEU F 80 -31.85 4.85 8.47
C LEU F 80 -31.78 3.48 9.13
N ALA F 81 -30.60 2.85 9.12
CA ALA F 81 -30.46 1.56 9.78
C ALA F 81 -30.69 1.66 11.30
N GLN F 82 -30.25 2.76 11.91
CA GLN F 82 -30.53 3.00 13.33
C GLN F 82 -32.02 3.03 13.61
N LEU F 83 -32.79 3.42 12.60
CA LEU F 83 -34.24 3.52 12.75
C LEU F 83 -35.00 2.32 12.21
N GLY F 84 -34.27 1.24 11.93
CA GLY F 84 -34.91 -0.03 11.59
C GLY F 84 -34.90 -0.43 10.12
N VAL F 85 -34.35 0.41 9.24
CA VAL F 85 -34.32 0.07 7.83
C VAL F 85 -33.24 -0.97 7.58
N ARG F 86 -33.56 -2.02 6.81
CA ARG F 86 -32.65 -3.13 6.57
C ARG F 86 -32.35 -3.39 5.10
N THR F 87 -33.17 -2.83 4.21
CA THR F 87 -33.00 -3.03 2.76
C THR F 87 -32.95 -1.67 2.08
N PHE F 88 -31.98 -1.49 1.18
CA PHE F 88 -31.71 -0.19 0.56
C PHE F 88 -31.62 -0.38 -0.96
N LEU F 89 -32.50 0.30 -1.70
CA LEU F 89 -32.48 0.24 -3.16
CA LEU F 89 -32.47 0.24 -3.16
C LEU F 89 -32.04 1.58 -3.74
N ARG F 90 -30.87 1.59 -4.36
CA ARG F 90 -30.32 2.80 -4.96
C ARG F 90 -30.75 2.90 -6.41
N VAL F 91 -31.21 4.08 -6.81
CA VAL F 91 -31.47 4.41 -8.21
C VAL F 91 -30.70 5.69 -8.56
N GLY F 92 -30.18 5.79 -9.77
CA GLY F 92 -29.45 6.99 -10.14
C GLY F 92 -29.17 6.99 -11.62
N THR F 93 -28.34 7.92 -12.07
CA THR F 93 -27.91 7.99 -13.47
C THR F 93 -26.47 7.53 -13.58
N THR F 94 -26.06 7.21 -14.80
CA THR F 94 -24.72 6.68 -14.97
C THR F 94 -24.18 6.99 -16.36
N GLY F 95 -22.86 6.99 -16.48
CA GLY F 95 -22.21 7.02 -17.77
C GLY F 95 -21.70 5.63 -18.16
N ALA F 96 -22.13 5.13 -19.31
CA ALA F 96 -21.66 3.82 -19.76
C ALA F 96 -20.29 3.96 -20.39
N ILE F 97 -19.47 2.92 -20.27
CA ILE F 97 -18.17 2.94 -20.94
C ILE F 97 -18.00 1.84 -21.98
N GLN F 98 -18.98 0.95 -22.11
CA GLN F 98 -18.95 -0.05 -23.18
C GLN F 98 -19.71 0.48 -24.39
N PRO F 99 -19.15 0.29 -25.60
CA PRO F 99 -19.79 0.85 -26.78
C PRO F 99 -21.18 0.30 -27.07
N HIS F 100 -21.47 -0.92 -26.61
CA HIS F 100 -22.75 -1.55 -26.91
C HIS F 100 -23.89 -1.12 -26.00
N VAL F 101 -23.56 -0.44 -24.91
CA VAL F 101 -24.56 0.06 -23.97
C VAL F 101 -25.06 1.42 -24.46
N ASN F 102 -26.38 1.55 -24.61
CA ASN F 102 -26.94 2.76 -25.17
C ASN F 102 -27.61 3.66 -24.13
N VAL F 103 -27.69 4.94 -24.45
CA VAL F 103 -28.46 5.87 -23.62
C VAL F 103 -29.88 5.34 -23.50
N GLY F 104 -30.39 5.34 -22.28
CA GLY F 104 -31.72 4.82 -22.01
C GLY F 104 -31.73 3.39 -21.50
N ASP F 105 -30.62 2.68 -21.66
CA ASP F 105 -30.51 1.33 -21.11
C ASP F 105 -30.40 1.44 -19.60
N MET F 106 -30.63 0.32 -18.92
CA MET F 106 -30.49 0.25 -17.47
CA MET F 106 -30.43 0.30 -17.50
C MET F 106 -29.36 -0.71 -17.12
N ILE F 107 -28.68 -0.43 -16.03
CA ILE F 107 -27.61 -1.30 -15.56
C ILE F 107 -27.92 -1.68 -14.13
N VAL F 108 -27.83 -2.97 -13.85
CA VAL F 108 -27.93 -3.45 -12.48
C VAL F 108 -26.53 -3.92 -12.08
N THR F 109 -25.97 -3.31 -11.04
CA THR F 109 -24.60 -3.57 -10.64
C THR F 109 -24.48 -4.92 -9.94
N THR F 110 -23.56 -5.76 -10.42
CA THR F 110 -23.30 -7.05 -9.78
C THR F 110 -22.09 -6.97 -8.84
N GLY F 111 -21.31 -5.90 -8.97
CA GLY F 111 -20.13 -5.67 -8.13
C GLY F 111 -19.55 -4.34 -8.54
N SER F 112 -18.90 -3.65 -7.60
CA SER F 112 -18.31 -2.35 -7.91
C SER F 112 -16.81 -2.33 -7.74
N VAL F 113 -16.13 -1.68 -8.67
CA VAL F 113 -14.74 -1.32 -8.49
C VAL F 113 -14.69 -0.19 -7.47
N ARG F 114 -13.95 -0.41 -6.38
CA ARG F 114 -13.96 0.52 -5.25
C ARG F 114 -12.96 1.65 -5.46
N LEU F 115 -13.37 2.67 -6.23
CA LEU F 115 -12.51 3.83 -6.49
C LEU F 115 -12.94 4.97 -5.57
N ASP F 116 -13.37 4.59 -4.37
CA ASP F 116 -13.89 5.50 -3.37
C ASP F 116 -13.03 5.41 -2.12
N GLY F 117 -13.42 6.13 -1.08
CA GLY F 117 -12.72 6.07 0.19
C GLY F 117 -13.59 5.55 1.30
N ALA F 118 -14.89 5.82 1.26
CA ALA F 118 -15.72 5.48 2.42
C ALA F 118 -15.87 3.98 2.57
N SER F 119 -15.80 3.22 1.47
CA SER F 119 -15.94 1.77 1.60
C SER F 119 -14.88 1.21 2.54
N LEU F 120 -13.69 1.82 2.55
CA LEU F 120 -12.58 1.40 3.39
C LEU F 120 -12.84 1.67 4.87
N HIS F 121 -13.86 2.49 5.16
CA HIS F 121 -14.24 2.73 6.55
C HIS F 121 -15.14 1.61 7.10
N PHE F 122 -15.51 0.66 6.24
CA PHE F 122 -16.37 -0.48 6.62
C PHE F 122 -15.68 -1.82 6.41
N ALA F 123 -14.81 -1.92 5.41
CA ALA F 123 -14.15 -3.20 5.12
C ALA F 123 -12.86 -2.91 4.36
N PRO F 124 -11.82 -3.72 4.56
CA PRO F 124 -10.58 -3.49 3.82
C PRO F 124 -10.81 -3.73 2.33
N MET F 125 -9.88 -3.26 1.50
CA MET F 125 -10.08 -3.24 0.06
C MET F 125 -10.37 -4.62 -0.55
N GLU F 126 -9.84 -5.68 0.06
CA GLU F 126 -10.02 -7.05 -0.40
CA GLU F 126 -10.03 -7.01 -0.48
C GLU F 126 -11.49 -7.49 -0.43
N PHE F 127 -12.31 -6.85 0.39
CA PHE F 127 -13.71 -7.22 0.53
C PHE F 127 -14.49 -6.78 -0.72
N PRO F 128 -15.39 -7.63 -1.23
CA PRO F 128 -16.09 -7.30 -2.49
C PRO F 128 -17.26 -6.34 -2.27
N ALA F 129 -17.32 -5.30 -3.09
CA ALA F 129 -18.46 -4.39 -3.10
C ALA F 129 -19.56 -5.03 -3.93
N VAL F 130 -20.36 -5.88 -3.30
CA VAL F 130 -21.36 -6.63 -4.03
CA VAL F 130 -21.32 -6.74 -3.95
C VAL F 130 -22.74 -6.48 -3.43
N PRO F 131 -23.76 -6.51 -4.29
CA PRO F 131 -25.14 -6.33 -3.82
C PRO F 131 -25.65 -7.59 -3.16
N ASP F 132 -26.72 -7.42 -2.39
CA ASP F 132 -27.52 -8.56 -1.98
C ASP F 132 -28.10 -9.24 -3.22
N PHE F 133 -28.01 -10.57 -3.26
CA PHE F 133 -28.43 -11.28 -4.46
C PHE F 133 -29.94 -11.13 -4.75
N ASP F 134 -30.75 -11.14 -3.70
CA ASP F 134 -32.20 -10.93 -3.88
C ASP F 134 -32.52 -9.55 -4.46
N VAL F 135 -31.85 -8.51 -3.95
CA VAL F 135 -32.07 -7.18 -4.49
C VAL F 135 -31.66 -7.10 -5.95
N ALA F 136 -30.48 -7.62 -6.28
CA ALA F 136 -30.05 -7.57 -7.69
C ALA F 136 -31.01 -8.33 -8.60
N THR F 137 -31.53 -9.46 -8.10
CA THR F 137 -32.48 -10.28 -8.85
C THR F 137 -33.79 -9.52 -9.09
N ALA F 138 -34.28 -8.87 -8.03
CA ALA F 138 -35.50 -8.08 -8.13
C ALA F 138 -35.33 -6.92 -9.09
N MET F 139 -34.16 -6.27 -9.04
CA MET F 139 -33.92 -5.14 -9.92
CA MET F 139 -33.85 -5.15 -9.92
C MET F 139 -33.85 -5.57 -11.38
N LYS F 140 -33.21 -6.70 -11.66
CA LYS F 140 -33.12 -7.20 -13.03
C LYS F 140 -34.54 -7.48 -13.56
N ALA F 141 -35.35 -8.17 -12.75
CA ALA F 141 -36.71 -8.48 -13.16
C ALA F 141 -37.55 -7.23 -13.39
N ALA F 142 -37.50 -6.30 -12.44
CA ALA F 142 -38.24 -5.04 -12.59
C ALA F 142 -37.82 -4.29 -13.85
N ALA F 143 -36.51 -4.23 -14.09
CA ALA F 143 -35.99 -3.53 -15.26
C ALA F 143 -36.46 -4.19 -16.56
N GLN F 144 -36.38 -5.52 -16.63
CA GLN F 144 -36.83 -6.23 -17.83
C GLN F 144 -38.32 -6.04 -18.05
N GLU F 145 -39.09 -6.12 -16.98
CA GLU F 145 -40.55 -6.02 -17.08
C GLU F 145 -41.02 -4.65 -17.57
N SER F 146 -40.17 -3.65 -17.42
CA SER F 146 -40.50 -2.30 -17.86
C SER F 146 -40.27 -2.11 -19.35
N GLY F 147 -39.63 -3.10 -19.99
CA GLY F 147 -39.34 -3.01 -21.41
C GLY F 147 -37.96 -2.45 -21.70
N ALA F 148 -37.23 -2.11 -20.63
CA ALA F 148 -35.88 -1.59 -20.80
C ALA F 148 -34.91 -2.65 -21.29
N THR F 149 -33.85 -2.21 -21.97
CA THR F 149 -32.71 -3.07 -22.23
C THR F 149 -31.82 -3.02 -20.99
N VAL F 150 -31.58 -4.17 -20.38
CA VAL F 150 -30.87 -4.18 -19.11
CA VAL F 150 -30.91 -4.26 -19.09
C VAL F 150 -29.58 -4.99 -19.19
N HIS F 151 -28.56 -4.45 -18.51
CA HIS F 151 -27.24 -5.07 -18.46
C HIS F 151 -26.91 -5.36 -17.01
N MET F 152 -26.39 -6.55 -16.76
CA MET F 152 -25.88 -6.92 -15.44
C MET F 152 -24.37 -6.89 -15.53
N GLY F 153 -23.71 -6.24 -14.58
CA GLY F 153 -22.26 -6.29 -14.60
C GLY F 153 -21.59 -5.37 -13.63
N VAL F 154 -20.29 -5.22 -13.82
CA VAL F 154 -19.45 -4.47 -12.89
C VAL F 154 -19.50 -2.98 -13.17
N THR F 155 -19.53 -2.19 -12.10
CA THR F 155 -19.61 -0.74 -12.18
C THR F 155 -18.38 -0.14 -11.51
N ALA F 156 -17.73 0.85 -12.14
CA ALA F 156 -16.62 1.56 -11.49
C ALA F 156 -17.18 2.72 -10.69
N SER F 157 -16.91 2.72 -9.38
CA SER F 157 -17.56 3.66 -8.48
CA SER F 157 -17.55 3.67 -8.47
C SER F 157 -16.50 4.61 -7.93
N SER F 158 -16.57 5.86 -8.38
CA SER F 158 -15.52 6.85 -8.16
C SER F 158 -15.89 7.95 -7.15
N ASP F 159 -14.92 8.33 -6.33
CA ASP F 159 -15.08 9.47 -5.43
C ASP F 159 -15.07 10.83 -6.13
N THR F 160 -14.78 10.84 -7.43
CA THR F 160 -14.89 12.09 -8.18
C THR F 160 -15.69 11.90 -9.47
N PHE F 161 -16.28 12.98 -9.95
CA PHE F 161 -16.95 12.97 -11.23
C PHE F 161 -15.93 13.17 -12.35
N TYR F 162 -14.85 13.90 -12.08
CA TYR F 162 -13.95 14.34 -13.13
C TYR F 162 -12.69 13.44 -13.25
N PRO F 163 -11.64 13.64 -12.46
CA PRO F 163 -10.45 12.81 -12.79
C PRO F 163 -10.65 11.31 -12.56
N GLY F 164 -11.41 10.90 -11.56
CA GLY F 164 -11.60 9.49 -11.32
C GLY F 164 -12.46 8.79 -12.36
N GLN F 165 -13.13 9.57 -13.20
CA GLN F 165 -13.83 9.02 -14.36
C GLN F 165 -13.07 9.40 -15.64
N GLU F 166 -11.80 9.79 -15.45
CA GLU F 166 -10.88 10.12 -16.55
C GLU F 166 -11.47 11.13 -17.52
N ARG F 167 -12.10 12.17 -16.97
CA ARG F 167 -12.51 13.34 -17.76
C ARG F 167 -11.37 14.35 -17.85
N TYR F 168 -11.12 14.87 -19.06
CA TYR F 168 -10.08 15.84 -19.30
C TYR F 168 -10.56 17.23 -19.63
N ASP F 169 -11.85 17.41 -19.88
CA ASP F 169 -12.35 18.75 -20.21
C ASP F 169 -12.65 19.49 -18.91
N THR F 170 -11.56 19.88 -18.24
CA THR F 170 -11.62 20.35 -16.87
C THR F 170 -10.71 21.54 -16.73
N PHE F 171 -10.71 22.15 -15.55
CA PHE F 171 -9.86 23.31 -15.31
C PHE F 171 -8.38 23.01 -15.52
N THR F 172 -7.88 21.92 -14.94
CA THR F 172 -6.46 21.61 -15.13
C THR F 172 -6.21 20.82 -16.41
N GLY F 173 -7.21 20.10 -16.90
CA GLY F 173 -7.01 19.20 -18.02
C GLY F 173 -6.00 18.10 -17.74
N ARG F 174 -5.81 17.78 -16.46
CA ARG F 174 -4.86 16.74 -16.04
CA ARG F 174 -4.85 16.78 -16.01
C ARG F 174 -5.59 15.67 -15.25
N VAL F 175 -5.06 14.46 -15.31
CA VAL F 175 -5.58 13.36 -14.51
C VAL F 175 -4.36 12.70 -13.85
N VAL F 176 -4.44 12.51 -12.53
CA VAL F 176 -3.34 11.94 -11.76
C VAL F 176 -2.96 10.54 -12.30
N ARG F 177 -1.70 10.18 -12.10
CA ARG F 177 -1.14 8.94 -12.63
CA ARG F 177 -1.15 8.94 -12.65
C ARG F 177 -2.05 7.72 -12.44
N ARG F 178 -2.57 7.55 -11.23
CA ARG F 178 -3.43 6.42 -10.90
C ARG F 178 -4.56 6.24 -11.93
N PHE F 179 -5.11 7.34 -12.41
CA PHE F 179 -6.30 7.29 -13.24
C PHE F 179 -6.03 7.52 -14.74
N GLN F 180 -4.78 7.81 -15.11
CA GLN F 180 -4.45 7.91 -16.53
C GLN F 180 -4.61 6.56 -17.20
N GLY F 181 -5.35 6.51 -18.30
CA GLY F 181 -5.60 5.25 -18.99
C GLY F 181 -6.61 4.34 -18.30
N SER F 182 -7.22 4.80 -17.21
CA SER F 182 -8.08 3.92 -16.43
C SER F 182 -9.38 3.58 -17.15
N MET F 183 -9.94 4.52 -17.92
CA MET F 183 -11.18 4.20 -18.60
CA MET F 183 -11.15 4.26 -18.67
C MET F 183 -10.99 3.04 -19.58
N LYS F 184 -9.92 3.07 -20.36
CA LYS F 184 -9.62 1.98 -21.28
CA LYS F 184 -9.63 1.98 -21.27
C LYS F 184 -9.37 0.68 -20.52
N GLU F 185 -8.69 0.76 -19.38
CA GLU F 185 -8.45 -0.41 -18.56
CA GLU F 185 -8.45 -0.43 -18.57
C GLU F 185 -9.76 -1.04 -18.10
N TRP F 186 -10.67 -0.21 -17.57
CA TRP F 186 -11.94 -0.75 -17.12
C TRP F 186 -12.73 -1.30 -18.29
N GLN F 187 -12.67 -0.61 -19.44
CA GLN F 187 -13.40 -1.09 -20.60
CA GLN F 187 -13.40 -1.10 -20.61
C GLN F 187 -12.89 -2.47 -21.00
N ASP F 188 -11.57 -2.63 -21.03
CA ASP F 188 -10.97 -3.91 -21.41
C ASP F 188 -11.34 -5.01 -20.43
N MET F 189 -11.56 -4.64 -19.16
CA MET F 189 -11.94 -5.60 -18.14
C MET F 189 -13.44 -5.85 -18.10
N GLY F 190 -14.20 -5.24 -19.02
CA GLY F 190 -15.62 -5.52 -19.13
C GLY F 190 -16.52 -4.70 -18.21
N VAL F 191 -15.96 -3.70 -17.53
CA VAL F 191 -16.74 -2.81 -16.67
C VAL F 191 -17.77 -2.03 -17.51
N LEU F 192 -18.99 -1.91 -17.01
CA LEU F 192 -20.07 -1.34 -17.81
C LEU F 192 -20.16 0.17 -17.73
N ASN F 193 -19.86 0.75 -16.58
CA ASN F 193 -20.31 2.12 -16.31
C ASN F 193 -19.58 2.74 -15.14
N PHE F 194 -19.69 4.06 -15.04
CA PHE F 194 -19.19 4.84 -13.90
C PHE F 194 -20.36 5.44 -13.11
N GLU F 195 -20.26 5.43 -11.80
CA GLU F 195 -21.08 6.29 -10.95
C GLU F 195 -20.28 6.57 -9.67
N MET F 196 -20.93 7.09 -8.61
CA MET F 196 -20.16 7.62 -7.49
C MET F 196 -20.56 7.11 -6.11
N GLU F 197 -21.54 6.21 -5.99
CA GLU F 197 -22.00 5.82 -4.66
C GLU F 197 -22.02 4.31 -4.40
N SER F 198 -22.04 3.50 -5.45
CA SER F 198 -22.27 2.08 -5.26
C SER F 198 -21.18 1.38 -4.45
N ALA F 199 -19.91 1.74 -4.63
CA ALA F 199 -18.87 1.05 -3.87
C ALA F 199 -19.09 1.24 -2.37
N THR F 200 -19.39 2.48 -1.97
CA THR F 200 -19.63 2.73 -0.56
C THR F 200 -20.88 2.00 -0.09
N LEU F 201 -21.99 2.18 -0.82
CA LEU F 201 -23.26 1.59 -0.41
C LEU F 201 -23.13 0.07 -0.28
N LEU F 202 -22.62 -0.56 -1.33
CA LEU F 202 -22.62 -2.01 -1.35
C LEU F 202 -21.65 -2.57 -0.30
N THR F 203 -20.49 -1.96 -0.14
CA THR F 203 -19.52 -2.46 0.85
C THR F 203 -20.06 -2.28 2.25
N MET F 204 -20.60 -1.09 2.53
CA MET F 204 -21.15 -0.82 3.85
CA MET F 204 -21.10 -0.87 3.89
C MET F 204 -22.25 -1.82 4.21
N CYS F 205 -23.16 -2.02 3.27
CA CYS F 205 -24.28 -2.89 3.56
C CYS F 205 -23.88 -4.37 3.66
N ALA F 206 -23.06 -4.84 2.73
CA ALA F 206 -22.67 -6.24 2.68
C ALA F 206 -21.85 -6.63 3.90
N SER F 207 -21.22 -5.65 4.54
CA SER F 207 -20.40 -5.90 5.72
C SER F 207 -21.13 -5.56 7.01
N SER F 208 -22.39 -5.13 6.90
CA SER F 208 -23.13 -4.67 8.08
C SER F 208 -24.50 -5.31 8.27
N GLY F 209 -24.79 -6.38 7.53
CA GLY F 209 -26.05 -7.08 7.71
C GLY F 209 -27.24 -6.35 7.09
N LEU F 210 -26.98 -5.55 6.06
CA LEU F 210 -28.04 -4.81 5.37
C LEU F 210 -28.09 -5.30 3.93
N LYS F 211 -29.27 -5.31 3.34
CA LYS F 211 -29.41 -5.72 1.95
C LYS F 211 -29.41 -4.49 1.06
N ALA F 212 -28.62 -4.50 -0.01
CA ALA F 212 -28.54 -3.35 -0.89
C ALA F 212 -28.38 -3.77 -2.33
N GLY F 213 -28.80 -2.89 -3.23
CA GLY F 213 -28.55 -3.06 -4.64
C GLY F 213 -28.61 -1.71 -5.32
N CYS F 214 -28.13 -1.66 -6.55
CA CYS F 214 -28.08 -0.43 -7.35
CA CYS F 214 -28.08 -0.43 -7.33
C CYS F 214 -28.56 -0.67 -8.76
N VAL F 215 -29.43 0.21 -9.23
CA VAL F 215 -29.86 0.20 -10.62
C VAL F 215 -29.70 1.63 -11.16
N ALA F 216 -29.29 1.75 -12.41
CA ALA F 216 -28.99 3.08 -12.95
C ALA F 216 -29.41 3.21 -14.39
N GLY F 217 -29.91 4.39 -14.74
CA GLY F 217 -30.22 4.68 -16.13
C GLY F 217 -29.05 5.34 -16.83
N VAL F 218 -28.74 4.88 -18.05
CA VAL F 218 -27.59 5.38 -18.78
C VAL F 218 -27.96 6.69 -19.48
N ILE F 219 -27.26 7.77 -19.16
CA ILE F 219 -27.58 9.05 -19.78
C ILE F 219 -26.50 9.56 -20.73
N ILE F 220 -25.36 8.86 -20.77
CA ILE F 220 -24.27 9.20 -21.68
C ILE F 220 -23.47 7.94 -21.91
N ASN F 221 -22.91 7.81 -23.12
CA ASN F 221 -21.91 6.82 -23.37
C ASN F 221 -20.57 7.49 -23.54
N ARG F 222 -19.62 7.16 -22.66
CA ARG F 222 -18.31 7.82 -22.62
C ARG F 222 -17.41 7.50 -23.80
N THR F 223 -17.78 6.51 -24.62
CA THR F 223 -17.05 6.34 -25.88
C THR F 223 -17.43 7.46 -26.88
N GLN F 224 -18.52 8.18 -26.59
CA GLN F 224 -19.04 9.22 -27.48
C GLN F 224 -18.60 10.63 -27.09
N LYS F 225 -18.64 10.96 -25.79
CA LYS F 225 -18.35 12.31 -25.29
CA LYS F 225 -18.28 12.29 -25.29
C LYS F 225 -18.22 12.27 -23.77
N GLU F 226 -17.79 13.39 -23.20
CA GLU F 226 -17.60 13.48 -21.75
C GLU F 226 -18.79 13.99 -20.95
N ILE F 227 -19.57 14.92 -21.50
CA ILE F 227 -20.61 15.57 -20.69
C ILE F 227 -21.99 15.33 -21.31
N PRO F 228 -22.97 14.94 -20.47
CA PRO F 228 -24.32 14.67 -20.98
C PRO F 228 -25.03 15.95 -21.44
N ASP F 229 -26.03 15.83 -22.31
CA ASP F 229 -26.71 16.98 -22.89
C ASP F 229 -27.52 17.77 -21.88
N HIS F 230 -27.81 17.11 -20.75
CA HIS F 230 -28.80 17.49 -19.73
C HIS F 230 -30.27 17.55 -20.20
N ALA F 231 -30.58 16.84 -21.27
CA ALA F 231 -31.96 16.76 -21.76
C ALA F 231 -32.37 15.29 -21.87
N THR F 232 -31.40 14.43 -22.16
CA THR F 232 -31.65 12.99 -22.23
C THR F 232 -32.01 12.46 -20.85
N LEU F 233 -31.84 13.30 -19.84
CA LEU F 233 -32.23 13.00 -18.47
C LEU F 233 -33.68 13.40 -18.24
N LYS F 234 -34.60 12.71 -18.91
CA LYS F 234 -36.03 12.93 -18.70
C LYS F 234 -36.79 11.63 -18.76
N GLU F 235 -36.84 11.03 -19.95
CA GLU F 235 -37.50 9.73 -20.12
C GLU F 235 -36.72 8.64 -19.41
N THR F 236 -35.39 8.78 -19.41
CA THR F 236 -34.54 7.82 -18.73
C THR F 236 -34.81 7.84 -17.22
N GLU F 237 -34.94 9.05 -16.67
CA GLU F 237 -35.19 9.20 -15.24
C GLU F 237 -36.56 8.70 -14.82
N ALA F 238 -37.58 8.97 -15.63
CA ALA F 238 -38.93 8.52 -15.33
C ALA F 238 -39.02 6.98 -15.27
N ARG F 239 -38.42 6.32 -16.26
CA ARG F 239 -38.46 4.86 -16.29
C ARG F 239 -37.66 4.27 -15.14
N SER F 240 -36.55 4.91 -14.78
CA SER F 240 -35.67 4.39 -13.74
CA SER F 240 -35.67 4.41 -13.73
C SER F 240 -36.40 4.35 -12.40
N ILE F 241 -37.17 5.39 -12.09
CA ILE F 241 -37.87 5.37 -10.80
C ILE F 241 -39.08 4.42 -10.79
N LYS F 242 -39.70 4.20 -11.95
CA LYS F 242 -40.74 3.18 -12.03
C LYS F 242 -40.14 1.82 -11.71
N VAL F 243 -38.97 1.58 -12.31
CA VAL F 243 -38.27 0.33 -12.10
C VAL F 243 -37.90 0.11 -10.64
N VAL F 244 -37.35 1.13 -9.97
CA VAL F 244 -36.91 0.91 -8.60
C VAL F 244 -38.09 0.67 -7.66
N VAL F 245 -39.24 1.30 -7.93
CA VAL F 245 -40.42 1.05 -7.12
C VAL F 245 -40.92 -0.38 -7.34
N GLU F 246 -40.90 -0.86 -8.59
CA GLU F 246 -41.29 -2.24 -8.87
CA GLU F 246 -41.31 -2.23 -8.84
C GLU F 246 -40.33 -3.23 -8.22
N ALA F 247 -39.04 -2.88 -8.17
CA ALA F 247 -38.06 -3.74 -7.52
C ALA F 247 -38.35 -3.80 -6.01
N ALA F 248 -38.72 -2.67 -5.44
CA ALA F 248 -39.11 -2.63 -4.03
C ALA F 248 -40.31 -3.52 -3.75
N ARG F 249 -41.30 -3.48 -4.66
CA ARG F 249 -42.48 -4.31 -4.52
C ARG F 249 -42.07 -5.79 -4.47
N LYS F 250 -41.13 -6.18 -5.32
CA LYS F 250 -40.67 -7.56 -5.34
C LYS F 250 -39.94 -7.94 -4.04
N MET F 251 -39.27 -6.98 -3.43
CA MET F 251 -38.56 -7.24 -2.17
C MET F 251 -39.50 -7.39 -0.97
N LEU F 252 -40.68 -6.78 -1.03
CA LEU F 252 -41.62 -6.80 0.09
C LEU F 252 -42.46 -8.07 0.10
#